data_6I97
#
_entry.id   6I97
#
_cell.length_a   163.639
_cell.length_b   174.404
_cell.length_c   214.114
_cell.angle_alpha   90.000
_cell.angle_beta   90.000
_cell.angle_gamma   90.000
#
_symmetry.space_group_name_H-M   'P 21 21 21'
#
loop_
_entity.id
_entity.type
_entity.pdbx_description
1 polymer 'TonB-dependent receptor'
2 polymer 'Protein TonB'
3 non-polymer 'Ferrioxamine B'
#
loop_
_entity_poly.entity_id
_entity_poly.type
_entity_poly.pdbx_seq_one_letter_code
_entity_poly.pdbx_strand_id
1 'polypeptide(L)'
;EQARPYAIPAGQLGDVLNRFAREAGITLSATPAQTGGYSSQGLRGSFTVQQGLARLLADTPLEAEDQGDGSFVLREAPAK
DGDVLNMQAVEVFALGNNLGSTDGYLATHSQIATKTSKPLLETSQTVSVITREQIDDTASKTVQQAMRYTPGIFTGQVGA
SNRYDYVVMRGFADNSVDNIYLDGLKAMGDSGTFSSMQVDPYFLERIDVLKGPSSVLYGRSLPGGLVALTSKKPLYEDYR
QITGSIGNMGQKEMGFDFSGPLDEEKRIAYRLIGLGKGSDTQFDHVKEERYAIAPTLAIDFSDDTTLTLQGYLQHDPNGG
YHGGVPADGTLSHHNGRHISREFFDGEPSKDDFDRTQRMFGYQLEHRIDDVWSARQNFRYLDSDVDLSQVYAYGWSASEP
NKLNRYFSGAREHLQAYIVDNMLQAEFATGAARHTLLTGLDYQRRRTVVDWRSGSASALDAFNPVYGDDAISYFPDDNHT
RRLEQTGVYLQDLIDIDQWRFSLGLRQDWVSVTDKNRSTGSKADDDWEKFTGRIGALYLFDNGLAPYVSYSESFNPNAYS
DASGTPLAPTEGKQWELGLKFQAPGSNSFYTASLFHITQENVASKEPQDNFYTSVGEVRSQGLELEAHTQLSDNLKLLGS
YTYTDITYTKSLDGNQGHTPNQAPKHMASLWADYAFDAGPLSGLSIGGGARYVGETWADKENTLRVPDYTLVDARIGYDL
GKLGLKGLDVSLNANNLLDKDYVASCYSLDFCYFGEKRNVTATVNYQF
;
A,B
2 'polypeptide(L)'
;DSDIKPLRMDPPVYPRMAQARGIEGRVKVLFTITSDGRIDDIQVLESVPSRMFDREVRQAMAKWRFEPRVSGGKIVARQA
TKMFFFKIEK
;
D,E
#
loop_
_chem_comp.id
_chem_comp.type
_chem_comp.name
_chem_comp.formula
0UE non-polymer 'Ferrioxamine B' 'C25 H45 Fe N6 O8'
#
# COMPACT_ATOMS: atom_id res chain seq x y z
N GLU A 1 -26.52 -29.50 -12.31
CA GLU A 1 -27.67 -30.22 -11.68
C GLU A 1 -28.60 -29.28 -10.86
N GLN A 2 -28.01 -28.39 -10.05
CA GLN A 2 -28.72 -27.52 -9.09
C GLN A 2 -27.93 -26.29 -8.67
N ALA A 3 -28.72 -25.28 -8.34
CA ALA A 3 -28.30 -23.89 -8.48
C ALA A 3 -28.36 -23.22 -7.18
N ARG A 4 -27.45 -22.25 -7.03
CA ARG A 4 -27.38 -21.43 -5.83
C ARG A 4 -27.44 -20.02 -6.30
N PRO A 5 -27.78 -19.07 -5.43
CA PRO A 5 -27.81 -17.67 -5.83
C PRO A 5 -26.49 -16.96 -5.68
N TYR A 6 -26.16 -16.10 -6.66
CA TYR A 6 -24.88 -15.36 -6.71
C TYR A 6 -25.16 -13.87 -6.83
N ALA A 7 -24.15 -13.08 -6.48
CA ALA A 7 -24.20 -11.66 -6.72
C ALA A 7 -22.81 -11.15 -6.82
N ILE A 8 -22.38 -10.86 -8.02
CA ILE A 8 -21.00 -10.53 -8.27
C ILE A 8 -21.06 -9.24 -9.10
N PRO A 9 -20.33 -8.19 -8.72
CA PRO A 9 -20.43 -6.90 -9.44
C PRO A 9 -19.57 -6.98 -10.67
N ALA A 10 -19.25 -5.87 -11.33
CA ALA A 10 -18.61 -6.04 -12.62
C ALA A 10 -17.12 -5.66 -12.63
N GLY A 11 -16.26 -6.21 -13.52
CA GLY A 11 -14.81 -5.84 -13.64
C GLY A 11 -13.85 -6.83 -14.28
N GLN A 12 -12.65 -6.38 -14.65
CA GLN A 12 -11.79 -7.10 -15.67
C GLN A 12 -11.74 -8.67 -15.59
N LEU A 13 -12.90 -9.24 -16.01
CA LEU A 13 -13.33 -10.67 -16.12
C LEU A 13 -12.56 -11.68 -15.39
N GLY A 14 -11.26 -11.57 -15.40
CA GLY A 14 -10.47 -12.17 -14.32
C GLY A 14 -11.02 -12.15 -12.87
N ASP A 15 -11.14 -10.95 -12.34
CA ASP A 15 -11.78 -10.71 -11.05
C ASP A 15 -13.09 -11.50 -10.97
N VAL A 16 -13.94 -11.21 -11.94
CA VAL A 16 -15.28 -11.66 -11.82
C VAL A 16 -15.44 -13.16 -11.92
N LEU A 17 -14.54 -13.75 -12.68
CA LEU A 17 -14.36 -15.21 -12.74
C LEU A 17 -13.74 -15.79 -11.50
N ASN A 18 -12.80 -15.06 -10.91
CA ASN A 18 -12.29 -15.44 -9.61
C ASN A 18 -13.35 -15.45 -8.53
N ARG A 19 -14.06 -14.32 -8.31
CA ARG A 19 -15.13 -14.25 -7.29
C ARG A 19 -15.99 -15.45 -7.59
N PHE A 20 -16.39 -15.69 -8.83
CA PHE A 20 -17.28 -16.81 -9.11
C PHE A 20 -16.74 -18.21 -8.74
N ALA A 21 -15.54 -18.51 -9.21
CA ALA A 21 -14.91 -19.80 -8.90
C ALA A 21 -14.92 -20.05 -7.40
N ARG A 22 -14.68 -18.96 -6.65
CA ARG A 22 -14.78 -18.96 -5.18
C ARG A 22 -16.17 -19.31 -4.65
N GLU A 23 -17.21 -18.71 -5.17
CA GLU A 23 -18.48 -18.86 -4.55
C GLU A 23 -19.17 -20.13 -5.04
N ALA A 24 -18.66 -20.74 -6.08
CA ALA A 24 -19.22 -22.02 -6.49
C ALA A 24 -18.46 -23.20 -5.90
N GLY A 25 -17.24 -22.90 -5.41
CA GLY A 25 -16.31 -23.87 -4.89
C GLY A 25 -15.85 -24.87 -5.92
N ILE A 26 -15.76 -24.47 -7.17
CA ILE A 26 -15.01 -25.22 -8.20
C ILE A 26 -13.70 -24.54 -8.28
N THR A 27 -12.81 -25.16 -9.04
CA THR A 27 -11.61 -24.45 -9.32
C THR A 27 -11.70 -24.14 -10.79
N LEU A 28 -10.93 -23.18 -11.26
CA LEU A 28 -10.95 -22.85 -12.67
C LEU A 28 -9.66 -22.30 -13.12
N SER A 29 -8.98 -23.00 -14.02
CA SER A 29 -7.65 -22.56 -14.54
C SER A 29 -7.75 -21.73 -15.79
N ALA A 30 -7.19 -20.54 -15.73
CA ALA A 30 -7.19 -19.61 -16.84
C ALA A 30 -5.90 -18.81 -16.82
N THR A 31 -5.67 -18.01 -17.86
CA THR A 31 -4.48 -17.20 -17.96
C THR A 31 -4.83 -15.83 -18.47
N PRO A 32 -4.20 -14.80 -17.93
CA PRO A 32 -4.34 -13.38 -18.24
C PRO A 32 -4.45 -13.16 -19.71
N ALA A 33 -3.66 -13.92 -20.45
CA ALA A 33 -3.65 -13.94 -21.90
C ALA A 33 -5.06 -14.02 -22.41
N GLN A 34 -5.82 -14.94 -21.84
CA GLN A 34 -7.08 -15.27 -22.37
C GLN A 34 -8.13 -14.43 -21.77
N THR A 35 -7.90 -13.90 -20.55
CA THR A 35 -8.92 -13.04 -19.89
C THR A 35 -8.59 -11.58 -19.97
N GLY A 36 -7.88 -11.17 -21.03
CA GLY A 36 -7.28 -9.86 -21.13
C GLY A 36 -8.26 -8.70 -21.24
N GLY A 37 -8.84 -8.52 -22.38
CA GLY A 37 -9.60 -7.27 -22.63
C GLY A 37 -10.94 -7.88 -22.70
N TYR A 38 -11.55 -7.96 -21.54
CA TYR A 38 -12.84 -8.54 -21.42
C TYR A 38 -13.23 -7.96 -20.12
N SER A 39 -14.50 -7.58 -20.09
CA SER A 39 -14.94 -6.59 -19.18
C SER A 39 -15.87 -7.22 -18.17
N SER A 40 -16.86 -8.07 -18.51
CA SER A 40 -17.51 -8.98 -17.49
C SER A 40 -18.92 -8.79 -17.10
N GLN A 41 -19.25 -7.51 -16.72
CA GLN A 41 -20.55 -6.99 -16.18
C GLN A 41 -21.36 -8.03 -15.30
N GLY A 42 -20.99 -8.38 -14.06
CA GLY A 42 -21.06 -9.85 -13.64
C GLY A 42 -22.39 -10.48 -13.25
N LEU A 43 -22.47 -11.72 -12.79
CA LEU A 43 -23.77 -12.34 -12.32
C LEU A 43 -24.52 -11.71 -11.16
N ARG A 44 -25.87 -11.83 -11.14
CA ARG A 44 -26.76 -11.54 -9.96
C ARG A 44 -27.99 -12.39 -10.21
N GLY A 45 -28.07 -13.60 -9.75
CA GLY A 45 -29.27 -14.38 -10.03
C GLY A 45 -29.11 -15.67 -9.29
N SER A 46 -29.84 -16.72 -9.66
CA SER A 46 -29.55 -18.09 -9.22
C SER A 46 -29.09 -18.87 -10.44
N PHE A 47 -28.09 -19.71 -10.30
CA PHE A 47 -27.47 -20.37 -11.45
C PHE A 47 -26.79 -21.67 -11.10
N THR A 48 -26.49 -22.41 -12.15
CA THR A 48 -25.89 -23.67 -12.00
C THR A 48 -24.51 -23.65 -12.59
N VAL A 49 -23.53 -23.13 -11.85
CA VAL A 49 -22.10 -23.37 -12.16
C VAL A 49 -21.86 -23.19 -13.67
N GLN A 50 -21.61 -24.27 -14.43
CA GLN A 50 -21.74 -24.29 -15.93
C GLN A 50 -22.58 -23.17 -16.59
N GLN A 51 -23.82 -23.14 -16.18
CA GLN A 51 -24.70 -22.04 -16.52
C GLN A 51 -24.23 -20.66 -16.08
N GLY A 52 -23.74 -20.53 -14.88
CA GLY A 52 -23.15 -19.28 -14.46
C GLY A 52 -21.86 -18.93 -15.18
N LEU A 53 -21.03 -19.95 -15.45
CA LEU A 53 -19.76 -19.74 -16.15
C LEU A 53 -20.04 -19.28 -17.56
N ALA A 54 -20.99 -20.01 -18.16
CA ALA A 54 -21.47 -19.76 -19.49
C ALA A 54 -21.97 -18.35 -19.60
N ARG A 55 -22.93 -18.02 -18.75
CA ARG A 55 -23.41 -16.63 -18.63
C ARG A 55 -22.36 -15.59 -18.47
N LEU A 56 -21.35 -15.89 -17.67
CA LEU A 56 -20.28 -14.96 -17.44
C LEU A 56 -19.50 -14.72 -18.67
N LEU A 57 -19.19 -15.78 -19.40
CA LEU A 57 -18.43 -15.69 -20.62
C LEU A 57 -19.35 -15.79 -21.80
N ALA A 58 -20.34 -14.94 -21.85
CA ALA A 58 -21.27 -15.01 -22.95
C ALA A 58 -20.92 -14.00 -23.98
N ASP A 59 -20.26 -12.92 -23.59
CA ASP A 59 -19.92 -11.89 -24.56
C ASP A 59 -18.51 -12.12 -25.12
N THR A 60 -17.90 -13.26 -24.85
CA THR A 60 -16.59 -13.50 -25.35
C THR A 60 -16.54 -14.79 -26.09
N PRO A 61 -15.42 -15.07 -26.76
CA PRO A 61 -15.15 -16.34 -27.43
C PRO A 61 -14.53 -17.33 -26.50
N LEU A 62 -14.83 -17.35 -25.22
CA LEU A 62 -14.27 -18.30 -24.31
C LEU A 62 -15.34 -19.29 -23.91
N GLU A 63 -14.94 -20.34 -23.22
CA GLU A 63 -15.85 -21.41 -22.88
C GLU A 63 -15.21 -22.10 -21.72
N ALA A 64 -15.97 -22.71 -20.82
CA ALA A 64 -15.29 -23.41 -19.70
C ALA A 64 -15.48 -24.91 -19.62
N GLU A 65 -14.38 -25.65 -19.68
CA GLU A 65 -14.42 -27.11 -19.86
C GLU A 65 -15.13 -28.11 -18.97
N ASP A 66 -14.81 -28.09 -17.71
CA ASP A 66 -15.37 -29.03 -16.68
C ASP A 66 -14.47 -30.18 -16.23
N GLN A 67 -14.20 -31.15 -17.10
CA GLN A 67 -13.31 -32.26 -16.75
C GLN A 67 -13.55 -33.01 -15.40
N GLY A 68 -14.79 -33.22 -14.98
CA GLY A 68 -15.02 -33.92 -13.72
C GLY A 68 -15.21 -32.95 -12.58
N ASP A 69 -15.24 -33.46 -11.35
CA ASP A 69 -15.61 -32.56 -10.24
C ASP A 69 -14.58 -31.48 -10.11
N GLY A 70 -15.05 -30.27 -9.78
CA GLY A 70 -14.19 -29.07 -9.60
C GLY A 70 -13.57 -28.83 -10.94
N SER A 71 -12.26 -28.96 -11.05
CA SER A 71 -11.48 -28.76 -12.31
C SER A 71 -11.82 -27.47 -13.08
N PHE A 72 -12.46 -27.52 -14.28
CA PHE A 72 -12.72 -26.37 -15.16
C PHE A 72 -11.50 -25.64 -15.76
N VAL A 73 -11.50 -25.53 -17.11
CA VAL A 73 -10.48 -24.77 -17.91
C VAL A 73 -11.07 -23.86 -18.97
N LEU A 74 -10.42 -22.71 -19.18
CA LEU A 74 -10.76 -21.83 -20.28
C LEU A 74 -10.04 -22.29 -21.52
N ARG A 75 -10.84 -22.94 -22.39
CA ARG A 75 -10.61 -23.14 -23.84
C ARG A 75 -11.40 -22.08 -24.55
N GLU A 76 -11.12 -21.94 -25.83
CA GLU A 76 -11.71 -20.95 -26.68
C GLU A 76 -12.75 -21.64 -27.47
N ALA A 77 -14.01 -21.52 -27.10
CA ALA A 77 -15.08 -22.11 -27.94
C ALA A 77 -15.25 -21.51 -29.29
N PRO A 78 -15.87 -22.29 -30.13
CA PRO A 78 -16.31 -22.15 -31.49
C PRO A 78 -17.79 -22.39 -31.46
N ALA A 79 -18.56 -21.53 -32.11
CA ALA A 79 -18.15 -20.18 -32.36
C ALA A 79 -19.20 -19.21 -31.89
N LYS A 80 -20.20 -19.71 -31.18
CA LYS A 80 -21.29 -18.91 -30.62
C LYS A 80 -21.87 -17.97 -31.65
N ASP A 81 -22.49 -18.55 -32.69
CA ASP A 81 -23.10 -17.84 -33.83
C ASP A 81 -23.59 -16.44 -33.60
N GLY A 82 -24.46 -16.31 -32.60
CA GLY A 82 -25.05 -15.07 -32.14
C GLY A 82 -25.21 -13.93 -33.12
N ASP A 83 -24.19 -13.07 -33.19
CA ASP A 83 -24.20 -11.94 -34.08
C ASP A 83 -22.82 -11.36 -34.22
N VAL A 84 -22.47 -10.45 -33.32
CA VAL A 84 -21.18 -9.76 -33.32
C VAL A 84 -20.15 -10.40 -32.43
N LEU A 85 -18.89 -10.34 -32.85
CA LEU A 85 -17.80 -10.95 -32.12
C LEU A 85 -17.09 -9.91 -31.32
N ASN A 86 -16.79 -10.23 -30.07
CA ASN A 86 -16.13 -9.28 -29.19
C ASN A 86 -14.66 -9.54 -29.01
N MET A 87 -13.86 -8.98 -29.87
CA MET A 87 -12.46 -9.17 -29.75
C MET A 87 -11.88 -8.54 -28.48
N GLN A 88 -10.91 -9.25 -27.95
CA GLN A 88 -10.05 -8.80 -26.88
C GLN A 88 -9.61 -7.42 -27.19
N ALA A 89 -9.76 -6.54 -26.22
CA ALA A 89 -9.19 -5.23 -26.27
C ALA A 89 -7.69 -5.25 -26.28
N VAL A 90 -7.07 -4.08 -26.26
CA VAL A 90 -5.64 -4.01 -26.28
C VAL A 90 -5.27 -2.69 -25.68
N GLU A 91 -4.11 -2.66 -25.05
CA GLU A 91 -3.58 -1.45 -24.44
C GLU A 91 -2.38 -1.14 -25.25
N VAL A 92 -2.29 0.03 -25.84
CA VAL A 92 -1.02 0.42 -26.45
C VAL A 92 -0.32 1.53 -25.67
N PHE A 93 0.87 1.18 -25.21
CA PHE A 93 1.62 2.01 -24.30
C PHE A 93 2.60 2.78 -25.11
N ALA A 94 2.85 4.03 -24.72
CA ALA A 94 4.01 4.77 -25.19
C ALA A 94 5.14 4.71 -24.17
N LEU A 95 6.32 4.33 -24.61
CA LEU A 95 7.42 4.20 -23.69
C LEU A 95 8.42 5.37 -23.78
N GLY A 96 8.91 5.81 -22.62
CA GLY A 96 10.00 6.81 -22.51
C GLY A 96 9.71 8.30 -22.70
N ASN A 97 9.03 8.96 -21.76
CA ASN A 97 8.64 10.39 -21.91
C ASN A 97 8.97 11.17 -20.66
N ASP A 103 13.41 12.28 -11.18
CA ASP A 103 12.78 12.41 -9.86
C ASP A 103 12.41 13.89 -9.50
N GLY A 104 13.16 14.50 -8.58
CA GLY A 104 12.76 15.80 -7.99
C GLY A 104 13.81 16.84 -8.24
N TYR A 105 14.34 17.42 -7.18
CA TYR A 105 15.28 18.56 -7.24
C TYR A 105 16.32 18.76 -8.38
N LEU A 106 16.57 17.73 -9.20
CA LEU A 106 17.53 17.75 -10.33
C LEU A 106 16.84 17.77 -11.67
N ALA A 107 17.42 18.43 -12.65
CA ALA A 107 16.87 18.31 -13.97
C ALA A 107 18.01 18.31 -14.93
N THR A 108 18.04 17.28 -15.78
CA THR A 108 19.23 16.98 -16.61
C THR A 108 19.25 17.61 -18.00
N HIS A 109 18.15 18.33 -18.32
CA HIS A 109 17.94 19.05 -19.59
C HIS A 109 17.57 20.54 -19.41
N SER A 110 18.05 21.38 -20.32
CA SER A 110 17.66 22.81 -20.39
C SER A 110 17.42 23.25 -21.82
N GLN A 111 16.21 23.77 -21.97
CA GLN A 111 15.67 24.31 -23.18
C GLN A 111 16.21 25.77 -23.36
N ILE A 112 16.47 26.45 -22.24
CA ILE A 112 16.85 27.89 -22.21
C ILE A 112 18.33 28.08 -22.57
N ALA A 113 19.20 27.28 -21.96
CA ALA A 113 20.65 27.38 -22.15
C ALA A 113 21.17 27.46 -23.65
N THR A 114 20.51 26.73 -24.54
CA THR A 114 20.91 26.58 -25.94
C THR A 114 19.83 27.02 -26.99
N LYS A 115 18.70 27.53 -26.45
CA LYS A 115 17.46 27.88 -27.18
C LYS A 115 16.88 26.75 -27.96
N THR A 116 17.16 25.57 -27.43
CA THR A 116 16.79 24.30 -28.00
C THR A 116 17.17 23.22 -27.00
N SER A 117 16.43 22.14 -26.99
CA SER A 117 16.52 21.25 -25.88
C SER A 117 17.73 20.34 -25.99
N LYS A 118 18.79 20.64 -25.24
CA LYS A 118 19.94 19.75 -25.09
C LYS A 118 20.10 19.33 -23.64
N PRO A 119 20.63 18.13 -23.40
CA PRO A 119 21.07 17.82 -22.03
C PRO A 119 22.22 18.73 -21.50
N LEU A 120 22.32 18.79 -20.18
CA LEU A 120 23.28 19.67 -19.54
C LEU A 120 24.66 19.10 -19.60
N LEU A 121 24.76 17.78 -19.53
CA LEU A 121 26.04 17.07 -19.74
C LEU A 121 26.75 17.45 -21.04
N GLU A 122 25.94 17.79 -22.04
CA GLU A 122 26.42 18.19 -23.35
C GLU A 122 26.36 19.70 -23.59
N THR A 123 25.72 20.49 -22.72
CA THR A 123 25.73 21.96 -22.82
C THR A 123 27.04 22.50 -22.18
N SER A 124 27.86 23.26 -22.94
CA SER A 124 29.19 23.78 -22.49
C SER A 124 29.13 25.17 -21.86
N GLN A 125 28.37 25.28 -20.78
CA GLN A 125 28.33 26.48 -19.92
C GLN A 125 27.61 26.07 -18.64
N THR A 126 28.03 26.64 -17.51
CA THR A 126 27.50 26.32 -16.17
C THR A 126 26.03 26.76 -16.04
N VAL A 127 25.13 25.79 -16.00
CA VAL A 127 23.72 26.05 -15.83
C VAL A 127 23.21 25.36 -14.59
N SER A 128 22.52 26.06 -13.70
CA SER A 128 21.86 25.42 -12.53
C SER A 128 20.37 25.43 -12.74
N VAL A 129 19.68 24.45 -12.17
CA VAL A 129 18.23 24.46 -12.28
C VAL A 129 17.62 24.34 -10.90
N ILE A 130 16.62 25.17 -10.67
CA ILE A 130 15.78 25.07 -9.51
C ILE A 130 14.38 24.66 -10.00
N THR A 131 13.91 23.55 -9.46
CA THR A 131 12.60 23.00 -9.73
C THR A 131 11.50 23.57 -8.85
N ARG A 132 10.27 23.41 -9.32
CA ARG A 132 9.08 23.75 -8.53
C ARG A 132 9.13 23.04 -7.19
N GLU A 133 9.57 21.80 -7.18
CA GLU A 133 9.54 21.02 -5.98
C GLU A 133 10.45 21.71 -4.98
N GLN A 134 11.65 22.08 -5.46
CA GLN A 134 12.65 22.77 -4.61
C GLN A 134 12.09 24.02 -3.96
N ILE A 135 11.44 24.83 -4.78
CA ILE A 135 10.86 26.06 -4.30
C ILE A 135 9.89 25.77 -3.14
N ASP A 136 9.03 24.77 -3.31
CA ASP A 136 8.00 24.47 -2.32
C ASP A 136 8.62 23.84 -1.09
N ASP A 137 9.56 22.91 -1.23
CA ASP A 137 10.26 22.37 -0.05
C ASP A 137 11.08 23.41 0.76
N THR A 138 11.79 24.27 0.03
CA THR A 138 12.63 25.27 0.65
C THR A 138 11.83 26.48 1.11
N ALA A 139 10.52 26.49 0.82
CA ALA A 139 9.66 27.53 1.33
C ALA A 139 10.17 28.88 0.89
N SER A 140 10.71 28.93 -0.35
CA SER A 140 11.24 30.18 -0.96
C SER A 140 10.08 31.09 -1.43
N LYS A 141 9.96 32.29 -0.85
CA LYS A 141 8.77 33.09 -1.05
C LYS A 141 8.97 34.15 -2.10
N THR A 142 10.17 34.31 -2.68
CA THR A 142 10.48 35.21 -3.83
C THR A 142 11.48 34.53 -4.79
N VAL A 143 11.70 35.11 -5.96
CA VAL A 143 12.73 34.54 -6.85
C VAL A 143 14.08 34.62 -6.18
N GLN A 144 14.51 35.83 -5.84
CA GLN A 144 15.75 36.03 -5.07
C GLN A 144 15.99 34.90 -4.08
N GLN A 145 15.01 34.65 -3.21
CA GLN A 145 15.10 33.56 -2.19
C GLN A 145 15.34 32.15 -2.74
N ALA A 146 14.69 31.82 -3.86
CA ALA A 146 14.80 30.49 -4.45
C ALA A 146 16.24 30.11 -4.80
N MET A 147 17.08 31.10 -5.01
CA MET A 147 18.45 30.78 -5.31
C MET A 147 19.33 30.69 -4.09
N ARG A 148 18.76 30.81 -2.88
CA ARG A 148 19.53 30.68 -1.65
C ARG A 148 20.48 29.41 -1.57
N TYR A 149 20.10 28.31 -2.25
CA TYR A 149 20.88 27.05 -2.27
C TYR A 149 21.64 26.85 -3.56
N THR A 150 21.60 27.77 -4.49
CA THR A 150 22.33 27.64 -5.76
C THR A 150 23.74 28.27 -5.66
N PRO A 151 24.78 27.65 -6.26
CA PRO A 151 26.14 28.23 -6.20
C PRO A 151 26.37 29.26 -7.30
N GLY A 152 27.19 30.28 -7.03
CA GLY A 152 27.36 31.44 -7.96
C GLY A 152 26.70 32.72 -7.42
N ILE A 153 25.54 32.48 -6.81
CA ILE A 153 24.49 33.41 -6.54
C ILE A 153 24.46 33.81 -5.03
N PHE A 154 24.56 35.13 -4.79
CA PHE A 154 24.38 35.76 -3.49
C PHE A 154 22.98 36.44 -3.36
N THR A 155 22.26 35.91 -2.40
CA THR A 155 20.90 36.23 -2.22
C THR A 155 20.67 37.40 -1.31
N GLY A 156 21.49 37.56 -0.27
CA GLY A 156 21.37 38.66 0.67
C GLY A 156 21.69 40.14 0.29
N GLN A 157 21.39 40.56 -0.96
CA GLN A 157 21.80 41.91 -1.34
C GLN A 157 21.12 43.05 -0.59
N VAL A 158 19.85 42.95 -0.22
CA VAL A 158 19.28 44.05 0.56
C VAL A 158 18.69 43.42 1.79
N GLY A 159 19.09 42.19 2.02
CA GLY A 159 18.54 41.38 3.10
C GLY A 159 17.06 41.14 2.92
N ALA A 160 16.37 41.06 4.04
CA ALA A 160 14.93 40.91 4.08
C ALA A 160 14.02 41.69 3.10
N SER A 161 14.52 42.55 2.25
CA SER A 161 13.66 43.23 1.31
C SER A 161 13.12 42.29 0.26
N ASN A 162 11.82 42.37 0.04
CA ASN A 162 11.09 41.59 -0.94
C ASN A 162 10.28 42.44 -1.93
N ARG A 163 10.76 43.65 -2.11
CA ARG A 163 10.17 44.57 -3.03
C ARG A 163 10.74 44.24 -4.37
N TYR A 164 12.01 43.87 -4.42
CA TYR A 164 12.66 43.52 -5.68
C TYR A 164 13.48 42.24 -5.56
N ASP A 165 13.91 41.70 -6.70
CA ASP A 165 14.74 40.49 -6.83
C ASP A 165 16.15 40.93 -7.31
N TYR A 166 17.01 41.02 -6.30
CA TYR A 166 18.42 41.36 -6.36
C TYR A 166 19.11 40.03 -6.45
N VAL A 167 19.89 39.83 -7.45
CA VAL A 167 20.44 38.51 -7.73
C VAL A 167 21.88 38.76 -8.18
N VAL A 168 22.81 38.55 -7.24
CA VAL A 168 24.26 38.84 -7.49
C VAL A 168 24.99 37.64 -8.07
N MET A 169 25.39 37.71 -9.34
CA MET A 169 25.98 36.53 -9.99
C MET A 169 27.53 36.58 -10.09
N ARG A 170 28.20 35.58 -9.51
CA ARG A 170 29.68 35.52 -9.52
C ARG A 170 30.31 36.84 -9.01
N GLY A 171 29.74 37.30 -7.89
CA GLY A 171 30.23 38.50 -7.23
C GLY A 171 29.99 39.82 -7.93
N PHE A 172 29.40 39.84 -9.11
CA PHE A 172 29.08 41.13 -9.76
C PHE A 172 27.71 41.57 -9.24
N ALA A 173 27.77 42.14 -8.04
CA ALA A 173 26.60 42.68 -7.29
C ALA A 173 26.15 44.06 -7.71
N ASP A 174 26.94 44.80 -8.51
CA ASP A 174 26.43 46.02 -9.16
C ASP A 174 25.51 45.66 -10.32
N ASN A 175 24.43 46.43 -10.48
CA ASN A 175 23.65 46.40 -11.72
C ASN A 175 22.80 45.12 -11.72
N SER A 176 22.46 44.65 -10.52
CA SER A 176 21.93 43.28 -10.31
C SER A 176 20.40 43.08 -10.38
N VAL A 177 19.64 44.10 -10.70
CA VAL A 177 18.20 43.93 -10.67
C VAL A 177 17.60 43.44 -11.96
N ASP A 178 18.16 43.91 -13.06
CA ASP A 178 17.71 43.55 -14.41
C ASP A 178 18.39 42.27 -14.89
N ASN A 179 18.50 41.23 -14.05
CA ASN A 179 19.07 39.90 -14.41
C ASN A 179 17.97 38.80 -14.83
N ILE A 180 16.72 39.22 -15.04
CA ILE A 180 15.58 38.32 -15.04
C ILE A 180 14.93 38.33 -16.36
N TYR A 181 14.85 37.13 -16.95
CA TYR A 181 14.13 36.80 -18.19
C TYR A 181 12.94 35.87 -17.89
N LEU A 182 11.81 36.11 -18.54
CA LEU A 182 10.58 35.30 -18.31
C LEU A 182 10.11 34.68 -19.62
N ASP A 183 9.92 33.35 -19.66
CA ASP A 183 9.62 32.59 -20.89
C ASP A 183 10.48 33.12 -22.05
N GLY A 184 11.78 33.30 -21.74
CA GLY A 184 12.80 33.60 -22.74
C GLY A 184 12.90 34.99 -23.31
N LEU A 185 12.06 35.87 -22.81
CA LEU A 185 12.14 37.26 -23.14
C LEU A 185 12.54 38.03 -21.90
N LYS A 186 13.44 38.99 -22.07
CA LYS A 186 13.84 39.87 -20.99
C LYS A 186 12.63 40.44 -20.32
N ALA A 187 12.70 40.69 -18.99
CA ALA A 187 11.57 41.28 -18.17
C ALA A 187 10.84 42.51 -18.78
N MET A 188 11.72 43.48 -19.08
CA MET A 188 11.44 44.79 -19.69
C MET A 188 11.08 45.86 -18.68
N GLY A 189 11.50 45.63 -17.44
CA GLY A 189 11.51 46.67 -16.44
C GLY A 189 12.40 47.79 -16.92
N ASP A 190 12.61 48.73 -16.03
CA ASP A 190 13.51 49.81 -16.27
C ASP A 190 14.35 50.04 -15.03
N SER A 191 15.50 49.38 -15.05
CA SER A 191 16.48 49.44 -14.00
C SER A 191 16.86 50.84 -13.70
N GLY A 192 16.53 51.76 -14.57
CA GLY A 192 16.90 53.14 -14.33
C GLY A 192 15.91 53.87 -13.48
N THR A 193 14.76 53.27 -13.23
CA THR A 193 13.77 53.90 -12.40
C THR A 193 13.39 52.97 -11.29
N PHE A 194 12.20 53.17 -10.76
CA PHE A 194 11.71 52.35 -9.69
C PHE A 194 10.87 51.27 -10.30
N SER A 195 10.42 51.55 -11.51
CA SER A 195 9.64 50.62 -12.29
C SER A 195 10.47 49.41 -12.70
N SER A 196 10.65 48.46 -11.76
CA SER A 196 11.39 47.17 -11.97
C SER A 196 10.41 46.11 -11.57
N MET A 197 10.22 45.10 -12.43
CA MET A 197 9.01 44.24 -12.29
C MET A 197 9.34 43.12 -11.34
N GLN A 198 8.39 42.46 -10.66
CA GLN A 198 8.69 41.22 -9.85
C GLN A 198 7.82 40.00 -10.22
N VAL A 199 8.43 38.86 -10.47
CA VAL A 199 7.60 37.69 -10.79
C VAL A 199 7.40 36.82 -9.53
N ASP A 200 6.15 36.41 -9.24
CA ASP A 200 5.81 35.57 -8.07
C ASP A 200 6.14 34.16 -8.43
N PRO A 201 6.74 33.41 -7.51
CA PRO A 201 7.11 32.03 -7.87
C PRO A 201 5.92 31.10 -8.02
N TYR A 202 4.77 31.50 -7.50
CA TYR A 202 3.57 30.66 -7.65
C TYR A 202 3.32 30.37 -9.09
N PHE A 203 3.51 31.35 -9.97
CA PHE A 203 3.29 31.09 -11.41
C PHE A 203 4.42 30.35 -12.17
N LEU A 204 5.51 29.99 -11.52
CA LEU A 204 6.62 29.33 -12.23
C LEU A 204 6.61 27.80 -12.13
N GLU A 205 7.17 27.16 -13.18
CA GLU A 205 7.57 25.73 -13.21
C GLU A 205 9.07 25.56 -12.80
N ARG A 206 9.94 26.36 -13.41
CA ARG A 206 11.40 26.24 -13.25
C ARG A 206 12.09 27.62 -13.13
N ILE A 207 13.35 27.55 -12.73
CA ILE A 207 14.27 28.66 -12.82
C ILE A 207 15.58 28.08 -13.28
N ASP A 208 16.01 28.43 -14.48
CA ASP A 208 17.31 27.99 -14.99
C ASP A 208 18.25 29.15 -14.89
N VAL A 209 19.41 28.91 -14.33
CA VAL A 209 20.39 29.97 -14.08
C VAL A 209 21.53 29.86 -15.09
N LEU A 210 21.76 30.84 -15.94
CA LEU A 210 22.87 30.76 -16.89
C LEU A 210 23.90 31.57 -16.27
N LYS A 211 24.96 30.99 -15.75
CA LYS A 211 26.08 31.78 -15.27
C LYS A 211 27.06 32.05 -16.35
N GLY A 212 27.66 33.23 -16.23
CA GLY A 212 28.60 33.74 -17.22
C GLY A 212 27.97 34.22 -18.51
N PRO A 213 28.77 34.86 -19.39
CA PRO A 213 28.29 35.61 -20.58
C PRO A 213 27.38 34.81 -21.48
N SER A 214 26.14 35.29 -21.60
CA SER A 214 25.12 34.56 -22.29
C SER A 214 24.41 35.49 -23.25
N SER A 215 25.10 36.57 -23.63
CA SER A 215 24.53 37.66 -24.44
C SER A 215 24.12 37.20 -25.84
N VAL A 216 24.93 36.35 -26.46
CA VAL A 216 24.69 35.83 -27.81
C VAL A 216 23.24 35.45 -28.08
N LEU A 217 22.63 34.71 -27.16
CA LEU A 217 21.29 34.21 -27.38
C LEU A 217 20.25 35.03 -26.69
N TYR A 218 20.61 35.80 -25.66
CA TYR A 218 19.65 36.55 -24.86
C TYR A 218 20.12 37.98 -24.75
N GLY A 219 19.71 38.83 -25.68
CA GLY A 219 20.32 40.14 -25.84
C GLY A 219 20.12 41.07 -24.65
N ARG A 220 21.10 41.98 -24.51
CA ARG A 220 21.11 42.98 -23.41
C ARG A 220 21.29 42.32 -22.05
N SER A 221 22.01 41.20 -21.96
CA SER A 221 22.34 40.54 -20.69
C SER A 221 23.74 40.87 -20.17
N LEU A 222 23.95 40.70 -18.88
CA LEU A 222 25.22 41.00 -18.25
C LEU A 222 26.20 39.82 -18.31
N PRO A 223 27.49 40.14 -18.16
CA PRO A 223 28.55 39.14 -18.14
C PRO A 223 28.49 38.16 -16.99
N GLY A 224 27.87 38.54 -15.87
CA GLY A 224 27.57 37.58 -14.79
C GLY A 224 26.71 36.41 -15.23
N GLY A 225 25.82 36.69 -16.19
CA GLY A 225 24.87 35.75 -16.74
C GLY A 225 23.48 36.24 -16.40
N LEU A 226 22.52 35.32 -16.41
CA LEU A 226 21.11 35.63 -16.18
C LEU A 226 20.31 34.52 -15.51
N VAL A 227 19.13 34.89 -15.03
CA VAL A 227 18.18 34.00 -14.35
C VAL A 227 16.93 33.95 -15.19
N ALA A 228 16.53 32.75 -15.59
CA ALA A 228 15.45 32.55 -16.53
C ALA A 228 14.24 31.85 -15.94
N LEU A 229 13.19 32.63 -15.79
CA LEU A 229 11.92 32.11 -15.35
C LEU A 229 11.16 31.43 -16.51
N THR A 230 10.57 30.28 -16.22
CA THR A 230 9.87 29.44 -17.23
C THR A 230 8.56 29.19 -16.56
N SER A 231 7.49 29.79 -17.09
CA SER A 231 6.20 29.80 -16.35
C SER A 231 5.42 28.53 -16.59
N LYS A 232 4.53 28.20 -15.68
CA LYS A 232 3.56 27.13 -15.93
C LYS A 232 2.71 27.35 -17.21
N LYS A 233 2.54 26.26 -17.97
CA LYS A 233 1.83 26.21 -19.27
C LYS A 233 0.61 25.28 -19.16
N PRO A 234 -0.25 25.20 -20.21
CA PRO A 234 -1.48 24.49 -19.91
C PRO A 234 -1.28 23.00 -20.05
N LEU A 235 -2.11 22.25 -19.34
CA LEU A 235 -2.08 20.78 -19.34
C LEU A 235 -3.29 20.22 -20.09
N TYR A 236 -3.12 19.05 -20.72
CA TYR A 236 -4.18 18.44 -21.54
C TYR A 236 -5.03 17.37 -20.84
N GLU A 237 -4.93 17.33 -19.50
CA GLU A 237 -5.69 16.48 -18.60
C GLU A 237 -6.22 17.42 -17.55
N ASP A 238 -7.52 17.42 -17.26
CA ASP A 238 -8.04 18.31 -16.18
C ASP A 238 -7.15 18.19 -14.92
N TYR A 239 -6.67 19.31 -14.38
CA TYR A 239 -5.93 19.31 -13.08
C TYR A 239 -6.34 20.53 -12.28
N ARG A 240 -6.64 20.35 -10.98
CA ARG A 240 -7.22 21.44 -10.16
C ARG A 240 -6.39 21.55 -8.89
N GLN A 241 -6.24 22.75 -8.35
CA GLN A 241 -5.48 22.94 -7.11
C GLN A 241 -5.81 24.24 -6.34
N ILE A 242 -5.88 24.12 -5.01
CA ILE A 242 -6.24 25.18 -4.08
C ILE A 242 -5.13 25.09 -3.03
N THR A 243 -4.52 26.23 -2.72
CA THR A 243 -3.41 26.30 -1.75
C THR A 243 -3.86 27.28 -0.74
N GLY A 244 -3.50 27.02 0.48
CA GLY A 244 -3.76 27.92 1.58
C GLY A 244 -2.54 27.92 2.46
N SER A 245 -2.18 29.09 2.94
CA SER A 245 -1.08 29.18 3.85
C SER A 245 -1.24 30.32 4.86
N ILE A 246 -0.78 30.04 6.07
CA ILE A 246 -0.95 30.88 7.24
C ILE A 246 0.45 30.79 7.81
N GLY A 247 1.02 31.87 8.32
CA GLY A 247 2.42 31.85 8.83
C GLY A 247 2.63 32.99 9.79
N ASN A 248 3.81 33.15 10.39
CA ASN A 248 4.05 34.34 11.29
C ASN A 248 4.24 35.68 10.56
N MET A 249 4.58 36.74 11.26
CA MET A 249 4.69 38.06 10.63
C MET A 249 3.45 38.40 9.76
N GLY A 250 2.30 38.01 10.26
CA GLY A 250 1.07 38.26 9.55
C GLY A 250 0.90 37.58 8.23
N GLN A 251 1.74 36.62 7.89
CA GLN A 251 1.66 35.99 6.57
C GLN A 251 0.31 35.23 6.32
N LYS A 252 -0.28 35.43 5.15
CA LYS A 252 -1.65 35.00 4.81
C LYS A 252 -1.52 34.72 3.30
N GLU A 253 -2.07 33.63 2.73
CA GLU A 253 -2.01 33.35 1.24
C GLU A 253 -2.94 32.23 0.74
N MET A 254 -3.95 32.53 -0.09
CA MET A 254 -4.70 31.49 -0.85
C MET A 254 -4.30 31.70 -2.29
N GLY A 255 -4.18 30.60 -3.01
CA GLY A 255 -4.08 30.65 -4.45
C GLY A 255 -4.67 29.43 -5.10
N PHE A 256 -5.03 29.55 -6.38
CA PHE A 256 -5.53 28.40 -7.07
C PHE A 256 -4.78 28.19 -8.38
N ASP A 257 -4.83 26.97 -8.88
CA ASP A 257 -4.26 26.63 -10.17
C ASP A 257 -5.17 25.65 -10.91
N PHE A 258 -5.99 26.09 -11.85
CA PHE A 258 -6.73 25.13 -12.70
C PHE A 258 -6.15 25.17 -14.10
N SER A 259 -5.93 23.99 -14.63
CA SER A 259 -5.54 23.81 -15.99
C SER A 259 -6.41 22.69 -16.47
N GLY A 260 -6.55 22.64 -17.79
CA GLY A 260 -7.28 21.56 -18.42
C GLY A 260 -7.47 21.83 -19.89
N PRO A 261 -8.08 20.86 -20.59
CA PRO A 261 -8.44 21.01 -22.02
C PRO A 261 -9.76 21.71 -22.19
N LEU A 262 -9.94 22.40 -23.29
CA LEU A 262 -11.18 23.13 -23.53
C LEU A 262 -12.13 22.46 -24.44
N ASP A 263 -11.66 21.78 -25.47
CA ASP A 263 -12.59 21.10 -26.39
C ASP A 263 -12.48 19.61 -26.25
N GLU A 264 -13.33 18.85 -26.92
CA GLU A 264 -13.22 17.42 -26.78
C GLU A 264 -12.17 16.83 -27.71
N GLU A 265 -11.64 17.61 -28.63
CA GLU A 265 -10.64 17.07 -29.52
C GLU A 265 -9.29 17.35 -28.93
N LYS A 266 -9.28 18.01 -27.79
CA LYS A 266 -8.06 18.39 -27.07
C LYS A 266 -7.06 19.06 -27.94
N ARG A 267 -7.50 19.90 -28.86
CA ARG A 267 -6.60 20.79 -29.55
C ARG A 267 -6.39 22.14 -28.76
N ILE A 268 -7.12 22.35 -27.66
CA ILE A 268 -7.09 23.58 -26.88
C ILE A 268 -7.01 23.36 -25.36
N ALA A 269 -6.15 24.11 -24.68
CA ALA A 269 -6.17 24.09 -23.22
C ALA A 269 -5.85 25.45 -22.61
N TYR A 270 -6.41 25.63 -21.40
CA TYR A 270 -6.29 26.83 -20.62
C TYR A 270 -5.44 26.49 -19.38
N ARG A 271 -4.97 27.54 -18.72
CA ARG A 271 -4.44 27.49 -17.36
C ARG A 271 -4.67 28.79 -16.58
N LEU A 272 -5.56 28.76 -15.60
CA LEU A 272 -5.87 29.92 -14.83
C LEU A 272 -5.22 29.76 -13.47
N ILE A 273 -4.32 30.69 -13.16
CA ILE A 273 -3.63 30.69 -11.90
C ILE A 273 -3.90 32.00 -11.20
N GLY A 274 -4.32 31.87 -9.95
CA GLY A 274 -4.65 32.99 -9.07
C GLY A 274 -4.02 32.90 -7.68
N LEU A 275 -4.01 34.04 -6.98
CA LEU A 275 -3.09 34.26 -5.87
C LEU A 275 -3.32 35.56 -5.19
N GLY A 276 -3.52 35.49 -3.89
CA GLY A 276 -3.69 36.67 -3.07
C GLY A 276 -2.86 36.42 -1.85
N LYS A 277 -1.99 37.34 -1.50
CA LYS A 277 -1.06 37.16 -0.36
C LYS A 277 -0.74 38.45 0.37
N GLY A 278 -0.32 38.31 1.61
CA GLY A 278 -0.11 39.41 2.52
C GLY A 278 0.90 39.04 3.58
N SER A 279 1.38 40.04 4.31
CA SER A 279 2.42 39.86 5.32
C SER A 279 2.67 41.19 5.89
N ASP A 280 2.76 41.29 7.21
CA ASP A 280 3.22 42.53 7.84
C ASP A 280 4.62 42.13 8.22
N THR A 281 5.61 42.72 7.61
CA THR A 281 6.94 42.09 7.58
C THR A 281 7.57 42.11 8.95
N GLN A 282 8.77 41.56 9.12
CA GLN A 282 9.55 41.79 10.37
C GLN A 282 9.62 43.25 10.95
N PHE A 283 9.51 44.23 10.04
CA PHE A 283 9.71 45.65 10.31
C PHE A 283 8.45 46.33 10.80
N ASP A 284 8.60 47.29 11.70
CA ASP A 284 7.46 48.05 12.26
C ASP A 284 6.72 48.89 11.22
N HIS A 285 5.39 48.88 11.38
CA HIS A 285 4.43 49.47 10.44
C HIS A 285 4.53 49.14 8.93
N VAL A 286 5.17 48.06 8.52
CA VAL A 286 5.24 47.72 7.10
C VAL A 286 4.26 46.56 6.72
N LYS A 287 3.76 46.63 5.48
CA LYS A 287 2.92 45.60 4.85
C LYS A 287 3.45 45.20 3.47
N GLU A 288 3.03 44.04 3.04
CA GLU A 288 3.43 43.50 1.78
C GLU A 288 2.14 42.88 1.36
N GLU A 289 1.54 43.34 0.30
CA GLU A 289 0.26 42.83 -0.15
C GLU A 289 0.32 42.58 -1.69
N ARG A 290 -0.23 41.47 -2.18
CA ARG A 290 -0.27 41.23 -3.63
C ARG A 290 -1.49 40.52 -4.03
N TYR A 291 -1.94 40.77 -5.26
CA TYR A 291 -2.95 39.94 -5.96
C TYR A 291 -2.53 39.69 -7.38
N ALA A 292 -2.67 38.47 -7.87
CA ALA A 292 -2.44 38.30 -9.29
C ALA A 292 -3.13 37.14 -9.90
N ILE A 293 -3.38 37.32 -11.18
CA ILE A 293 -4.07 36.37 -11.99
C ILE A 293 -3.20 36.14 -13.23
N ALA A 294 -3.20 34.92 -13.74
CA ALA A 294 -2.35 34.61 -14.85
C ALA A 294 -2.99 33.55 -15.77
N PRO A 295 -3.68 34.00 -16.86
CA PRO A 295 -4.41 33.07 -17.75
C PRO A 295 -3.59 32.71 -18.94
N THR A 296 -3.53 31.42 -19.25
CA THR A 296 -2.68 30.88 -20.33
C THR A 296 -3.59 30.04 -21.24
N LEU A 297 -3.47 30.14 -22.55
CA LEU A 297 -4.43 29.45 -23.42
C LEU A 297 -3.78 29.13 -24.75
N ALA A 298 -3.77 27.83 -25.11
CA ALA A 298 -3.02 27.26 -26.27
C ALA A 298 -3.91 26.48 -27.19
N ILE A 299 -3.75 26.79 -28.48
CA ILE A 299 -4.66 26.44 -29.57
C ILE A 299 -3.83 25.93 -30.75
N ASP A 300 -4.06 24.70 -31.18
CA ASP A 300 -3.29 24.12 -32.30
C ASP A 300 -3.98 24.52 -33.62
N PHE A 301 -3.24 25.08 -34.55
CA PHE A 301 -3.81 25.54 -35.83
C PHE A 301 -3.84 24.51 -36.95
N SER A 302 -2.81 23.73 -37.14
CA SER A 302 -3.01 22.52 -37.91
C SER A 302 -2.22 21.46 -37.18
N ASP A 303 -1.64 20.54 -37.93
CA ASP A 303 -0.81 19.52 -37.33
C ASP A 303 0.57 20.13 -37.16
N ASP A 304 0.92 21.04 -38.05
CA ASP A 304 2.20 21.77 -38.00
C ASP A 304 2.36 22.92 -36.91
N THR A 305 1.24 23.49 -36.42
CA THR A 305 1.28 24.78 -35.67
C THR A 305 0.51 24.84 -34.35
N THR A 306 1.03 25.60 -33.37
CA THR A 306 0.41 25.84 -32.05
C THR A 306 0.64 27.30 -31.70
N LEU A 307 -0.32 27.94 -31.04
CA LEU A 307 -0.20 29.33 -30.65
C LEU A 307 -0.63 29.40 -29.23
N THR A 308 0.22 29.96 -28.41
CA THR A 308 -0.12 30.21 -27.01
C THR A 308 -0.33 31.70 -26.60
N LEU A 309 -1.48 31.97 -25.97
CA LEU A 309 -1.85 33.27 -25.44
C LEU A 309 -1.65 33.28 -23.93
N GLN A 310 -0.85 34.25 -23.47
CA GLN A 310 -0.52 34.44 -22.07
C GLN A 310 -0.86 35.84 -21.54
N GLY A 311 -1.32 35.87 -20.30
CA GLY A 311 -1.58 37.09 -19.52
C GLY A 311 -1.11 36.99 -18.06
N TYR A 312 -0.68 38.12 -17.51
CA TYR A 312 -0.15 38.15 -16.16
C TYR A 312 -0.38 39.53 -15.58
N LEU A 313 -1.48 39.61 -14.86
CA LEU A 313 -1.90 40.83 -14.27
C LEU A 313 -1.56 40.75 -12.81
N GLN A 314 -0.77 41.72 -12.31
CA GLN A 314 -0.38 41.79 -10.89
C GLN A 314 -0.46 43.18 -10.19
N HIS A 315 -1.05 43.17 -9.00
CA HIS A 315 -1.14 44.33 -8.12
C HIS A 315 -0.42 44.09 -6.81
N ASP A 316 0.52 44.98 -6.48
CA ASP A 316 1.24 45.05 -5.19
C ASP A 316 0.82 46.42 -4.61
N PRO A 317 -0.32 46.50 -3.90
CA PRO A 317 -0.73 47.69 -3.25
C PRO A 317 0.20 48.11 -2.12
N ASN A 318 0.94 47.16 -1.58
CA ASN A 318 1.97 47.47 -0.61
C ASN A 318 3.27 46.84 -0.97
N GLY A 319 4.35 47.53 -0.66
CA GLY A 319 5.63 47.21 -1.27
C GLY A 319 6.66 46.57 -0.38
N GLY A 320 6.28 46.17 0.81
CA GLY A 320 7.26 45.58 1.68
C GLY A 320 8.22 46.64 2.17
N TYR A 321 9.46 46.26 2.40
CA TYR A 321 10.44 47.19 2.91
C TYR A 321 11.64 47.28 2.02
N HIS A 322 12.17 48.47 1.86
CA HIS A 322 13.30 48.72 1.02
C HIS A 322 14.01 49.84 1.68
N GLY A 323 14.96 49.53 2.55
CA GLY A 323 15.67 50.57 3.24
C GLY A 323 16.84 50.00 4.00
N GLY A 324 17.75 50.85 4.39
CA GLY A 324 18.91 50.41 5.11
C GLY A 324 19.24 51.39 6.20
N VAL A 325 20.12 50.97 7.09
CA VAL A 325 20.58 51.75 8.25
C VAL A 325 22.11 51.68 8.37
N PRO A 326 22.73 52.66 9.06
CA PRO A 326 24.21 52.78 9.09
C PRO A 326 24.96 51.64 9.73
N ALA A 327 26.20 51.46 9.31
CA ALA A 327 27.01 50.34 9.77
C ALA A 327 27.37 50.60 11.21
N ASP A 328 27.63 51.88 11.52
CA ASP A 328 27.65 52.39 12.88
C ASP A 328 26.26 52.27 13.51
N GLY A 329 26.07 51.27 14.36
CA GLY A 329 24.77 50.96 14.96
C GLY A 329 24.24 49.60 14.61
N THR A 330 24.93 48.84 13.77
CA THR A 330 24.49 47.52 13.34
C THR A 330 25.66 46.55 13.34
N LEU A 331 26.72 46.88 12.62
CA LEU A 331 27.98 46.15 12.76
C LEU A 331 28.83 46.68 13.92
N SER A 332 28.67 47.94 14.31
CA SER A 332 29.25 48.53 15.55
C SER A 332 28.11 48.62 16.57
N HIS A 333 28.36 49.40 17.61
CA HIS A 333 27.43 49.64 18.70
C HIS A 333 27.40 51.20 18.60
N HIS A 334 26.26 51.87 18.36
CA HIS A 334 26.21 53.40 18.29
C HIS A 334 25.76 53.97 19.64
N ASN A 335 26.58 54.91 20.12
CA ASN A 335 26.57 55.39 21.52
C ASN A 335 25.98 54.37 22.47
N GLY A 336 26.47 53.12 22.36
CA GLY A 336 26.04 51.97 23.15
C GLY A 336 24.70 51.25 23.04
N ARG A 337 24.07 51.19 21.88
CA ARG A 337 23.05 50.15 21.61
C ARG A 337 23.11 49.85 20.12
N HIS A 338 22.17 49.00 19.72
CA HIS A 338 22.03 48.52 18.37
C HIS A 338 20.68 49.03 17.85
N ILE A 339 20.56 49.00 16.56
CA ILE A 339 19.35 49.37 15.90
C ILE A 339 18.72 48.00 15.77
N SER A 340 17.42 47.85 15.93
CA SER A 340 16.89 46.48 15.91
C SER A 340 16.75 46.01 14.49
N ARG A 341 16.25 44.81 14.31
CA ARG A 341 15.98 44.25 13.00
C ARG A 341 14.56 44.51 12.62
N GLU A 342 13.83 45.23 13.48
CA GLU A 342 12.47 45.61 13.20
C GLU A 342 12.36 47.13 13.18
N PHE A 343 13.48 47.84 12.99
CA PHE A 343 13.49 49.29 13.17
C PHE A 343 12.73 49.83 12.00
N PHE A 344 11.93 50.90 12.15
CA PHE A 344 11.25 51.35 10.94
C PHE A 344 12.04 52.25 10.03
N ASP A 345 12.43 53.50 10.31
CA ASP A 345 13.19 54.28 9.25
C ASP A 345 12.27 55.39 8.70
N GLY A 346 11.22 54.96 8.00
CA GLY A 346 10.31 55.84 7.25
C GLY A 346 9.22 56.37 8.13
N GLU A 347 8.13 56.79 7.52
CA GLU A 347 7.03 57.35 8.29
C GLU A 347 5.76 56.73 7.71
N PRO A 348 4.92 56.14 8.56
CA PRO A 348 3.69 55.62 8.00
C PRO A 348 2.89 56.81 7.67
N SER A 349 1.91 56.64 6.82
CA SER A 349 1.18 57.81 6.37
C SER A 349 2.20 58.77 5.80
N LYS A 350 2.75 58.35 4.68
CA LYS A 350 3.80 58.96 3.82
C LYS A 350 4.90 57.94 3.70
N ASP A 351 4.48 56.74 3.32
CA ASP A 351 5.37 55.72 2.89
C ASP A 351 4.53 54.68 2.18
N ASP A 352 4.60 54.60 0.86
CA ASP A 352 3.91 53.53 0.09
C ASP A 352 4.56 53.29 -1.27
N PHE A 353 4.36 52.05 -1.74
CA PHE A 353 4.88 51.55 -2.98
C PHE A 353 3.79 50.73 -3.59
N ASP A 354 3.06 51.31 -4.53
CA ASP A 354 1.94 50.65 -5.13
C ASP A 354 2.33 50.36 -6.57
N ARG A 355 2.45 49.08 -6.92
CA ARG A 355 2.95 48.69 -8.24
C ARG A 355 1.89 47.90 -8.97
N THR A 356 1.74 48.10 -10.26
CA THR A 356 0.74 47.36 -10.99
C THR A 356 1.47 46.86 -12.24
N GLN A 357 1.43 45.56 -12.52
CA GLN A 357 2.19 44.97 -13.65
C GLN A 357 1.19 44.31 -14.50
N ARG A 358 1.32 44.43 -15.80
CA ARG A 358 0.28 43.95 -16.69
C ARG A 358 0.89 43.40 -17.98
N MET A 359 0.85 42.09 -18.19
CA MET A 359 1.64 41.51 -19.30
C MET A 359 0.78 40.68 -20.21
N PHE A 360 0.88 40.92 -21.52
CA PHE A 360 0.05 40.26 -22.52
C PHE A 360 1.02 39.76 -23.54
N GLY A 361 0.86 38.52 -23.96
CA GLY A 361 1.76 38.02 -24.97
C GLY A 361 1.44 36.65 -25.51
N TYR A 362 2.05 36.34 -26.62
CA TYR A 362 1.85 35.09 -27.25
C TYR A 362 3.19 34.37 -27.54
N GLN A 363 3.10 33.06 -27.79
CA GLN A 363 4.21 32.21 -28.30
C GLN A 363 3.74 31.35 -29.49
N LEU A 364 4.24 31.70 -30.68
CA LEU A 364 3.96 31.00 -31.94
C LEU A 364 5.08 30.04 -32.26
N GLU A 365 4.69 28.80 -32.52
CA GLU A 365 5.62 27.71 -32.78
C GLU A 365 5.06 27.03 -33.99
N HIS A 366 5.87 26.93 -35.04
CA HIS A 366 5.43 26.35 -36.34
C HIS A 366 6.57 25.52 -36.94
N ARG A 367 6.28 24.22 -37.15
CA ARG A 367 7.19 23.27 -37.77
C ARG A 367 7.02 23.42 -39.25
N ILE A 368 8.08 23.81 -39.90
CA ILE A 368 8.07 24.17 -41.29
C ILE A 368 8.22 22.88 -42.08
N ASP A 369 9.25 22.04 -41.84
CA ASP A 369 9.33 20.66 -42.41
C ASP A 369 10.23 19.76 -41.54
N ASP A 370 10.62 18.60 -42.07
CA ASP A 370 11.57 17.65 -41.39
C ASP A 370 12.81 18.24 -40.68
N VAL A 371 13.33 19.32 -41.26
CA VAL A 371 14.52 20.04 -40.82
C VAL A 371 14.22 21.40 -40.12
N TRP A 372 13.57 22.29 -40.89
CA TRP A 372 13.31 23.68 -40.48
C TRP A 372 12.13 23.89 -39.53
N SER A 373 12.27 24.88 -38.66
CA SER A 373 11.22 25.33 -37.77
C SER A 373 11.35 26.83 -37.40
N ALA A 374 10.21 27.40 -37.02
CA ALA A 374 10.10 28.78 -36.62
C ALA A 374 9.46 28.85 -35.19
N ARG A 375 9.90 29.80 -34.37
CA ARG A 375 9.30 30.09 -33.04
C ARG A 375 9.28 31.60 -33.00
N GLN A 376 8.19 32.19 -32.48
CA GLN A 376 8.05 33.65 -32.31
C GLN A 376 7.47 34.02 -30.98
N ASN A 377 8.27 34.72 -30.19
CA ASN A 377 7.86 35.08 -28.85
C ASN A 377 7.74 36.58 -28.68
N PHE A 378 6.58 36.99 -28.15
CA PHE A 378 6.15 38.35 -28.04
C PHE A 378 5.59 38.64 -26.67
N ARG A 379 6.03 39.76 -26.09
CA ARG A 379 5.41 40.28 -24.88
C ARG A 379 5.34 41.82 -24.77
N TYR A 380 4.10 42.27 -24.62
CA TYR A 380 3.77 43.60 -24.15
C TYR A 380 3.63 43.72 -22.62
N LEU A 381 4.21 44.82 -22.10
CA LEU A 381 4.23 45.19 -20.66
C LEU A 381 3.83 46.63 -20.40
N ASP A 382 3.01 46.79 -19.40
CA ASP A 382 2.47 48.07 -19.03
C ASP A 382 2.55 48.12 -17.49
N SER A 383 2.99 49.24 -16.93
CA SER A 383 3.31 49.25 -15.51
C SER A 383 3.14 50.61 -14.86
N ASP A 384 2.70 50.58 -13.62
CA ASP A 384 2.39 51.78 -12.89
C ASP A 384 2.85 51.64 -11.45
N VAL A 385 3.94 52.35 -11.17
CA VAL A 385 4.54 52.44 -9.88
C VAL A 385 4.27 53.78 -9.18
N ASP A 386 4.01 53.69 -7.91
CA ASP A 386 3.80 54.85 -7.12
C ASP A 386 4.66 54.73 -5.90
N LEU A 387 5.36 55.78 -5.52
CA LEU A 387 6.31 55.70 -4.43
C LEU A 387 6.31 56.94 -3.58
N SER A 388 6.37 56.73 -2.28
CA SER A 388 6.79 57.72 -1.28
C SER A 388 7.59 56.86 -0.32
N GLN A 389 8.68 57.43 0.13
CA GLN A 389 9.53 56.72 1.02
C GLN A 389 10.37 57.67 1.82
N VAL A 390 10.03 57.88 3.08
CA VAL A 390 10.91 58.64 3.96
C VAL A 390 12.00 57.62 4.34
N TYR A 391 13.28 58.00 4.41
CA TYR A 391 14.36 57.04 4.69
C TYR A 391 15.55 57.61 5.46
N ALA A 392 16.46 56.79 5.98
CA ALA A 392 17.49 57.24 6.88
C ALA A 392 18.80 57.16 6.18
N TYR A 393 19.62 58.14 6.51
CA TYR A 393 20.90 58.37 5.91
C TYR A 393 21.88 59.05 6.90
N GLY A 394 22.42 58.15 7.70
CA GLY A 394 23.39 58.54 8.70
C GLY A 394 22.86 59.35 9.84
N TRP A 395 23.77 59.56 10.79
CA TRP A 395 23.41 60.14 12.04
C TRP A 395 23.43 61.68 12.00
N SER A 396 22.48 62.23 12.76
CA SER A 396 22.22 63.65 12.81
C SER A 396 23.41 64.40 13.30
N ALA A 397 23.61 65.55 12.71
CA ALA A 397 24.72 66.35 13.10
C ALA A 397 24.40 67.09 14.38
N SER A 398 23.16 67.45 14.71
CA SER A 398 22.94 68.07 16.02
C SER A 398 22.32 67.07 16.99
N GLU A 399 21.07 66.62 16.89
CA GLU A 399 20.59 65.62 17.88
C GLU A 399 21.33 64.27 17.72
N PRO A 400 21.74 63.66 18.87
CA PRO A 400 22.82 62.70 18.83
C PRO A 400 22.34 61.32 18.58
N ASN A 401 21.23 60.89 19.17
CA ASN A 401 20.80 59.59 18.81
C ASN A 401 19.83 59.44 17.62
N LYS A 402 19.60 60.56 16.92
CA LYS A 402 18.67 60.59 15.84
C LYS A 402 19.39 60.44 14.54
N LEU A 403 18.71 59.78 13.57
CA LEU A 403 19.17 59.61 12.17
C LEU A 403 18.70 60.77 11.34
N ASN A 404 19.55 61.30 10.48
CA ASN A 404 19.10 62.23 9.43
C ASN A 404 18.14 61.49 8.49
N ARG A 405 17.09 62.15 8.02
CA ARG A 405 16.24 61.50 7.04
C ARG A 405 15.94 62.40 5.89
N TYR A 406 15.68 61.75 4.73
CA TYR A 406 15.35 62.37 3.41
C TYR A 406 14.12 61.69 2.76
N PHE A 407 13.63 62.26 1.67
CA PHE A 407 12.41 61.75 0.97
C PHE A 407 12.60 61.46 -0.52
N SER A 408 12.00 60.38 -1.04
CA SER A 408 12.00 60.09 -2.45
C SER A 408 10.60 59.70 -2.91
N GLY A 409 9.94 60.53 -3.71
CA GLY A 409 8.61 60.23 -4.27
C GLY A 409 8.62 60.00 -5.77
N ALA A 410 7.78 59.10 -6.27
CA ALA A 410 7.77 58.81 -7.68
C ALA A 410 6.42 58.39 -8.23
N ARG A 411 6.26 58.68 -9.50
CA ARG A 411 5.13 58.29 -10.24
C ARG A 411 5.62 57.85 -11.60
N GLU A 412 5.40 56.61 -11.99
CA GLU A 412 6.03 56.10 -13.20
C GLU A 412 5.10 55.25 -14.03
N HIS A 413 4.82 55.72 -15.23
CA HIS A 413 4.18 54.90 -16.22
C HIS A 413 5.22 54.29 -17.17
N LEU A 414 5.31 52.97 -17.16
CA LEU A 414 6.18 52.23 -18.08
C LEU A 414 5.35 51.52 -19.14
N GLN A 415 5.98 51.30 -20.27
CA GLN A 415 5.36 50.62 -21.37
C GLN A 415 6.39 50.08 -22.31
N ALA A 416 6.36 48.81 -22.60
CA ALA A 416 7.45 48.27 -23.40
C ALA A 416 6.98 47.03 -24.06
N TYR A 417 7.60 46.76 -25.20
CA TYR A 417 7.42 45.46 -25.79
C TYR A 417 8.65 44.91 -26.42
N ILE A 418 8.61 43.60 -26.58
CA ILE A 418 9.77 42.80 -27.00
C ILE A 418 9.31 41.57 -27.78
N VAL A 419 10.18 41.13 -28.68
CA VAL A 419 9.89 40.05 -29.57
C VAL A 419 11.17 39.37 -29.98
N ASP A 420 11.04 38.10 -30.28
CA ASP A 420 12.16 37.30 -30.66
C ASP A 420 11.69 36.29 -31.67
N ASN A 421 12.20 36.45 -32.90
CA ASN A 421 11.98 35.50 -34.01
C ASN A 421 13.20 34.61 -34.23
N MET A 422 12.95 33.30 -34.18
CA MET A 422 13.97 32.30 -34.37
C MET A 422 13.55 31.26 -35.46
N LEU A 423 14.48 31.03 -36.39
CA LEU A 423 14.38 30.11 -37.50
C LEU A 423 15.52 29.10 -37.31
N GLN A 424 15.15 27.81 -37.22
CA GLN A 424 16.03 26.67 -36.81
C GLN A 424 16.08 25.53 -37.85
N ALA A 425 17.29 25.10 -38.20
CA ALA A 425 17.59 24.08 -39.21
C ALA A 425 18.35 22.92 -38.54
N GLU A 426 17.81 21.70 -38.56
CA GLU A 426 18.53 20.52 -38.07
C GLU A 426 18.86 19.58 -39.23
N PHE A 427 20.12 19.58 -39.68
CA PHE A 427 20.56 18.72 -40.78
C PHE A 427 21.82 17.93 -40.42
N ALA A 428 22.35 17.09 -41.33
CA ALA A 428 23.64 16.41 -41.06
C ALA A 428 24.71 16.76 -42.10
N THR A 429 25.98 16.65 -41.74
CA THR A 429 27.11 16.85 -42.68
C THR A 429 28.05 15.66 -42.55
N GLY A 430 27.55 14.50 -42.99
CA GLY A 430 28.23 13.23 -42.84
C GLY A 430 28.24 12.87 -41.38
N ALA A 431 29.38 13.13 -40.74
CA ALA A 431 29.57 12.79 -39.36
C ALA A 431 29.09 13.91 -38.43
N ALA A 432 28.93 15.11 -39.00
CA ALA A 432 28.53 16.31 -38.26
C ALA A 432 27.04 16.36 -38.04
N ARG A 433 26.60 16.38 -36.78
CA ARG A 433 25.17 16.51 -36.47
C ARG A 433 24.94 18.00 -36.17
N HIS A 434 24.04 18.66 -36.89
CA HIS A 434 23.81 20.11 -36.73
C HIS A 434 22.51 20.44 -36.02
N THR A 435 22.49 21.66 -35.48
CA THR A 435 21.28 22.28 -34.99
C THR A 435 21.57 23.77 -35.08
N LEU A 436 21.42 24.28 -36.31
CA LEU A 436 21.76 25.66 -36.72
C LEU A 436 20.55 26.50 -36.40
N LEU A 437 20.77 27.69 -35.81
CA LEU A 437 19.71 28.61 -35.38
C LEU A 437 20.06 30.07 -35.64
N THR A 438 19.24 30.75 -36.43
CA THR A 438 19.34 32.20 -36.56
C THR A 438 18.13 32.83 -35.98
N GLY A 439 18.36 34.01 -35.40
CA GLY A 439 17.29 34.89 -34.98
C GLY A 439 17.54 36.38 -35.18
N LEU A 440 16.43 37.10 -35.06
CA LEU A 440 16.42 38.56 -34.99
C LEU A 440 15.37 38.98 -33.94
N ASP A 441 15.82 39.83 -33.02
CA ASP A 441 15.05 40.17 -31.83
C ASP A 441 15.03 41.68 -31.64
N TYR A 442 14.00 42.20 -30.97
CA TYR A 442 13.77 43.62 -30.94
C TYR A 442 12.97 44.10 -29.72
N GLN A 443 13.46 45.14 -29.03
CA GLN A 443 12.76 45.78 -27.86
C GLN A 443 12.66 47.33 -27.88
N ARG A 444 11.44 47.85 -27.65
CA ARG A 444 11.08 49.25 -27.47
C ARG A 444 10.64 49.29 -25.95
N ARG A 445 11.06 50.35 -25.24
CA ARG A 445 10.68 50.60 -23.82
C ARG A 445 10.53 52.08 -23.53
N ARG A 446 9.44 52.50 -22.91
CA ARG A 446 9.17 53.91 -22.68
C ARG A 446 8.68 54.20 -21.28
N THR A 447 9.46 54.97 -20.55
CA THR A 447 9.23 55.18 -19.16
C THR A 447 9.05 56.64 -18.98
N VAL A 448 7.92 57.00 -18.39
CA VAL A 448 7.63 58.36 -18.12
C VAL A 448 7.65 58.44 -16.64
N VAL A 449 8.50 59.32 -16.11
CA VAL A 449 8.75 59.34 -14.66
C VAL A 449 8.62 60.73 -14.13
N ASP A 450 7.88 60.82 -13.03
CA ASP A 450 7.64 62.04 -12.31
C ASP A 450 8.11 61.78 -10.89
N TRP A 451 9.38 62.15 -10.69
CA TRP A 451 10.15 62.05 -9.46
C TRP A 451 10.01 63.30 -8.67
N ARG A 452 10.34 63.27 -7.40
CA ARG A 452 10.04 64.40 -6.52
C ARG A 452 10.88 64.04 -5.34
N SER A 453 11.48 65.00 -4.63
CA SER A 453 12.43 64.55 -3.57
C SER A 453 12.81 65.65 -2.59
N GLY A 454 13.25 65.26 -1.38
CA GLY A 454 13.34 66.19 -0.25
C GLY A 454 14.12 65.77 1.00
N SER A 455 13.82 66.46 2.08
CA SER A 455 14.44 66.26 3.38
C SER A 455 13.28 66.13 4.32
N ALA A 456 13.34 65.15 5.21
CA ALA A 456 12.28 64.90 6.17
C ALA A 456 12.77 65.30 7.54
N SER A 457 11.99 65.01 8.59
CA SER A 457 12.44 65.18 9.98
C SER A 457 13.45 64.13 10.38
N ALA A 458 14.22 64.41 11.42
CA ALA A 458 15.14 63.40 11.99
C ALA A 458 14.40 62.45 12.93
N LEU A 459 14.94 61.26 13.14
CA LEU A 459 14.23 60.19 13.88
C LEU A 459 15.11 59.42 14.83
N ASP A 460 14.59 59.23 16.04
CA ASP A 460 15.34 58.50 17.04
C ASP A 460 15.46 57.01 16.66
N ALA A 461 16.72 56.54 16.54
CA ALA A 461 16.99 55.21 15.94
C ALA A 461 16.56 53.96 16.77
N PHE A 462 16.23 54.17 18.05
CA PHE A 462 15.70 53.15 19.00
C PHE A 462 14.73 54.00 19.82
N ASN A 463 13.50 53.54 20.04
CA ASN A 463 12.38 54.48 20.47
C ASN A 463 12.06 55.65 19.55
N PRO A 464 11.62 55.36 18.31
CA PRO A 464 11.27 56.45 17.42
C PRO A 464 9.89 57.01 17.77
N VAL A 465 9.66 58.30 17.53
CA VAL A 465 8.32 58.88 17.64
C VAL A 465 7.86 59.33 16.26
N TYR A 466 6.90 58.59 15.65
CA TYR A 466 6.45 58.80 14.23
C TYR A 466 5.41 59.92 14.20
N GLY A 467 5.05 60.42 13.02
CA GLY A 467 4.07 61.53 12.89
C GLY A 467 4.51 62.91 12.38
N ASP A 468 5.80 63.07 12.07
CA ASP A 468 6.33 64.29 11.50
C ASP A 468 6.72 64.13 10.00
N ASP A 469 5.68 63.91 9.24
CA ASP A 469 5.78 63.59 7.79
C ASP A 469 5.88 64.83 6.93
N ALA A 470 6.07 65.98 7.59
CA ALA A 470 6.42 67.21 6.94
C ALA A 470 7.72 66.96 6.22
N ILE A 471 7.79 67.51 5.00
CA ILE A 471 8.95 67.42 4.11
C ILE A 471 9.34 68.73 3.40
N SER A 472 10.62 69.09 3.36
CA SER A 472 11.04 70.29 2.62
C SER A 472 11.46 69.75 1.25
N TYR A 473 10.79 70.11 0.14
CA TYR A 473 11.17 69.50 -1.17
C TYR A 473 12.21 70.29 -1.98
N PHE A 474 12.91 69.56 -2.81
CA PHE A 474 13.64 70.13 -3.91
C PHE A 474 12.65 70.27 -5.07
N PRO A 475 13.10 70.88 -6.16
CA PRO A 475 12.41 70.82 -7.41
C PRO A 475 12.15 69.41 -7.93
N ASP A 476 10.98 69.21 -8.55
CA ASP A 476 10.60 67.94 -9.12
C ASP A 476 11.48 67.66 -10.32
N ASP A 477 11.74 66.40 -10.62
CA ASP A 477 12.61 66.00 -11.72
C ASP A 477 11.88 65.05 -12.64
N ASN A 478 11.43 65.54 -13.77
CA ASN A 478 10.65 64.69 -14.66
C ASN A 478 11.36 64.32 -15.97
N HIS A 479 11.40 63.04 -16.30
CA HIS A 479 12.07 62.56 -17.51
C HIS A 479 11.19 61.62 -18.32
N THR A 480 11.55 61.50 -19.60
CA THR A 480 10.95 60.51 -20.44
C THR A 480 12.01 59.69 -21.13
N ARG A 481 12.00 58.37 -20.88
CA ARG A 481 13.17 57.54 -21.16
C ARG A 481 12.82 56.50 -22.16
N ARG A 482 13.63 56.41 -23.22
CA ARG A 482 13.39 55.54 -24.35
C ARG A 482 14.65 54.67 -24.58
N LEU A 483 14.43 53.39 -24.89
CA LEU A 483 15.47 52.50 -25.30
C LEU A 483 14.88 51.63 -26.38
N GLU A 484 15.64 51.52 -27.46
CA GLU A 484 15.38 50.60 -28.54
C GLU A 484 16.60 49.71 -28.93
N GLN A 485 16.38 48.40 -29.00
CA GLN A 485 17.46 47.48 -29.36
C GLN A 485 17.01 46.38 -30.33
N THR A 486 17.84 46.20 -31.36
CA THR A 486 17.70 45.17 -32.37
C THR A 486 18.94 44.30 -32.46
N GLY A 487 18.73 42.98 -32.47
CA GLY A 487 19.82 42.01 -32.60
C GLY A 487 19.56 41.11 -33.79
N VAL A 488 20.66 40.75 -34.47
CA VAL A 488 20.69 39.58 -35.34
C VAL A 488 21.71 38.64 -34.75
N TYR A 489 21.32 37.37 -34.54
CA TYR A 489 22.21 36.31 -34.02
C TYR A 489 22.14 35.01 -34.80
N LEU A 490 23.14 34.15 -34.58
CA LEU A 490 23.36 32.92 -35.37
C LEU A 490 24.08 31.93 -34.47
N GLN A 491 23.55 30.72 -34.26
CA GLN A 491 24.19 29.74 -33.37
C GLN A 491 24.03 28.30 -33.84
N ASP A 492 25.18 27.69 -34.16
CA ASP A 492 25.27 26.29 -34.59
C ASP A 492 25.82 25.46 -33.45
N LEU A 493 25.23 24.28 -33.29
CA LEU A 493 25.68 23.33 -32.32
C LEU A 493 26.07 22.10 -33.08
N ILE A 494 27.36 21.86 -33.20
CA ILE A 494 27.86 20.77 -34.02
C ILE A 494 28.23 19.61 -33.10
N ASP A 495 27.86 18.36 -33.47
CA ASP A 495 28.03 17.19 -32.57
C ASP A 495 28.65 15.96 -33.28
N ILE A 496 29.99 15.89 -33.37
CA ILE A 496 30.71 14.78 -34.02
C ILE A 496 31.25 13.76 -33.01
N ASP A 497 30.91 12.47 -33.19
CA ASP A 497 31.39 11.35 -32.35
C ASP A 497 31.17 11.64 -30.86
N GLN A 498 32.26 11.91 -30.12
CA GLN A 498 32.20 12.25 -28.70
C GLN A 498 32.37 13.78 -28.39
N TRP A 499 32.59 14.60 -29.44
CA TRP A 499 32.69 16.08 -29.31
C TRP A 499 31.32 16.75 -29.43
N ARG A 500 31.18 17.87 -28.73
CA ARG A 500 30.06 18.76 -28.85
C ARG A 500 30.65 20.16 -28.97
N PHE A 501 30.68 20.69 -30.18
CA PHE A 501 31.05 22.06 -30.34
C PHE A 501 29.81 22.98 -30.16
N SER A 502 30.15 24.26 -30.02
CA SER A 502 29.26 25.37 -29.68
C SER A 502 29.81 26.66 -30.28
N LEU A 503 29.07 27.28 -31.17
CA LEU A 503 29.61 28.42 -31.89
C LEU A 503 28.49 29.45 -32.08
N GLY A 504 28.69 30.67 -31.57
CA GLY A 504 27.67 31.74 -31.58
C GLY A 504 28.19 33.08 -32.10
N LEU A 505 27.34 33.83 -32.80
CA LEU A 505 27.69 35.14 -33.38
C LEU A 505 26.45 36.07 -33.39
N ARG A 506 26.65 37.28 -32.87
CA ARG A 506 25.61 38.26 -32.60
C ARG A 506 26.07 39.69 -32.94
N GLN A 507 25.09 40.48 -33.34
CA GLN A 507 25.28 41.89 -33.60
C GLN A 507 24.08 42.60 -32.99
N ASP A 508 24.36 43.31 -31.89
CA ASP A 508 23.41 44.21 -31.28
C ASP A 508 23.56 45.65 -31.88
N TRP A 509 22.43 46.36 -31.97
CA TRP A 509 22.34 47.80 -32.25
C TRP A 509 21.45 48.45 -31.15
N VAL A 510 21.95 49.41 -30.43
CA VAL A 510 21.10 49.97 -29.42
C VAL A 510 21.01 51.49 -29.53
N SER A 511 19.95 52.01 -28.93
CA SER A 511 19.68 53.40 -28.89
C SER A 511 18.95 53.77 -27.60
N VAL A 512 19.43 54.80 -26.89
CA VAL A 512 18.80 55.24 -25.62
C VAL A 512 18.59 56.76 -25.58
N THR A 513 17.39 57.27 -25.31
CA THR A 513 17.29 58.71 -25.12
C THR A 513 16.69 58.97 -23.76
N ASP A 514 16.93 60.18 -23.19
CA ASP A 514 16.37 60.63 -21.90
C ASP A 514 15.97 62.09 -21.98
N LYS A 515 14.71 62.50 -22.27
CA LYS A 515 14.39 64.00 -22.27
C LYS A 515 14.17 64.17 -20.84
N ASN A 516 14.88 65.15 -20.29
CA ASN A 516 14.58 65.69 -18.99
C ASN A 516 13.54 66.68 -19.32
N ARG A 517 12.30 66.29 -19.11
CA ARG A 517 11.24 67.19 -19.30
C ARG A 517 11.29 68.33 -18.35
N SER A 518 12.01 68.24 -17.23
CA SER A 518 12.13 69.42 -16.33
C SER A 518 13.13 70.51 -16.84
N THR A 519 14.37 70.14 -17.17
CA THR A 519 15.32 70.92 -17.96
C THR A 519 14.91 71.20 -19.40
N GLY A 520 14.15 70.34 -20.06
CA GLY A 520 14.00 70.36 -21.56
C GLY A 520 15.08 69.55 -22.34
N SER A 521 16.32 69.65 -21.86
CA SER A 521 17.51 68.98 -22.40
C SER A 521 17.40 67.44 -22.46
N LYS A 522 18.10 66.83 -23.45
CA LYS A 522 17.99 65.37 -23.82
C LYS A 522 19.31 64.67 -24.13
N ALA A 523 19.32 63.36 -23.94
CA ALA A 523 20.52 62.65 -24.18
C ALA A 523 20.20 61.51 -25.10
N ASP A 524 20.38 61.74 -26.38
CA ASP A 524 20.22 60.73 -27.46
C ASP A 524 21.57 60.08 -27.68
N ASP A 525 21.65 58.75 -27.72
CA ASP A 525 22.93 58.02 -27.90
C ASP A 525 22.75 56.65 -28.58
N ASP A 526 23.64 56.32 -29.53
CA ASP A 526 23.56 55.06 -30.24
C ASP A 526 24.81 54.21 -30.07
N TRP A 527 24.65 52.88 -29.89
CA TRP A 527 25.79 51.91 -29.77
C TRP A 527 25.60 50.61 -30.54
N GLU A 528 26.70 50.05 -30.98
CA GLU A 528 26.69 48.79 -31.69
C GLU A 528 27.79 47.90 -31.07
N LYS A 529 27.60 46.57 -31.09
CA LYS A 529 28.69 45.64 -30.74
C LYS A 529 28.41 44.24 -31.25
N PHE A 530 29.51 43.60 -31.70
CA PHE A 530 29.58 42.19 -32.12
C PHE A 530 30.02 41.31 -30.97
N THR A 531 29.19 40.36 -30.62
CA THR A 531 29.48 39.50 -29.51
C THR A 531 29.55 38.10 -30.08
N GLY A 532 30.36 37.21 -29.47
CA GLY A 532 30.29 35.75 -29.80
C GLY A 532 30.80 34.72 -28.77
N ARG A 533 30.43 33.46 -28.96
CA ARG A 533 31.09 32.40 -28.23
C ARG A 533 31.49 31.13 -29.01
N ILE A 534 32.48 30.45 -28.42
CA ILE A 534 33.02 29.19 -28.92
C ILE A 534 33.12 28.29 -27.68
N GLY A 535 32.68 27.03 -27.79
CA GLY A 535 32.65 26.08 -26.66
C GLY A 535 32.85 24.68 -27.18
N ALA A 536 33.87 23.97 -26.68
CA ALA A 536 34.16 22.59 -27.09
C ALA A 536 34.01 21.69 -25.85
N LEU A 537 33.29 20.60 -25.99
CA LEU A 537 33.04 19.70 -24.86
C LEU A 537 33.32 18.31 -25.32
N TYR A 538 33.99 17.54 -24.48
CA TYR A 538 34.31 16.19 -24.80
C TYR A 538 33.55 15.32 -23.81
N LEU A 539 32.72 14.41 -24.35
CA LEU A 539 31.94 13.49 -23.52
C LEU A 539 32.49 12.05 -23.55
N PHE A 540 32.77 11.48 -22.38
CA PHE A 540 33.27 10.09 -22.24
C PHE A 540 32.06 9.20 -22.04
N ASP A 541 32.12 7.96 -22.60
CA ASP A 541 31.09 6.87 -22.36
C ASP A 541 30.81 6.72 -20.84
N ASN A 542 31.91 6.87 -20.13
CA ASN A 542 32.00 7.02 -18.71
C ASN A 542 30.85 7.76 -18.03
N GLY A 543 30.40 8.88 -18.62
CA GLY A 543 29.49 9.82 -17.97
C GLY A 543 30.12 11.21 -17.81
N LEU A 544 31.43 11.33 -18.02
CA LEU A 544 32.19 12.54 -17.64
C LEU A 544 32.37 13.44 -18.86
N ALA A 545 32.50 14.74 -18.61
CA ALA A 545 32.66 15.68 -19.69
C ALA A 545 33.40 16.94 -19.27
N PRO A 546 34.70 17.06 -19.61
CA PRO A 546 35.26 18.38 -19.54
C PRO A 546 34.74 19.28 -20.68
N TYR A 547 34.95 20.58 -20.52
CA TYR A 547 34.78 21.54 -21.59
C TYR A 547 35.52 22.85 -21.33
N VAL A 548 35.78 23.57 -22.43
CA VAL A 548 36.24 24.97 -22.40
C VAL A 548 35.25 25.86 -23.14
N SER A 549 35.15 27.10 -22.66
CA SER A 549 34.22 28.11 -23.18
C SER A 549 34.94 29.41 -23.17
N TYR A 550 34.80 30.10 -24.28
CA TYR A 550 35.12 31.49 -24.35
C TYR A 550 33.91 32.23 -24.84
N SER A 551 33.43 33.19 -24.05
CA SER A 551 32.16 33.85 -24.34
C SER A 551 32.19 35.34 -24.01
N GLU A 552 31.38 36.10 -24.72
CA GLU A 552 31.32 37.58 -24.62
C GLU A 552 29.95 38.19 -24.23
N SER A 553 29.99 39.38 -23.64
CA SER A 553 28.78 40.05 -23.18
C SER A 553 28.70 41.51 -23.57
N PHE A 554 27.47 41.96 -23.88
CA PHE A 554 27.20 43.36 -24.29
C PHE A 554 25.84 43.81 -23.82
N ASN A 555 25.91 44.83 -22.96
CA ASN A 555 24.77 45.32 -22.16
C ASN A 555 24.68 46.84 -22.13
N PRO A 556 23.90 47.45 -23.02
CA PRO A 556 23.62 48.87 -23.01
C PRO A 556 23.09 49.33 -21.67
N ASN A 557 23.50 50.53 -21.27
CA ASN A 557 23.07 51.05 -20.02
C ASN A 557 22.44 52.32 -20.41
N ALA A 558 21.27 52.57 -19.79
CA ALA A 558 20.62 53.87 -19.78
C ALA A 558 20.72 54.38 -18.38
N TYR A 559 21.85 55.00 -18.02
CA TYR A 559 22.05 55.71 -16.74
C TYR A 559 22.87 56.96 -17.02
N SER A 560 23.00 57.82 -16.00
CA SER A 560 23.71 59.11 -16.10
C SER A 560 24.58 59.43 -14.92
N ASP A 561 25.58 60.23 -15.19
CA ASP A 561 26.53 60.70 -14.21
C ASP A 561 25.87 61.61 -13.26
N ALA A 562 26.65 62.00 -12.30
CA ALA A 562 26.38 63.21 -11.49
C ALA A 562 26.22 64.47 -12.30
N SER A 563 26.94 64.57 -13.41
CA SER A 563 26.76 65.62 -14.37
C SER A 563 25.78 65.34 -15.45
N GLY A 564 25.46 64.07 -15.71
CA GLY A 564 24.46 63.69 -16.73
C GLY A 564 24.95 63.01 -17.99
N THR A 565 26.23 63.25 -18.28
CA THR A 565 27.05 62.51 -19.26
C THR A 565 26.73 61.00 -19.24
N PRO A 566 26.01 60.42 -20.21
CA PRO A 566 25.51 59.05 -19.97
C PRO A 566 26.54 57.96 -19.76
N LEU A 567 26.10 56.86 -19.19
CA LEU A 567 27.01 55.76 -19.00
C LEU A 567 27.01 54.90 -20.26
N ALA A 568 28.24 54.51 -20.57
CA ALA A 568 28.46 53.58 -21.66
C ALA A 568 28.01 52.21 -21.31
N PRO A 569 27.60 51.46 -22.32
CA PRO A 569 27.53 50.03 -22.13
C PRO A 569 28.69 49.35 -21.36
N THR A 570 28.26 48.42 -20.49
CA THR A 570 29.04 47.36 -19.85
C THR A 570 29.40 46.19 -20.84
N GLU A 571 30.65 45.72 -20.82
CA GLU A 571 31.09 44.61 -21.69
C GLU A 571 31.77 43.58 -20.85
N GLY A 572 31.82 42.38 -21.38
CA GLY A 572 32.43 41.25 -20.66
C GLY A 572 33.05 40.16 -21.51
N LYS A 573 34.19 39.66 -21.08
CA LYS A 573 34.77 38.47 -21.68
C LYS A 573 35.02 37.44 -20.53
N GLN A 574 34.70 36.18 -20.81
CA GLN A 574 34.96 35.08 -19.93
C GLN A 574 35.48 33.78 -20.59
N TRP A 575 36.66 33.37 -20.08
CA TRP A 575 37.23 32.00 -20.21
C TRP A 575 36.73 31.19 -19.03
N GLU A 576 36.09 30.06 -19.33
CA GLU A 576 35.63 29.09 -18.32
C GLU A 576 36.15 27.71 -18.69
N LEU A 577 36.57 26.96 -17.66
CA LEU A 577 37.04 25.57 -17.81
C LEU A 577 36.11 24.74 -16.94
N GLY A 578 35.65 23.61 -17.47
CA GLY A 578 34.52 22.91 -16.86
C GLY A 578 34.60 21.40 -16.80
N LEU A 579 33.78 20.79 -15.95
CA LEU A 579 33.78 19.35 -15.74
C LEU A 579 32.44 18.95 -15.16
N LYS A 580 31.63 18.35 -16.02
CA LYS A 580 30.34 17.81 -15.63
C LYS A 580 30.42 16.30 -15.65
N PHE A 581 29.71 15.71 -14.70
CA PHE A 581 29.68 14.28 -14.61
C PHE A 581 28.32 13.70 -14.12
N GLN A 582 27.78 12.79 -14.93
CA GLN A 582 26.61 11.99 -14.61
C GLN A 582 26.74 10.52 -15.01
N ALA A 583 26.71 9.63 -14.03
CA ALA A 583 26.84 8.20 -14.31
C ALA A 583 25.58 7.63 -15.02
N PRO A 584 25.75 6.80 -16.14
CA PRO A 584 24.64 6.34 -17.01
C PRO A 584 23.54 5.55 -16.30
N GLY A 585 22.33 6.10 -16.32
CA GLY A 585 21.27 5.69 -15.40
C GLY A 585 21.23 6.63 -14.20
N SER A 586 22.20 6.48 -13.26
CA SER A 586 22.26 7.23 -11.95
C SER A 586 21.61 8.64 -11.81
N ASN A 587 20.82 8.85 -10.77
CA ASN A 587 20.20 10.16 -10.48
C ASN A 587 21.02 11.11 -9.66
N SER A 588 22.27 11.25 -10.03
CA SER A 588 23.05 12.30 -9.45
C SER A 588 23.71 13.06 -10.59
N PHE A 589 24.13 14.29 -10.31
CA PHE A 589 24.78 15.14 -11.31
C PHE A 589 25.75 16.04 -10.56
N TYR A 590 27.01 16.02 -10.99
CA TYR A 590 28.07 16.82 -10.38
C TYR A 590 28.68 17.75 -11.41
N THR A 591 28.95 18.98 -11.00
CA THR A 591 29.72 19.91 -11.83
C THR A 591 30.75 20.71 -11.04
N ALA A 592 31.94 20.79 -11.61
CA ALA A 592 32.93 21.71 -11.14
C ALA A 592 33.19 22.70 -12.25
N SER A 593 33.20 23.99 -11.93
CA SER A 593 33.41 25.02 -12.92
C SER A 593 34.43 26.07 -12.44
N LEU A 594 35.31 26.46 -13.36
CA LEU A 594 36.44 27.34 -13.08
C LEU A 594 36.34 28.49 -14.04
N PHE A 595 36.41 29.72 -13.54
CA PHE A 595 36.05 30.87 -14.35
C PHE A 595 36.85 32.12 -14.10
N HIS A 596 37.07 32.90 -15.15
CA HIS A 596 37.69 34.21 -15.07
C HIS A 596 36.92 35.14 -15.99
N ILE A 597 36.28 36.15 -15.40
CA ILE A 597 35.38 37.06 -16.10
C ILE A 597 35.88 38.41 -15.82
N THR A 598 36.05 39.22 -16.87
CA THR A 598 36.33 40.66 -16.70
C THR A 598 35.22 41.55 -17.31
N GLN A 599 34.73 42.51 -16.54
CA GLN A 599 33.75 43.45 -17.05
C GLN A 599 34.45 44.80 -17.21
N GLU A 600 33.97 45.59 -18.17
CA GLU A 600 34.38 46.99 -18.38
C GLU A 600 33.16 47.89 -18.18
N ASN A 601 33.24 48.86 -17.29
CA ASN A 601 32.17 49.82 -17.06
C ASN A 601 31.01 49.26 -16.31
N VAL A 602 31.25 48.70 -15.16
CA VAL A 602 30.12 48.23 -14.39
C VAL A 602 29.50 49.54 -13.95
N ALA A 603 28.15 49.60 -13.92
CA ALA A 603 27.45 50.80 -13.41
C ALA A 603 27.10 50.65 -11.95
N SER A 604 27.80 51.38 -11.10
CA SER A 604 27.58 51.33 -9.68
C SER A 604 26.57 52.39 -9.37
N LYS A 605 26.15 52.43 -8.10
CA LYS A 605 25.25 53.44 -7.58
C LYS A 605 25.10 53.38 -6.07
N GLU A 606 25.36 54.48 -5.39
CA GLU A 606 25.14 54.55 -3.96
C GLU A 606 23.65 54.91 -3.66
N PRO A 607 22.93 54.40 -2.62
CA PRO A 607 21.49 54.75 -2.34
C PRO A 607 21.13 56.25 -2.45
N GLN A 608 21.40 56.98 -1.40
CA GLN A 608 21.65 58.45 -1.56
C GLN A 608 22.44 58.66 -2.78
N ASP A 609 21.79 59.11 -3.86
CA ASP A 609 22.29 59.48 -5.23
C ASP A 609 21.15 59.25 -6.17
N ASN A 610 21.21 59.89 -7.31
CA ASN A 610 20.24 59.65 -8.32
C ASN A 610 21.12 59.56 -9.52
N PHE A 611 22.32 59.04 -9.32
CA PHE A 611 23.17 58.87 -10.44
C PHE A 611 24.01 57.66 -10.25
N TYR A 612 24.63 57.31 -11.35
CA TYR A 612 25.46 56.17 -11.40
C TYR A 612 26.88 56.58 -11.69
N THR A 613 27.77 55.60 -11.74
CA THR A 613 29.16 55.81 -11.99
C THR A 613 29.65 54.57 -12.71
N SER A 614 30.47 54.77 -13.73
CA SER A 614 31.05 53.61 -14.39
C SER A 614 32.27 53.23 -13.58
N VAL A 615 32.64 51.98 -13.72
CA VAL A 615 33.84 51.54 -13.08
C VAL A 615 34.69 50.91 -14.15
N GLY A 616 35.95 51.35 -14.22
CA GLY A 616 36.80 51.08 -15.36
C GLY A 616 36.78 49.62 -15.70
N GLU A 617 36.91 48.76 -14.69
CA GLU A 617 36.95 47.30 -14.90
C GLU A 617 36.86 46.54 -13.60
N VAL A 618 36.15 45.42 -13.60
CA VAL A 618 36.20 44.51 -12.47
C VAL A 618 36.44 43.12 -12.95
N ARG A 619 37.15 42.33 -12.14
CA ARG A 619 37.43 40.94 -12.47
C ARG A 619 37.10 39.94 -11.36
N SER A 620 36.54 38.80 -11.77
CA SER A 620 36.13 37.75 -10.87
C SER A 620 36.67 36.46 -11.40
N GLN A 621 37.37 35.74 -10.55
CA GLN A 621 37.85 34.42 -10.88
C GLN A 621 37.56 33.53 -9.68
N GLY A 622 37.20 32.30 -9.97
CA GLY A 622 36.87 31.39 -8.90
C GLY A 622 36.36 30.04 -9.37
N LEU A 623 35.75 29.34 -8.42
CA LEU A 623 35.35 27.96 -8.60
C LEU A 623 33.96 27.67 -8.06
N GLU A 624 33.23 26.81 -8.77
CA GLU A 624 31.89 26.44 -8.37
C GLU A 624 31.71 24.93 -8.43
N LEU A 625 31.41 24.34 -7.29
CA LEU A 625 31.14 22.95 -7.19
C LEU A 625 29.66 22.80 -6.81
N GLU A 626 28.90 22.08 -7.63
CA GLU A 626 27.44 21.82 -7.40
C GLU A 626 27.21 20.32 -7.48
N ALA A 627 26.32 19.84 -6.63
CA ALA A 627 26.07 18.43 -6.55
C ALA A 627 24.68 18.22 -6.11
N HIS A 628 23.91 17.65 -7.00
CA HIS A 628 22.67 17.04 -6.59
C HIS A 628 22.87 15.51 -6.57
N THR A 629 22.57 14.87 -5.44
CA THR A 629 22.63 13.40 -5.38
C THR A 629 21.29 12.82 -4.94
N GLN A 630 20.98 11.64 -5.47
CA GLN A 630 19.82 10.81 -5.02
C GLN A 630 20.31 9.69 -4.05
N LEU A 631 20.68 10.09 -2.82
CA LEU A 631 21.37 9.21 -1.82
C LEU A 631 20.59 7.90 -1.60
N SER A 632 19.24 7.84 -1.71
CA SER A 632 18.51 6.54 -1.80
C SER A 632 17.12 6.64 -2.50
N ASP A 633 16.20 5.79 -2.09
CA ASP A 633 14.88 5.83 -2.68
C ASP A 633 14.04 6.94 -2.08
N ASN A 634 14.33 7.25 -0.81
CA ASN A 634 13.72 8.40 -0.13
C ASN A 634 14.66 9.54 0.20
N LEU A 635 15.93 9.33 0.53
CA LEU A 635 16.83 10.49 0.77
C LEU A 635 17.30 11.18 -0.54
N LYS A 636 17.09 12.52 -0.69
CA LYS A 636 17.73 13.37 -1.76
C LYS A 636 18.53 14.59 -1.25
N LEU A 637 19.56 14.96 -2.00
CA LEU A 637 20.51 15.96 -1.55
C LEU A 637 20.91 17.07 -2.57
N LEU A 638 21.16 18.28 -2.03
CA LEU A 638 21.71 19.45 -2.71
C LEU A 638 22.86 20.00 -1.92
N GLY A 639 23.95 20.28 -2.62
CA GLY A 639 25.10 20.81 -1.97
C GLY A 639 25.96 21.59 -2.93
N SER A 640 26.57 22.65 -2.43
CA SER A 640 27.35 23.53 -3.29
C SER A 640 28.46 24.28 -2.58
N TYR A 641 29.55 24.52 -3.29
CA TYR A 641 30.60 25.36 -2.79
C TYR A 641 30.93 26.39 -3.87
N THR A 642 31.12 27.63 -3.41
CA THR A 642 31.40 28.80 -4.25
C THR A 642 32.58 29.64 -3.68
N TYR A 643 33.71 29.51 -4.38
CA TYR A 643 34.88 30.36 -4.22
C TYR A 643 34.90 31.49 -5.30
N THR A 644 34.93 32.76 -4.84
CA THR A 644 34.75 33.96 -5.69
C THR A 644 35.85 35.02 -5.31
N ASP A 645 36.75 35.36 -6.22
CA ASP A 645 37.79 36.37 -5.93
C ASP A 645 37.65 37.49 -6.90
N ILE A 646 37.10 38.60 -6.43
CA ILE A 646 36.64 39.66 -7.33
C ILE A 646 37.32 40.93 -6.93
N THR A 647 37.68 41.76 -7.91
CA THR A 647 38.50 42.95 -7.68
C THR A 647 38.39 44.05 -8.72
N TYR A 648 38.28 45.30 -8.24
CA TYR A 648 38.38 46.51 -9.09
C TYR A 648 39.82 46.63 -9.66
N THR A 649 39.96 46.52 -10.97
CA THR A 649 41.27 46.47 -11.60
C THR A 649 41.54 47.64 -12.49
N LYS A 650 40.52 48.37 -12.92
CA LYS A 650 40.73 49.79 -13.22
C LYS A 650 39.68 50.54 -12.44
N SER A 651 40.11 51.45 -11.62
CA SER A 651 39.17 52.38 -11.03
C SER A 651 39.89 53.66 -10.70
N LEU A 652 39.25 54.79 -11.03
CA LEU A 652 39.77 56.13 -10.71
C LEU A 652 38.99 56.75 -9.55
N ASP A 653 38.98 56.06 -8.44
CA ASP A 653 38.39 56.57 -7.23
C ASP A 653 39.28 56.24 -6.06
N GLY A 654 40.52 55.79 -6.29
CA GLY A 654 41.39 55.31 -5.21
C GLY A 654 40.91 54.06 -4.48
N ASN A 655 40.11 53.25 -5.17
CA ASN A 655 39.76 51.93 -4.69
C ASN A 655 40.28 50.86 -5.68
N GLN A 656 41.19 51.25 -6.58
CA GLN A 656 41.79 50.28 -7.50
C GLN A 656 42.52 49.30 -6.66
N GLY A 657 42.40 48.02 -7.01
CA GLY A 657 42.95 46.93 -6.19
C GLY A 657 42.00 46.40 -5.12
N HIS A 658 41.19 47.29 -4.54
CA HIS A 658 40.19 46.89 -3.58
C HIS A 658 39.23 45.82 -4.12
N THR A 659 38.51 45.21 -3.18
CA THR A 659 37.44 44.30 -3.49
C THR A 659 36.04 44.88 -3.26
N PRO A 660 35.12 44.62 -4.20
CA PRO A 660 33.79 45.11 -4.08
C PRO A 660 33.03 44.56 -2.90
N ASN A 661 32.18 45.39 -2.35
CA ASN A 661 31.37 45.00 -1.19
C ASN A 661 30.18 44.25 -1.66
N GLN A 662 29.48 43.64 -0.70
CA GLN A 662 28.38 42.73 -1.01
C GLN A 662 28.84 41.60 -1.97
N ALA A 663 30.08 41.15 -1.87
CA ALA A 663 30.51 40.02 -2.66
C ALA A 663 31.23 39.04 -1.78
N PRO A 664 30.66 37.88 -1.54
CA PRO A 664 31.35 37.01 -0.62
C PRO A 664 32.25 36.05 -1.35
N LYS A 665 33.39 35.82 -0.71
CA LYS A 665 34.44 35.00 -1.25
C LYS A 665 34.05 33.56 -1.15
N HIS A 666 33.53 33.21 0.02
CA HIS A 666 33.17 31.85 0.32
C HIS A 666 31.74 31.76 0.71
N MET A 667 31.04 30.84 0.05
CA MET A 667 29.72 30.44 0.52
C MET A 667 29.52 28.99 0.13
N ALA A 668 28.97 28.19 1.05
CA ALA A 668 28.51 26.83 0.77
C ALA A 668 27.11 26.56 1.36
N SER A 669 26.40 25.57 0.83
CA SER A 669 25.12 25.18 1.40
C SER A 669 24.74 23.73 1.06
N LEU A 670 24.18 23.02 2.06
CA LEU A 670 23.70 21.66 1.89
C LEU A 670 22.23 21.71 2.20
N TRP A 671 21.48 20.84 1.53
CA TRP A 671 20.05 20.66 1.78
C TRP A 671 19.65 19.24 1.46
N ALA A 672 18.98 18.58 2.42
CA ALA A 672 18.45 17.24 2.22
C ALA A 672 16.97 17.21 2.60
N ASP A 673 16.30 16.18 2.08
CA ASP A 673 14.91 15.85 2.42
C ASP A 673 14.69 14.37 2.17
N TYR A 674 14.32 13.60 3.21
CA TYR A 674 13.83 12.20 3.02
C TYR A 674 12.44 11.93 3.52
N ALA A 675 11.70 11.12 2.71
CA ALA A 675 10.24 10.88 2.75
C ALA A 675 9.82 9.38 2.80
N PHE A 676 9.19 8.95 3.88
CA PHE A 676 8.99 7.51 4.14
C PHE A 676 7.82 6.91 3.35
N ASP A 677 7.88 5.56 3.11
CA ASP A 677 6.69 4.61 2.88
C ASP A 677 6.57 3.40 3.87
N ALA A 678 7.45 3.36 4.90
CA ALA A 678 7.28 2.49 6.10
C ALA A 678 5.78 2.65 6.52
N GLY A 679 5.06 1.55 6.73
CA GLY A 679 3.73 1.55 7.37
C GLY A 679 3.47 2.66 8.40
N PRO A 680 4.33 2.76 9.49
CA PRO A 680 4.10 3.83 10.48
C PRO A 680 3.96 5.26 9.91
N LEU A 681 4.74 5.57 8.87
CA LEU A 681 5.02 6.94 8.53
C LEU A 681 4.87 7.20 7.03
N SER A 682 3.94 6.53 6.35
CA SER A 682 3.88 6.68 4.88
C SER A 682 3.38 8.07 4.49
N GLY A 683 4.11 8.72 3.57
CA GLY A 683 3.85 10.10 3.17
C GLY A 683 4.53 11.17 3.99
N LEU A 684 4.97 10.84 5.21
CA LEU A 684 5.75 11.79 6.00
C LEU A 684 7.10 12.01 5.33
N SER A 685 7.58 13.28 5.40
CA SER A 685 8.90 13.79 4.93
C SER A 685 9.51 14.85 5.86
N ILE A 686 10.76 14.62 6.28
CA ILE A 686 11.54 15.61 7.02
C ILE A 686 12.61 16.04 6.07
N GLY A 687 12.80 17.36 5.99
CA GLY A 687 13.89 17.99 5.23
C GLY A 687 14.46 19.24 5.88
N GLY A 688 15.67 19.58 5.49
CA GLY A 688 16.36 20.75 6.03
C GLY A 688 17.68 21.04 5.33
N GLY A 689 18.35 22.09 5.78
CA GLY A 689 19.63 22.49 5.21
C GLY A 689 20.26 23.61 5.98
N ALA A 690 21.55 23.80 5.75
CA ALA A 690 22.22 24.98 6.24
C ALA A 690 22.87 25.69 5.08
N ARG A 691 22.98 27.00 5.31
CA ARG A 691 23.43 27.92 4.35
C ARG A 691 24.51 28.77 4.96
N TYR A 692 25.65 28.81 4.28
CA TYR A 692 26.77 29.56 4.76
C TYR A 692 27.08 30.63 3.78
N VAL A 693 27.35 31.80 4.35
CA VAL A 693 27.87 32.93 3.64
C VAL A 693 29.06 33.45 4.41
N GLY A 694 30.13 33.67 3.67
CA GLY A 694 31.36 34.22 4.20
C GLY A 694 31.22 35.65 4.66
N GLU A 695 32.37 36.20 5.00
CA GLU A 695 32.46 37.62 5.23
C GLU A 695 32.10 38.39 3.93
N THR A 696 31.71 39.65 4.08
CA THR A 696 31.44 40.56 2.94
C THR A 696 32.20 41.82 3.26
N TRP A 697 32.28 42.80 2.37
CA TRP A 697 33.11 43.95 2.75
C TRP A 697 32.38 45.13 3.48
N ALA A 698 31.14 45.50 3.13
CA ALA A 698 30.51 46.76 3.68
C ALA A 698 30.94 48.08 2.97
N ASP A 699 32.04 48.06 2.27
CA ASP A 699 32.78 49.24 1.96
C ASP A 699 33.43 49.05 0.59
N LYS A 700 33.24 49.96 -0.37
CA LYS A 700 34.16 49.94 -1.53
C LYS A 700 35.60 50.22 -1.12
N GLU A 701 35.78 50.95 -0.02
CA GLU A 701 37.11 51.35 0.50
C GLU A 701 37.65 50.31 1.53
N ASN A 702 36.89 49.25 1.71
CA ASN A 702 37.31 48.07 2.45
C ASN A 702 37.78 48.37 3.86
N THR A 703 37.01 49.14 4.59
CA THR A 703 37.43 49.52 5.94
C THR A 703 36.78 48.71 7.03
N LEU A 704 35.52 48.31 6.87
CA LEU A 704 34.79 47.52 7.86
C LEU A 704 34.62 46.21 7.22
N ARG A 705 34.23 45.16 7.93
CA ARG A 705 33.93 43.85 7.30
C ARG A 705 32.63 43.42 7.96
N VAL A 706 31.74 42.76 7.24
CA VAL A 706 30.50 42.22 7.86
C VAL A 706 30.78 40.76 8.24
N PRO A 707 30.57 40.35 9.52
CA PRO A 707 30.68 38.93 9.84
C PRO A 707 29.90 37.96 8.93
N ASP A 708 30.39 36.74 8.96
CA ASP A 708 29.86 35.60 8.19
C ASP A 708 28.69 35.12 8.94
N TYR A 709 27.97 34.20 8.33
CA TYR A 709 26.76 33.72 8.95
C TYR A 709 26.31 32.37 8.41
N THR A 710 25.81 31.54 9.32
CA THR A 710 25.23 30.29 8.90
C THR A 710 23.82 30.26 9.36
N LEU A 711 22.91 29.85 8.48
CA LEU A 711 21.48 29.81 8.74
C LEU A 711 21.00 28.41 8.53
N VAL A 712 20.02 28.00 9.34
CA VAL A 712 19.45 26.65 9.29
C VAL A 712 18.01 26.73 8.80
N ASP A 713 17.60 25.75 8.03
CA ASP A 713 16.24 25.71 7.53
C ASP A 713 15.72 24.31 7.62
N ALA A 714 14.42 24.20 7.83
CA ALA A 714 13.79 22.98 8.25
C ALA A 714 12.36 22.87 7.72
N ARG A 715 11.90 21.63 7.49
CA ARG A 715 10.50 21.33 7.09
C ARG A 715 9.97 19.93 7.43
N ILE A 716 8.70 19.86 7.80
CA ILE A 716 8.03 18.58 7.89
C ILE A 716 6.86 18.64 6.94
N GLY A 717 6.62 17.52 6.27
CA GLY A 717 5.51 17.44 5.30
C GLY A 717 4.84 16.11 5.44
N TYR A 718 3.54 16.09 5.14
CA TYR A 718 2.80 14.90 5.38
C TYR A 718 1.62 14.85 4.44
N ASP A 719 1.56 13.78 3.63
CA ASP A 719 0.38 13.48 2.77
C ASP A 719 -0.74 12.96 3.65
N LEU A 720 -1.75 13.80 3.90
CA LEU A 720 -2.97 13.40 4.62
C LEU A 720 -3.89 12.48 3.80
N GLY A 721 -3.52 12.25 2.51
CA GLY A 721 -4.16 11.25 1.63
C GLY A 721 -4.10 9.81 2.14
N LYS A 722 -2.94 9.46 2.73
CA LYS A 722 -2.72 8.14 3.36
C LYS A 722 -3.58 7.96 4.60
N LEU A 723 -3.52 8.93 5.55
CA LEU A 723 -4.49 9.03 6.65
C LEU A 723 -5.97 9.19 6.18
N GLY A 724 -6.37 8.87 4.94
CA GLY A 724 -7.80 8.81 4.54
C GLY A 724 -8.35 9.96 3.65
N LEU A 725 -8.11 11.24 4.03
CA LEU A 725 -8.54 12.46 3.29
C LEU A 725 -7.71 12.62 1.99
N LYS A 726 -8.03 11.85 0.95
CA LYS A 726 -7.18 11.70 -0.27
C LYS A 726 -7.01 13.01 -1.03
N GLY A 727 -5.80 13.34 -1.49
CA GLY A 727 -5.51 14.58 -2.30
C GLY A 727 -4.99 15.73 -1.44
N LEU A 728 -5.64 15.92 -0.29
CA LEU A 728 -5.18 16.84 0.77
C LEU A 728 -3.78 16.46 1.28
N ASP A 729 -2.92 17.47 1.47
CA ASP A 729 -1.61 17.32 2.16
C ASP A 729 -1.21 18.59 2.87
N VAL A 730 -0.37 18.48 3.88
CA VAL A 730 -0.10 19.61 4.73
C VAL A 730 1.41 19.74 4.75
N SER A 731 1.87 20.78 5.45
CA SER A 731 3.26 21.14 5.44
C SER A 731 3.61 22.31 6.39
N LEU A 732 4.59 22.10 7.26
CA LEU A 732 5.14 23.16 8.12
C LEU A 732 6.63 23.45 7.76
N ASN A 733 6.99 24.70 7.38
CA ASN A 733 8.43 25.08 7.15
C ASN A 733 8.91 26.21 8.06
N ALA A 734 10.22 26.32 8.17
CA ALA A 734 10.79 27.39 8.96
C ALA A 734 12.14 27.72 8.43
N ASN A 735 12.27 29.01 8.08
CA ASN A 735 13.44 29.53 7.43
C ASN A 735 14.14 30.48 8.37
N ASN A 736 15.43 30.20 8.54
CA ASN A 736 16.31 30.71 9.60
C ASN A 736 15.84 30.18 10.91
N LEU A 737 15.79 28.87 11.04
CA LEU A 737 15.18 28.18 12.20
C LEU A 737 15.80 28.62 13.49
N LEU A 738 17.08 28.90 13.42
CA LEU A 738 17.75 29.39 14.58
C LEU A 738 17.60 30.88 14.82
N ASP A 739 16.74 31.53 14.07
CA ASP A 739 16.38 32.93 14.23
C ASP A 739 17.57 33.85 14.49
N LYS A 740 18.54 33.80 13.58
CA LYS A 740 19.70 34.65 13.70
C LYS A 740 19.31 36.12 13.53
N ASP A 741 19.99 36.96 14.29
CA ASP A 741 19.89 38.40 14.13
C ASP A 741 21.17 38.91 13.47
N TYR A 742 21.14 39.26 12.19
CA TYR A 742 22.41 39.46 11.50
C TYR A 742 22.30 40.47 10.41
N VAL A 743 23.40 41.12 10.07
CA VAL A 743 23.41 41.99 8.89
C VAL A 743 23.78 41.14 7.64
N ALA A 744 22.90 41.07 6.63
CA ALA A 744 23.18 40.22 5.45
C ALA A 744 24.26 40.77 4.47
N SER A 745 24.15 42.07 4.15
CA SER A 745 25.17 42.80 3.37
C SER A 745 25.19 44.29 3.69
N CYS A 746 26.10 45.01 3.08
CA CYS A 746 25.92 46.48 3.09
C CYS A 746 26.23 47.13 1.76
N TYR A 747 25.40 48.08 1.36
CA TYR A 747 25.63 48.76 0.13
C TYR A 747 26.75 49.73 0.32
N SER A 748 26.76 50.38 1.46
CA SER A 748 27.82 51.33 1.76
C SER A 748 27.94 51.34 3.26
N LEU A 749 28.70 52.28 3.77
CA LEU A 749 28.81 52.44 5.22
C LEU A 749 27.60 52.96 5.95
N ASP A 750 26.70 53.58 5.19
CA ASP A 750 25.50 54.22 5.70
C ASP A 750 24.21 53.38 5.48
N PHE A 751 24.38 52.28 4.75
CA PHE A 751 23.27 51.39 4.44
C PHE A 751 23.68 49.94 4.58
N CYS A 752 23.27 49.32 5.68
CA CYS A 752 23.52 47.92 5.99
C CYS A 752 22.17 47.35 6.21
N TYR A 753 21.94 46.12 5.79
CA TYR A 753 20.61 45.58 5.88
C TYR A 753 20.49 44.31 6.65
N PHE A 754 19.41 44.22 7.40
CA PHE A 754 19.16 43.00 8.22
C PHE A 754 18.64 41.81 7.41
N GLY A 755 19.02 40.61 7.81
CA GLY A 755 18.52 39.40 7.19
C GLY A 755 17.22 39.05 7.80
N GLU A 756 16.45 38.27 7.05
CA GLU A 756 15.12 37.91 7.50
C GLU A 756 15.30 37.09 8.76
N LYS A 757 14.42 37.37 9.72
CA LYS A 757 14.25 36.58 10.93
C LYS A 757 13.53 35.23 10.63
N ARG A 758 13.11 34.52 11.69
CA ARG A 758 12.57 33.20 11.50
C ARG A 758 11.20 33.27 10.81
N ASN A 759 11.00 32.46 9.77
CA ASN A 759 9.79 32.49 8.97
C ASN A 759 9.14 31.15 8.96
N VAL A 760 8.18 31.02 9.87
CA VAL A 760 7.30 29.86 9.96
C VAL A 760 6.00 29.94 9.15
N THR A 761 5.73 28.82 8.48
CA THR A 761 4.78 28.75 7.40
C THR A 761 4.18 27.39 7.36
N ALA A 762 2.96 27.34 7.88
CA ALA A 762 2.16 26.14 7.87
C ALA A 762 1.20 26.23 6.67
N THR A 763 1.23 25.22 5.79
CA THR A 763 0.58 25.24 4.45
C THR A 763 -0.23 23.96 4.13
N VAL A 764 -1.30 24.15 3.36
CA VAL A 764 -2.25 23.10 3.03
C VAL A 764 -2.48 23.08 1.51
N ASN A 765 -2.74 21.90 0.97
CA ASN A 765 -2.89 21.68 -0.47
C ASN A 765 -4.08 20.83 -0.82
N TYR A 766 -4.49 20.82 -2.08
CA TYR A 766 -5.62 19.99 -2.47
C TYR A 766 -5.51 19.70 -3.96
N GLN A 767 -5.34 18.43 -4.37
CA GLN A 767 -4.95 18.13 -5.78
C GLN A 767 -6.11 17.69 -6.71
N PHE A 768 -5.73 17.41 -8.00
CA PHE A 768 -6.40 16.57 -9.09
C PHE A 768 -5.46 16.51 -10.35
N GLU B 1 22.95 9.41 -35.86
CA GLU B 1 23.87 8.70 -36.76
C GLU B 1 24.77 7.83 -35.92
N GLN B 2 25.25 8.39 -34.79
CA GLN B 2 26.32 7.86 -33.92
C GLN B 2 25.54 7.29 -32.73
N ALA B 3 26.23 6.51 -31.89
CA ALA B 3 25.66 5.67 -30.80
C ALA B 3 25.78 6.33 -29.46
N ARG B 4 25.15 5.79 -28.43
CA ARG B 4 25.48 6.16 -27.03
C ARG B 4 25.87 4.91 -26.31
N PRO B 5 26.39 5.04 -25.09
CA PRO B 5 26.73 3.88 -24.30
C PRO B 5 25.74 3.64 -23.20
N TYR B 6 25.12 2.48 -23.15
CA TYR B 6 24.08 2.25 -22.13
C TYR B 6 24.50 1.30 -21.02
N ALA B 7 23.77 1.37 -19.92
CA ALA B 7 24.01 0.57 -18.74
C ALA B 7 22.66 0.19 -18.21
N ILE B 8 22.16 -0.99 -18.61
CA ILE B 8 20.77 -1.46 -18.26
C ILE B 8 20.66 -2.92 -17.74
N PRO B 9 20.13 -3.15 -16.48
CA PRO B 9 19.95 -4.48 -15.77
C PRO B 9 19.28 -5.64 -16.57
N ALA B 10 18.35 -6.41 -16.01
CA ALA B 10 17.48 -7.23 -16.88
C ALA B 10 16.08 -7.22 -16.25
N GLY B 11 15.10 -7.94 -16.87
CA GLY B 11 13.66 -8.03 -16.37
C GLY B 11 12.47 -7.68 -17.30
N GLN B 12 11.24 -8.19 -17.01
CA GLN B 12 10.18 -8.47 -18.05
C GLN B 12 10.17 -7.43 -19.18
N LEU B 13 11.23 -7.50 -20.05
CA LEU B 13 11.41 -6.88 -21.38
C LEU B 13 10.67 -5.59 -21.67
N GLY B 14 9.41 -5.55 -21.28
CA GLY B 14 8.67 -4.32 -21.05
C GLY B 14 9.50 -3.26 -20.36
N ASP B 15 10.03 -3.56 -19.18
CA ASP B 15 10.81 -2.57 -18.41
C ASP B 15 12.10 -2.22 -19.10
N VAL B 16 12.85 -3.25 -19.46
CA VAL B 16 14.09 -3.05 -20.22
C VAL B 16 13.88 -2.25 -21.53
N LEU B 17 12.76 -2.42 -22.19
CA LEU B 17 12.44 -1.63 -23.38
C LEU B 17 12.08 -0.22 -23.01
N ASN B 18 11.43 -0.07 -21.85
CA ASN B 18 11.16 1.24 -21.26
C ASN B 18 12.42 1.99 -20.88
N ARG B 19 13.29 1.44 -20.01
CA ARG B 19 14.56 2.11 -19.54
C ARG B 19 15.22 2.53 -20.86
N PHE B 20 15.39 1.62 -21.80
CA PHE B 20 16.07 1.92 -23.02
C PHE B 20 15.47 3.10 -23.73
N ALA B 21 14.16 3.04 -23.97
CA ALA B 21 13.37 4.14 -24.56
C ALA B 21 13.56 5.53 -23.94
N ARG B 22 13.54 5.56 -22.60
CA ARG B 22 13.76 6.77 -21.79
C ARG B 22 15.15 7.27 -22.10
N GLU B 23 16.16 6.41 -21.87
CA GLU B 23 17.62 6.71 -21.96
C GLU B 23 18.07 7.01 -23.38
N ALA B 24 17.46 6.38 -24.38
CA ALA B 24 17.74 6.71 -25.80
C ALA B 24 17.05 7.99 -26.28
N GLY B 25 15.99 8.42 -25.55
CA GLY B 25 15.14 9.52 -25.98
C GLY B 25 14.37 9.22 -27.26
N ILE B 26 13.61 8.13 -27.23
CA ILE B 26 12.72 7.81 -28.32
C ILE B 26 11.34 7.52 -27.77
N THR B 27 10.53 6.86 -28.58
CA THR B 27 9.20 6.48 -28.15
C THR B 27 8.85 5.16 -28.75
N LEU B 28 8.81 4.13 -27.92
CA LEU B 28 8.40 2.86 -28.39
C LEU B 28 6.93 2.70 -28.08
N SER B 29 6.16 2.33 -29.10
CA SER B 29 4.72 2.18 -28.96
C SER B 29 4.53 0.70 -29.07
N ALA B 30 4.07 0.09 -28.00
CA ALA B 30 4.04 -1.38 -27.87
C ALA B 30 3.01 -1.74 -26.84
N THR B 31 2.65 -3.03 -26.77
CA THR B 31 1.47 -3.48 -25.99
C THR B 31 1.96 -4.55 -25.08
N PRO B 32 1.28 -4.72 -23.94
CA PRO B 32 1.73 -5.73 -23.04
C PRO B 32 1.51 -7.13 -23.63
N ALA B 33 0.63 -7.22 -24.62
CA ALA B 33 0.31 -8.44 -25.35
C ALA B 33 1.54 -8.99 -26.02
N GLN B 34 2.41 -8.10 -26.44
CA GLN B 34 3.47 -8.47 -27.33
C GLN B 34 4.86 -8.51 -26.62
N THR B 35 5.04 -7.70 -25.58
CA THR B 35 6.21 -7.80 -24.75
C THR B 35 6.02 -8.78 -23.64
N GLY B 36 4.88 -9.48 -23.61
CA GLY B 36 4.38 -10.10 -22.37
C GLY B 36 5.27 -11.15 -21.70
N GLY B 37 5.27 -12.32 -22.31
CA GLY B 37 5.92 -13.48 -21.72
C GLY B 37 7.40 -13.33 -21.69
N TYR B 38 7.92 -12.53 -22.61
CA TYR B 38 9.35 -12.24 -22.73
C TYR B 38 9.88 -11.61 -21.46
N SER B 39 11.14 -11.81 -21.18
CA SER B 39 11.53 -11.54 -19.79
C SER B 39 13.01 -11.63 -19.93
N SER B 40 13.76 -10.50 -19.91
CA SER B 40 15.18 -10.65 -20.23
C SER B 40 16.15 -9.52 -20.49
N GLN B 41 17.32 -10.12 -20.49
CA GLN B 41 18.60 -9.68 -20.89
C GLN B 41 19.33 -8.59 -20.23
N GLY B 42 19.27 -7.46 -20.88
CA GLY B 42 20.13 -6.38 -20.46
C GLY B 42 20.77 -5.68 -21.64
N LEU B 43 21.31 -4.48 -21.32
CA LEU B 43 22.13 -3.71 -22.26
C LEU B 43 23.47 -3.08 -21.77
N ARG B 44 24.46 -3.35 -22.61
CA ARG B 44 25.82 -3.51 -22.20
C ARG B 44 26.66 -2.56 -23.04
N GLY B 45 26.27 -1.28 -23.08
CA GLY B 45 27.02 -0.18 -23.75
C GLY B 45 27.16 -0.23 -25.28
N SER B 46 27.01 0.91 -25.97
CA SER B 46 27.68 1.21 -27.28
C SER B 46 26.86 0.86 -28.50
N PHE B 47 25.65 1.42 -28.59
CA PHE B 47 24.71 1.11 -29.66
C PHE B 47 23.99 2.33 -30.27
N THR B 48 23.67 2.23 -31.58
CA THR B 48 22.72 3.19 -32.21
C THR B 48 21.43 2.88 -31.53
N VAL B 49 20.42 3.69 -31.76
CA VAL B 49 19.15 3.34 -31.20
C VAL B 49 18.67 1.99 -31.78
N GLN B 50 18.52 1.94 -33.09
CA GLN B 50 18.06 0.73 -33.81
C GLN B 50 18.74 -0.57 -33.40
N GLN B 51 20.06 -0.56 -33.41
CA GLN B 51 20.81 -1.77 -33.10
C GLN B 51 20.67 -2.19 -31.66
N GLY B 52 20.44 -1.22 -30.79
CA GLY B 52 20.06 -1.54 -29.40
C GLY B 52 18.73 -2.28 -29.35
N LEU B 53 17.74 -1.75 -30.06
CA LEU B 53 16.44 -2.36 -30.17
C LEU B 53 16.56 -3.73 -30.74
N ALA B 54 17.28 -3.84 -31.85
CA ALA B 54 17.54 -5.14 -32.45
C ALA B 54 18.13 -6.14 -31.41
N ARG B 55 19.20 -5.70 -30.71
CA ARG B 55 19.96 -6.57 -29.77
C ARG B 55 19.08 -6.87 -28.54
N LEU B 56 18.16 -5.96 -28.16
CA LEU B 56 17.17 -6.26 -27.06
C LEU B 56 16.13 -7.31 -27.39
N LEU B 57 15.58 -7.22 -28.59
CA LEU B 57 14.62 -8.18 -29.06
C LEU B 57 15.32 -9.18 -29.93
N ALA B 58 16.60 -9.39 -29.68
CA ALA B 58 17.37 -10.29 -30.49
C ALA B 58 16.93 -11.72 -30.28
N ASP B 59 16.58 -12.03 -29.05
CA ASP B 59 16.17 -13.38 -28.73
C ASP B 59 14.68 -13.58 -28.78
N THR B 60 13.97 -12.64 -29.37
CA THR B 60 12.54 -12.74 -29.49
C THR B 60 12.15 -12.51 -30.93
N PRO B 61 10.90 -12.82 -31.29
CA PRO B 61 10.42 -12.61 -32.65
C PRO B 61 9.71 -11.28 -32.72
N LEU B 62 10.34 -10.20 -32.28
CA LEU B 62 9.64 -8.95 -32.28
C LEU B 62 9.95 -8.01 -33.40
N GLU B 63 11.01 -7.18 -33.28
CA GLU B 63 11.63 -6.22 -34.17
C GLU B 63 10.82 -4.92 -34.12
N ALA B 64 11.50 -3.80 -34.13
CA ALA B 64 10.83 -2.51 -34.05
C ALA B 64 11.15 -1.62 -35.27
N GLU B 65 10.14 -1.03 -35.90
CA GLU B 65 10.35 -0.41 -37.21
C GLU B 65 10.09 1.08 -37.04
N ASP B 66 9.94 1.80 -38.16
CA ASP B 66 9.46 3.21 -38.19
C ASP B 66 10.60 4.17 -37.83
N GLN B 67 10.33 5.42 -38.16
CA GLN B 67 11.21 6.51 -37.85
C GLN B 67 10.47 7.81 -38.06
N GLY B 68 11.21 8.88 -38.29
CA GLY B 68 10.65 10.12 -38.59
C GLY B 68 10.88 10.92 -37.34
N ASP B 69 10.60 10.41 -36.16
CA ASP B 69 10.80 11.23 -34.97
C ASP B 69 10.98 10.35 -33.78
N GLY B 70 11.78 9.33 -33.92
CA GLY B 70 11.93 8.36 -32.81
C GLY B 70 10.57 7.83 -32.38
N SER B 71 9.77 7.48 -33.38
CA SER B 71 8.52 6.83 -33.18
C SER B 71 8.82 5.48 -33.75
N PHE B 72 8.79 4.49 -32.85
CA PHE B 72 8.96 3.13 -33.23
C PHE B 72 7.74 2.34 -32.78
N VAL B 73 7.58 1.16 -33.34
CA VAL B 73 6.50 0.25 -32.92
C VAL B 73 6.97 -1.14 -33.08
N LEU B 74 6.42 -2.02 -32.28
CA LEU B 74 6.78 -3.39 -32.38
C LEU B 74 6.00 -4.14 -33.49
N ARG B 75 6.52 -5.27 -34.00
CA ARG B 75 5.88 -5.99 -35.13
C ARG B 75 5.92 -7.54 -35.16
N GLU B 76 6.88 -8.16 -35.87
CA GLU B 76 7.10 -9.64 -35.96
C GLU B 76 8.35 -9.92 -36.85
N ALA B 77 8.72 -11.12 -37.35
CA ALA B 77 9.97 -11.16 -38.21
C ALA B 77 10.31 -12.14 -39.38
N PRO B 78 10.89 -13.41 -39.15
CA PRO B 78 11.54 -14.27 -40.23
C PRO B 78 10.58 -15.18 -41.03
N ASP B 83 16.98 -21.86 -37.01
CA ASP B 83 17.17 -22.32 -35.63
C ASP B 83 15.86 -22.26 -34.77
N VAL B 84 15.86 -21.72 -33.53
CA VAL B 84 14.80 -22.08 -32.49
C VAL B 84 13.91 -20.96 -31.86
N LEU B 85 12.60 -20.99 -32.08
CA LEU B 85 11.74 -19.86 -31.71
C LEU B 85 11.41 -19.83 -30.22
N ASN B 86 11.53 -18.67 -29.61
CA ASN B 86 11.19 -18.53 -28.21
C ASN B 86 9.81 -17.95 -28.11
N MET B 87 8.83 -18.78 -27.83
CA MET B 87 7.46 -18.33 -27.70
C MET B 87 7.31 -17.66 -26.34
N GLN B 88 6.32 -16.78 -26.24
CA GLN B 88 5.96 -16.12 -24.98
C GLN B 88 5.66 -17.13 -23.95
N ALA B 89 5.94 -16.81 -22.70
CA ALA B 89 5.65 -17.72 -21.62
C ALA B 89 4.21 -17.55 -21.20
N VAL B 90 3.69 -18.50 -20.44
CA VAL B 90 2.31 -18.43 -20.00
C VAL B 90 2.16 -18.49 -18.49
N GLU B 91 1.16 -17.83 -17.96
CA GLU B 91 0.92 -17.83 -16.54
C GLU B 91 -0.42 -18.43 -16.35
N VAL B 92 -0.52 -19.69 -16.01
CA VAL B 92 -1.83 -20.28 -15.83
C VAL B 92 -2.16 -20.26 -14.37
N PHE B 93 -3.33 -19.77 -14.00
CA PHE B 93 -3.68 -19.64 -12.62
C PHE B 93 -4.84 -20.46 -12.16
N ALA B 94 -4.74 -21.03 -10.98
CA ALA B 94 -5.86 -21.67 -10.38
C ALA B 94 -6.75 -20.65 -9.69
N LEU B 95 -7.85 -20.31 -10.34
CA LEU B 95 -8.91 -19.52 -9.68
C LEU B 95 -9.77 -20.47 -8.82
N GLY B 96 -10.27 -20.02 -7.66
CA GLY B 96 -11.03 -20.86 -6.67
C GLY B 96 -10.33 -21.08 -5.32
N ASN B 97 -10.60 -22.20 -4.65
CA ASN B 97 -10.00 -22.44 -3.32
C ASN B 97 -9.42 -23.83 -3.02
N ASP B 103 -11.03 -16.60 4.66
CA ASP B 103 -11.89 -15.94 5.63
C ASP B 103 -11.40 -16.03 7.12
N GLY B 104 -12.02 -15.22 7.99
CA GLY B 104 -11.49 -14.82 9.32
C GLY B 104 -12.02 -15.57 10.52
N TYR B 105 -13.04 -15.06 11.23
CA TYR B 105 -13.76 -15.87 12.24
C TYR B 105 -14.85 -16.71 11.65
N LEU B 106 -15.09 -16.61 10.35
CA LEU B 106 -16.20 -17.31 9.73
C LEU B 106 -15.65 -18.43 9.00
N ALA B 107 -16.37 -19.56 9.00
CA ALA B 107 -16.14 -20.64 8.01
C ALA B 107 -17.46 -20.92 7.36
N THR B 108 -17.55 -21.02 6.04
CA THR B 108 -18.87 -21.38 5.46
C THR B 108 -18.96 -22.84 5.14
N HIS B 109 -17.90 -23.57 5.49
CA HIS B 109 -17.72 -24.85 4.97
C HIS B 109 -17.37 -25.83 6.04
N SER B 110 -18.10 -26.95 6.18
CA SER B 110 -17.58 -28.13 6.95
C SER B 110 -17.73 -29.56 6.36
N GLN B 111 -16.63 -30.29 6.50
CA GLN B 111 -16.53 -31.70 6.18
C GLN B 111 -17.17 -32.52 7.28
N ILE B 112 -17.21 -31.99 8.51
CA ILE B 112 -17.55 -32.84 9.69
C ILE B 112 -19.03 -33.18 9.74
N ALA B 113 -19.89 -32.17 9.59
CA ALA B 113 -21.33 -32.34 9.82
C ALA B 113 -22.00 -33.51 9.07
N THR B 114 -21.45 -33.78 7.89
CA THR B 114 -22.02 -34.58 6.84
C THR B 114 -21.11 -35.73 6.35
N LYS B 115 -19.93 -35.84 6.96
CA LYS B 115 -18.77 -36.64 6.49
C LYS B 115 -18.28 -36.39 5.08
N THR B 116 -18.69 -35.28 4.52
CA THR B 116 -18.39 -34.93 3.16
C THR B 116 -18.43 -33.45 3.11
N SER B 117 -17.65 -32.90 2.21
CA SER B 117 -17.56 -31.47 2.17
C SER B 117 -18.88 -30.84 1.65
N LYS B 118 -19.36 -29.81 2.34
CA LYS B 118 -20.67 -29.21 2.07
C LYS B 118 -20.81 -27.88 2.81
N PRO B 119 -21.33 -26.85 2.11
CA PRO B 119 -21.48 -25.59 2.77
C PRO B 119 -22.58 -25.63 3.81
N LEU B 120 -22.45 -24.75 4.80
CA LEU B 120 -23.34 -24.76 5.97
C LEU B 120 -24.68 -24.30 5.59
N LEU B 121 -24.72 -23.34 4.65
CA LEU B 121 -25.98 -22.91 4.05
C LEU B 121 -26.91 -24.11 3.58
N GLU B 122 -26.32 -25.26 3.20
CA GLU B 122 -27.08 -26.34 2.58
C GLU B 122 -27.16 -27.56 3.46
N THR B 123 -26.71 -27.41 4.70
CA THR B 123 -26.61 -28.51 5.66
C THR B 123 -27.76 -28.42 6.72
N SER B 124 -28.54 -29.49 6.89
CA SER B 124 -29.77 -29.38 7.75
C SER B 124 -29.55 -29.76 9.23
N GLN B 125 -28.60 -29.11 9.89
CA GLN B 125 -28.28 -29.35 11.32
C GLN B 125 -27.49 -28.13 11.80
N THR B 126 -27.83 -27.68 12.99
CA THR B 126 -27.23 -26.48 13.61
C THR B 126 -25.75 -26.76 13.81
N VAL B 127 -24.87 -25.95 13.20
CA VAL B 127 -23.41 -26.19 13.31
C VAL B 127 -22.53 -24.94 13.48
N SER B 128 -21.62 -24.93 14.43
CA SER B 128 -20.75 -23.79 14.60
C SER B 128 -19.37 -24.25 14.35
N VAL B 129 -18.53 -23.32 13.90
CA VAL B 129 -17.12 -23.59 13.69
C VAL B 129 -16.23 -22.61 14.39
N ILE B 130 -15.28 -22.98 15.18
CA ILE B 130 -14.43 -21.96 15.72
C ILE B 130 -13.07 -22.05 15.04
N THR B 131 -12.58 -20.92 14.55
CA THR B 131 -11.32 -20.89 13.77
C THR B 131 -10.11 -20.66 14.62
N ARG B 132 -8.95 -20.90 14.02
CA ARG B 132 -7.72 -20.65 14.72
C ARG B 132 -7.66 -19.26 15.13
N GLU B 133 -7.90 -18.38 14.16
CA GLU B 133 -7.85 -16.95 14.34
C GLU B 133 -8.60 -16.52 15.59
N GLN B 134 -9.78 -17.10 15.80
CA GLN B 134 -10.63 -16.82 16.98
C GLN B 134 -9.94 -17.24 18.26
N ILE B 135 -9.60 -18.53 18.29
CA ILE B 135 -8.99 -19.14 19.43
C ILE B 135 -7.84 -18.25 19.92
N ASP B 136 -7.00 -17.81 18.97
CA ASP B 136 -5.80 -17.03 19.28
C ASP B 136 -6.21 -15.56 19.59
N ASP B 137 -7.19 -15.00 18.90
CA ASP B 137 -7.62 -13.63 19.25
C ASP B 137 -8.26 -13.57 20.69
N THR B 138 -9.12 -14.57 21.03
CA THR B 138 -9.81 -14.65 22.36
C THR B 138 -8.99 -15.25 23.50
N ALA B 139 -7.79 -15.70 23.18
CA ALA B 139 -6.83 -16.25 24.15
C ALA B 139 -7.37 -17.49 24.84
N SER B 140 -8.23 -18.25 24.13
CA SER B 140 -8.80 -19.46 24.71
C SER B 140 -7.70 -20.47 24.90
N LYS B 141 -7.51 -20.84 26.15
CA LYS B 141 -6.42 -21.74 26.54
C LYS B 141 -6.92 -23.19 26.69
N THR B 142 -8.18 -23.51 26.46
CA THR B 142 -8.64 -24.91 26.52
C THR B 142 -9.69 -25.05 25.49
N VAL B 143 -10.06 -26.28 25.18
CA VAL B 143 -11.15 -26.47 24.21
C VAL B 143 -12.46 -25.92 24.81
N GLN B 144 -12.65 -26.21 26.08
CA GLN B 144 -13.77 -25.67 26.81
C GLN B 144 -13.90 -24.16 26.67
N GLN B 145 -12.79 -23.45 26.92
CA GLN B 145 -12.76 -21.99 26.85
C GLN B 145 -13.01 -21.43 25.41
N ALA B 146 -12.63 -22.16 24.36
CA ALA B 146 -12.77 -21.67 22.98
C ALA B 146 -14.24 -21.50 22.50
N MET B 147 -15.07 -22.31 23.15
CA MET B 147 -16.49 -22.16 23.01
C MET B 147 -17.18 -21.11 23.89
N ARG B 148 -16.46 -20.33 24.70
CA ARG B 148 -17.05 -19.26 25.51
C ARG B 148 -17.85 -18.22 24.70
N TYR B 149 -17.73 -18.21 23.36
CA TYR B 149 -18.43 -17.22 22.47
C TYR B 149 -19.42 -17.86 21.52
N THR B 150 -19.58 -19.15 21.63
CA THR B 150 -20.38 -19.96 20.72
C THR B 150 -21.74 -20.29 21.37
N PRO B 151 -22.86 -20.18 20.63
CA PRO B 151 -24.16 -20.30 21.31
C PRO B 151 -24.55 -21.72 21.57
N GLY B 152 -25.45 -21.87 22.54
CA GLY B 152 -26.03 -23.16 22.96
C GLY B 152 -25.09 -24.09 23.69
N ILE B 153 -23.96 -23.53 24.13
CA ILE B 153 -22.91 -24.23 24.82
C ILE B 153 -22.71 -23.35 26.04
N PHE B 154 -22.55 -24.00 27.19
CA PHE B 154 -22.19 -23.38 28.45
C PHE B 154 -20.80 -23.84 28.80
N THR B 155 -19.96 -22.84 29.08
CA THR B 155 -18.63 -23.16 29.51
C THR B 155 -18.58 -23.48 30.99
N GLY B 156 -18.59 -22.45 31.84
CA GLY B 156 -18.25 -22.63 33.28
C GLY B 156 -19.01 -23.73 34.00
N GLN B 157 -18.45 -24.92 34.14
CA GLN B 157 -19.25 -26.04 34.63
C GLN B 157 -18.59 -26.54 35.86
N VAL B 158 -17.28 -26.43 35.90
CA VAL B 158 -16.57 -26.78 37.09
C VAL B 158 -15.76 -25.52 37.35
N GLY B 159 -16.16 -24.43 36.71
CA GLY B 159 -15.44 -23.12 36.73
C GLY B 159 -14.00 -23.20 36.25
N ALA B 160 -13.09 -22.38 36.77
CA ALA B 160 -11.61 -22.43 36.50
C ALA B 160 -10.83 -23.70 36.26
N SER B 161 -11.37 -24.87 36.54
CA SER B 161 -10.57 -26.10 36.38
C SER B 161 -10.30 -26.43 34.92
N ASN B 162 -9.02 -26.66 34.62
CA ASN B 162 -8.58 -26.96 33.28
C ASN B 162 -8.12 -28.35 33.08
N ARG B 163 -8.51 -29.23 33.98
CA ARG B 163 -8.04 -30.61 33.95
C ARG B 163 -8.81 -31.45 32.93
N TYR B 164 -10.05 -31.06 32.71
CA TYR B 164 -10.88 -31.76 31.77
C TYR B 164 -11.71 -30.76 30.97
N ASP B 165 -12.00 -31.11 29.73
CA ASP B 165 -12.89 -30.30 28.87
C ASP B 165 -14.35 -30.79 29.06
N TYR B 166 -15.08 -29.97 29.80
CA TYR B 166 -16.48 -30.10 30.14
C TYR B 166 -17.21 -29.23 29.16
N VAL B 167 -18.27 -29.73 28.54
CA VAL B 167 -18.98 -29.03 27.46
C VAL B 167 -20.49 -29.25 27.42
N VAL B 168 -21.21 -28.24 27.81
CA VAL B 168 -22.59 -28.43 28.13
C VAL B 168 -23.43 -28.03 26.93
N MET B 169 -23.99 -29.02 26.27
CA MET B 169 -24.76 -28.76 25.09
C MET B 169 -26.27 -28.62 25.39
N ARG B 170 -26.83 -27.44 25.12
CA ARG B 170 -28.28 -27.20 25.18
C ARG B 170 -28.85 -27.52 26.54
N GLY B 171 -28.14 -27.09 27.59
CA GLY B 171 -28.57 -27.31 28.94
C GLY B 171 -28.39 -28.72 29.47
N PHE B 172 -28.00 -29.65 28.62
CA PHE B 172 -27.62 -30.96 29.11
C PHE B 172 -26.21 -30.95 29.69
N ALA B 173 -26.15 -30.78 31.01
CA ALA B 173 -24.88 -30.74 31.67
C ALA B 173 -24.44 -32.08 32.27
N ASP B 174 -25.26 -33.13 32.21
CA ASP B 174 -24.77 -34.42 32.64
C ASP B 174 -24.07 -35.11 31.51
N ASN B 175 -23.13 -36.01 31.82
CA ASN B 175 -22.34 -36.81 30.84
C ASN B 175 -21.38 -35.97 29.99
N SER B 176 -21.16 -34.74 30.44
CA SER B 176 -20.53 -33.65 29.67
C SER B 176 -19.01 -33.73 29.33
N VAL B 177 -18.31 -34.77 29.70
CA VAL B 177 -16.89 -34.79 29.36
C VAL B 177 -16.61 -35.64 28.13
N ASP B 178 -17.33 -36.73 28.00
CA ASP B 178 -17.17 -37.68 26.86
C ASP B 178 -18.05 -37.18 25.71
N ASN B 179 -17.49 -36.26 24.91
CA ASN B 179 -18.16 -35.42 23.87
C ASN B 179 -17.26 -34.90 22.72
N ILE B 180 -15.97 -35.24 22.79
CA ILE B 180 -14.95 -34.65 21.99
C ILE B 180 -14.46 -35.78 21.12
N TYR B 181 -14.41 -35.43 19.83
CA TYR B 181 -13.92 -36.25 18.78
C TYR B 181 -12.72 -35.53 18.16
N LEU B 182 -11.71 -36.28 17.73
CA LEU B 182 -10.47 -35.73 17.17
C LEU B 182 -10.27 -36.34 15.82
N ASP B 183 -10.30 -35.52 14.75
CA ASP B 183 -10.46 -35.96 13.35
C ASP B 183 -11.48 -37.09 13.28
N GLY B 184 -12.73 -36.72 13.55
CA GLY B 184 -13.82 -37.67 13.39
C GLY B 184 -13.71 -39.07 13.98
N LEU B 185 -12.92 -39.21 15.06
CA LEU B 185 -12.88 -40.44 15.89
C LEU B 185 -13.00 -40.00 17.31
N LYS B 186 -13.89 -40.67 18.07
CA LYS B 186 -14.03 -40.44 19.52
C LYS B 186 -12.74 -40.56 20.30
N ALA B 187 -12.54 -39.68 21.28
CA ALA B 187 -11.27 -39.59 22.05
C ALA B 187 -10.73 -40.93 22.53
N MET B 188 -11.66 -41.68 23.16
CA MET B 188 -11.52 -43.06 23.70
C MET B 188 -11.10 -43.15 25.18
N GLY B 189 -11.04 -42.04 25.88
CA GLY B 189 -11.09 -42.12 27.31
C GLY B 189 -12.37 -42.81 27.79
N ASP B 190 -12.24 -43.29 29.01
CA ASP B 190 -13.25 -43.96 29.80
C ASP B 190 -13.73 -42.99 30.87
N SER B 191 -14.77 -42.26 30.49
CA SER B 191 -15.41 -41.25 31.29
C SER B 191 -15.99 -41.79 32.55
N GLY B 192 -15.87 -43.09 32.73
CA GLY B 192 -16.34 -43.72 33.95
C GLY B 192 -15.24 -43.83 34.96
N THR B 193 -14.05 -43.38 34.60
CA THR B 193 -12.91 -43.37 35.46
C THR B 193 -12.36 -41.95 35.49
N PHE B 194 -11.09 -41.77 35.77
CA PHE B 194 -10.54 -40.42 35.83
C PHE B 194 -9.75 -40.17 34.59
N SER B 195 -9.46 -41.28 33.93
CA SER B 195 -8.73 -41.39 32.70
C SER B 195 -9.59 -40.92 31.49
N SER B 196 -9.73 -39.59 31.41
CA SER B 196 -10.41 -38.81 30.37
C SER B 196 -9.29 -38.02 29.73
N MET B 197 -9.33 -37.79 28.42
CA MET B 197 -8.14 -37.25 27.70
C MET B 197 -8.26 -35.76 27.47
N GLN B 198 -7.19 -35.01 27.36
CA GLN B 198 -7.36 -33.61 26.93
C GLN B 198 -6.61 -33.39 25.65
N VAL B 199 -7.17 -32.57 24.74
CA VAL B 199 -6.41 -32.07 23.59
C VAL B 199 -6.06 -30.59 23.75
N ASP B 200 -4.81 -30.24 23.41
CA ASP B 200 -4.40 -28.84 23.47
C ASP B 200 -4.81 -28.07 22.25
N PRO B 201 -5.36 -26.90 22.43
CA PRO B 201 -5.67 -26.03 21.31
C PRO B 201 -4.52 -25.80 20.35
N TYR B 202 -3.31 -25.77 20.87
CA TYR B 202 -2.15 -25.38 20.08
C TYR B 202 -1.96 -26.24 18.85
N PHE B 203 -2.51 -27.45 18.89
CA PHE B 203 -2.51 -28.37 17.78
C PHE B 203 -3.75 -28.30 16.90
N LEU B 204 -4.64 -27.35 17.04
CA LEU B 204 -5.90 -27.43 16.27
C LEU B 204 -5.98 -26.42 15.10
N GLU B 205 -6.76 -26.75 14.07
CA GLU B 205 -7.15 -25.79 13.05
C GLU B 205 -8.56 -25.25 13.29
N ARG B 206 -9.47 -26.19 13.54
CA ARG B 206 -10.87 -25.89 13.70
C ARG B 206 -11.44 -26.66 14.88
N ILE B 207 -12.47 -26.07 15.48
CA ILE B 207 -13.39 -26.82 16.27
C ILE B 207 -14.72 -26.73 15.57
N ASP B 208 -15.31 -27.86 15.17
CA ASP B 208 -16.70 -27.85 14.64
C ASP B 208 -17.66 -28.36 15.67
N VAL B 209 -18.65 -27.55 16.01
CA VAL B 209 -19.65 -27.99 17.00
C VAL B 209 -20.99 -28.38 16.37
N LEU B 210 -21.31 -29.68 16.35
CA LEU B 210 -22.64 -30.20 15.91
C LEU B 210 -23.60 -30.20 17.08
N LYS B 211 -24.47 -29.20 17.12
CA LYS B 211 -25.50 -29.19 18.11
C LYS B 211 -26.54 -30.18 17.65
N GLY B 212 -27.04 -30.91 18.63
CA GLY B 212 -28.13 -31.85 18.45
C GLY B 212 -27.62 -33.17 17.90
N PRO B 213 -28.41 -34.26 18.07
CA PRO B 213 -28.03 -35.66 17.81
C PRO B 213 -27.23 -35.81 16.57
N SER B 214 -26.17 -36.62 16.68
CA SER B 214 -25.26 -36.91 15.58
C SER B 214 -24.83 -38.37 15.56
N SER B 215 -25.60 -39.21 16.24
CA SER B 215 -25.20 -40.58 16.45
C SER B 215 -24.97 -41.33 15.10
N VAL B 216 -25.82 -41.09 14.09
CA VAL B 216 -25.71 -41.71 12.74
C VAL B 216 -24.29 -41.76 12.11
N LEU B 217 -23.52 -40.68 12.14
CA LEU B 217 -22.12 -40.73 11.67
C LEU B 217 -21.10 -41.06 12.81
N TYR B 218 -21.37 -40.57 14.00
CA TYR B 218 -20.41 -40.56 15.07
C TYR B 218 -20.92 -41.41 16.28
N GLY B 219 -20.16 -42.46 16.65
CA GLY B 219 -20.68 -43.65 17.34
C GLY B 219 -21.30 -43.70 18.75
N ARG B 220 -20.68 -42.97 19.67
CA ARG B 220 -21.24 -42.97 21.00
C ARG B 220 -21.61 -41.56 21.24
N SER B 221 -22.35 -40.94 20.34
CA SER B 221 -22.58 -39.50 20.46
C SER B 221 -23.72 -39.32 21.46
N LEU B 222 -23.72 -38.18 22.13
CA LEU B 222 -24.80 -37.90 23.05
C LEU B 222 -25.88 -37.13 22.34
N PRO B 223 -27.10 -37.06 22.92
CA PRO B 223 -28.17 -36.38 22.18
C PRO B 223 -28.09 -34.86 22.12
N GLY B 224 -27.48 -34.22 23.11
CA GLY B 224 -27.18 -32.79 22.92
C GLY B 224 -26.21 -32.39 21.79
N GLY B 225 -25.34 -33.31 21.37
CA GLY B 225 -24.37 -33.07 20.30
C GLY B 225 -22.94 -33.60 20.56
N LEU B 226 -22.04 -33.06 19.72
CA LEU B 226 -20.61 -33.26 19.88
C LEU B 226 -19.70 -32.12 19.42
N VAL B 227 -18.51 -32.10 19.99
CA VAL B 227 -17.51 -31.15 19.62
C VAL B 227 -16.46 -31.89 18.80
N ALA B 228 -16.07 -31.34 17.67
CA ALA B 228 -15.15 -32.04 16.81
C ALA B 228 -13.91 -31.22 16.44
N LEU B 229 -12.80 -31.77 16.90
CA LEU B 229 -11.49 -31.15 16.75
C LEU B 229 -10.81 -31.75 15.51
N THR B 230 -9.96 -30.87 14.98
CA THR B 230 -9.48 -30.94 13.61
C THR B 230 -8.01 -30.59 13.66
N SER B 231 -7.26 -31.65 13.39
CA SER B 231 -5.92 -31.83 13.85
C SER B 231 -4.90 -30.91 13.32
N LYS B 232 -5.07 -30.29 12.19
CA LYS B 232 -3.95 -29.51 11.64
C LYS B 232 -2.85 -30.41 11.03
N LYS B 233 -3.01 -30.58 9.72
CA LYS B 233 -2.29 -31.53 8.89
C LYS B 233 -1.08 -30.81 8.25
N PRO B 234 -0.25 -31.53 7.42
CA PRO B 234 1.02 -30.94 6.90
C PRO B 234 0.87 -30.08 5.71
N LEU B 235 1.71 -29.08 5.59
CA LEU B 235 1.71 -28.18 4.45
C LEU B 235 2.69 -28.65 3.39
N TYR B 236 2.61 -28.13 2.17
CA TYR B 236 3.53 -28.55 1.09
C TYR B 236 4.46 -27.44 0.66
N GLU B 237 4.71 -26.47 1.54
CA GLU B 237 5.86 -25.59 1.39
C GLU B 237 6.41 -25.22 2.77
N ASP B 238 7.72 -25.06 2.91
CA ASP B 238 8.36 -24.78 4.19
C ASP B 238 7.71 -23.70 5.03
N TYR B 239 7.15 -24.12 6.16
CA TYR B 239 6.52 -23.24 7.12
C TYR B 239 7.21 -23.50 8.43
N ARG B 240 7.51 -22.46 9.18
CA ARG B 240 8.22 -22.65 10.43
C ARG B 240 7.64 -21.58 11.31
N GLN B 241 7.13 -21.91 12.50
CA GLN B 241 6.69 -20.88 13.47
C GLN B 241 7.12 -21.28 14.90
N ILE B 242 7.66 -20.28 15.61
CA ILE B 242 8.07 -20.42 16.98
C ILE B 242 7.28 -19.36 17.73
N THR B 243 6.78 -19.73 18.91
CA THR B 243 6.01 -18.86 19.75
C THR B 243 6.39 -18.95 21.23
N GLY B 244 6.16 -17.86 21.92
CA GLY B 244 6.46 -17.79 23.32
C GLY B 244 5.55 -16.84 24.06
N SER B 245 5.26 -17.20 25.31
CA SER B 245 4.25 -16.54 26.07
C SER B 245 4.36 -16.68 27.58
N ILE B 246 4.30 -15.52 28.20
CA ILE B 246 4.60 -15.24 29.55
C ILE B 246 3.31 -14.53 29.96
N GLY B 247 2.84 -14.75 31.17
CA GLY B 247 1.57 -14.14 31.65
C GLY B 247 1.54 -14.19 33.19
N ASN B 248 0.48 -13.67 33.82
CA ASN B 248 0.27 -13.80 35.28
C ASN B 248 -0.11 -15.22 35.73
N MET B 249 -0.25 -15.42 37.04
CA MET B 249 -0.45 -16.78 37.59
C MET B 249 0.70 -17.71 37.15
N GLY B 250 1.91 -17.14 37.10
CA GLY B 250 3.11 -17.79 36.60
C GLY B 250 2.96 -18.54 35.31
N GLN B 251 2.14 -18.02 34.39
CA GLN B 251 1.96 -18.62 33.08
C GLN B 251 3.20 -18.37 32.18
N LYS B 252 3.60 -19.41 31.46
CA LYS B 252 4.87 -19.55 30.76
C LYS B 252 4.52 -20.64 29.73
N GLU B 253 4.66 -20.38 28.43
CA GLU B 253 4.34 -21.38 27.38
C GLU B 253 5.37 -21.19 26.23
N MET B 254 5.93 -22.26 25.67
CA MET B 254 6.84 -22.17 24.50
C MET B 254 6.43 -23.27 23.53
N GLY B 255 6.17 -22.88 22.28
CA GLY B 255 5.83 -23.84 21.22
C GLY B 255 6.51 -23.64 19.88
N PHE B 256 6.44 -24.65 19.03
CA PHE B 256 6.98 -24.55 17.66
C PHE B 256 6.10 -25.43 16.76
N ASP B 257 6.08 -25.08 15.47
CA ASP B 257 5.13 -25.67 14.52
C ASP B 257 5.78 -25.72 13.15
N PHE B 258 6.70 -26.66 12.95
CA PHE B 258 7.40 -26.80 11.66
C PHE B 258 6.60 -27.72 10.75
N SER B 259 6.71 -27.46 9.46
CA SER B 259 6.06 -28.27 8.46
C SER B 259 6.70 -28.04 7.12
N GLY B 260 6.48 -28.93 6.18
CA GLY B 260 7.03 -28.78 4.87
C GLY B 260 6.96 -30.10 4.11
N PRO B 261 7.53 -30.11 2.89
CA PRO B 261 7.56 -31.29 2.05
C PRO B 261 8.93 -31.84 2.18
N LEU B 262 9.10 -33.12 1.94
CA LEU B 262 10.43 -33.68 2.04
C LEU B 262 11.09 -33.85 0.68
N ASP B 263 10.39 -34.49 -0.25
CA ASP B 263 10.96 -34.77 -1.56
C ASP B 263 11.00 -33.62 -2.52
N GLU B 264 11.52 -33.91 -3.71
CA GLU B 264 11.64 -32.94 -4.77
C GLU B 264 10.39 -32.94 -5.58
N GLU B 265 9.63 -34.03 -5.54
CA GLU B 265 8.38 -34.09 -6.28
C GLU B 265 7.21 -33.64 -5.42
N LYS B 266 7.50 -33.26 -4.20
CA LYS B 266 6.52 -32.79 -3.26
C LYS B 266 5.35 -33.71 -3.12
N ARG B 267 5.62 -34.98 -2.95
CA ARG B 267 4.55 -35.92 -2.71
C ARG B 267 4.62 -36.50 -1.30
N ILE B 268 5.46 -35.90 -0.47
CA ILE B 268 5.62 -36.26 0.93
C ILE B 268 5.82 -35.01 1.78
N ALA B 269 5.16 -34.97 2.92
CA ALA B 269 5.29 -33.81 3.77
C ALA B 269 5.06 -34.17 5.23
N TYR B 270 5.78 -33.44 6.07
CA TYR B 270 5.77 -33.62 7.50
C TYR B 270 5.16 -32.38 8.17
N ARG B 271 4.79 -32.58 9.41
CA ARG B 271 4.50 -31.50 10.33
C ARG B 271 4.91 -31.89 11.75
N LEU B 272 5.57 -30.98 12.43
CA LEU B 272 6.01 -31.28 13.78
C LEU B 272 5.61 -30.15 14.75
N ILE B 273 4.51 -30.32 15.47
CA ILE B 273 4.07 -29.31 16.42
C ILE B 273 4.53 -29.79 17.80
N GLY B 274 5.10 -28.87 18.60
CA GLY B 274 5.55 -29.18 19.94
C GLY B 274 5.38 -28.02 20.93
N LEU B 275 5.03 -28.33 22.17
CA LEU B 275 4.89 -27.30 23.21
C LEU B 275 5.15 -27.84 24.55
N GLY B 276 5.69 -26.98 25.41
CA GLY B 276 5.70 -27.16 26.87
C GLY B 276 5.13 -25.88 27.47
N LYS B 277 4.48 -26.01 28.63
CA LYS B 277 3.90 -24.83 29.30
C LYS B 277 3.46 -25.18 30.69
N GLY B 278 3.29 -24.12 31.47
CA GLY B 278 2.85 -24.22 32.85
C GLY B 278 2.00 -23.07 33.33
N SER B 279 1.65 -23.07 34.63
CA SER B 279 0.75 -22.11 35.25
C SER B 279 0.57 -22.51 36.65
N ASP B 280 0.50 -21.53 37.54
CA ASP B 280 0.36 -21.75 38.95
C ASP B 280 -1.05 -21.56 39.38
N THR B 281 -1.92 -21.25 38.41
CA THR B 281 -3.36 -21.10 38.60
C THR B 281 -3.66 -19.98 39.54
N GLN B 282 -4.92 -19.89 39.90
CA GLN B 282 -5.33 -18.91 40.84
C GLN B 282 -5.49 -19.54 42.18
N PHE B 283 -5.14 -20.80 42.30
CA PHE B 283 -5.41 -21.50 43.53
C PHE B 283 -4.11 -21.67 44.23
N ASP B 284 -4.17 -21.79 45.54
CA ASP B 284 -2.96 -21.85 46.32
C ASP B 284 -2.35 -23.23 46.20
N HIS B 285 -1.02 -23.26 46.25
CA HIS B 285 -0.24 -24.47 45.94
C HIS B 285 -0.73 -25.30 44.73
N VAL B 286 -1.06 -24.74 43.59
CA VAL B 286 -1.56 -25.61 42.52
C VAL B 286 -0.60 -25.43 41.36
N LYS B 287 -0.37 -26.49 40.56
CA LYS B 287 0.42 -26.44 39.29
C LYS B 287 -0.34 -27.07 38.09
N GLU B 288 -0.35 -26.42 36.94
CA GLU B 288 -0.76 -27.05 35.69
C GLU B 288 0.56 -27.13 34.97
N GLU B 289 0.84 -28.20 34.24
CA GLU B 289 2.12 -28.34 33.52
C GLU B 289 2.00 -29.40 32.44
N ARG B 290 2.46 -29.08 31.22
CA ARG B 290 2.31 -30.00 30.06
C ARG B 290 3.44 -29.93 29.08
N TYR B 291 3.70 -31.09 28.44
CA TYR B 291 4.59 -31.26 27.27
C TYR B 291 4.02 -32.20 26.23
N ALA B 292 4.03 -31.75 24.98
CA ALA B 292 3.41 -32.49 23.91
C ALA B 292 4.11 -32.27 22.60
N ILE B 293 4.04 -33.30 21.78
CA ILE B 293 4.73 -33.35 20.50
C ILE B 293 3.80 -34.16 19.56
N ALA B 294 3.66 -33.63 18.34
CA ALA B 294 2.80 -34.25 17.38
C ALA B 294 3.51 -34.29 16.06
N PRO B 295 4.16 -35.43 15.75
CA PRO B 295 4.62 -35.55 14.39
C PRO B 295 3.44 -36.05 13.53
N THR B 296 3.41 -35.57 12.28
CA THR B 296 2.49 -35.98 11.22
C THR B 296 3.25 -36.20 9.85
N LEU B 297 2.91 -37.25 9.13
CA LEU B 297 3.64 -37.57 7.91
C LEU B 297 2.70 -37.99 6.80
N ALA B 298 2.66 -37.20 5.74
CA ALA B 298 1.82 -37.46 4.59
C ALA B 298 2.65 -38.02 3.46
N ILE B 299 2.11 -39.02 2.78
CA ILE B 299 2.87 -39.76 1.79
C ILE B 299 1.89 -40.21 0.77
N ASP B 300 2.05 -39.73 -0.44
CA ASP B 300 1.13 -40.05 -1.53
C ASP B 300 1.64 -41.33 -2.17
N PHE B 301 0.81 -42.36 -2.34
CA PHE B 301 1.35 -43.59 -2.87
C PHE B 301 1.38 -43.60 -4.39
N SER B 302 0.23 -43.66 -5.01
CA SER B 302 0.21 -43.67 -6.45
C SER B 302 -0.20 -42.27 -6.81
N ASP B 303 -1.41 -42.12 -7.26
CA ASP B 303 -1.94 -40.81 -7.57
C ASP B 303 -3.39 -40.73 -7.15
N ASP B 304 -3.80 -41.65 -6.29
CA ASP B 304 -5.15 -41.72 -5.86
C ASP B 304 -5.23 -42.39 -4.51
N THR B 305 -4.10 -42.60 -3.86
CA THR B 305 -4.08 -43.25 -2.58
C THR B 305 -3.10 -42.51 -1.76
N THR B 306 -3.55 -41.89 -0.68
CA THR B 306 -2.65 -41.15 0.18
C THR B 306 -2.76 -41.52 1.65
N LEU B 307 -1.61 -41.58 2.32
CA LEU B 307 -1.44 -42.11 3.70
C LEU B 307 -0.88 -41.02 4.62
N THR B 308 -1.52 -40.90 5.79
CA THR B 308 -1.05 -39.98 6.80
C THR B 308 -0.92 -40.59 8.14
N LEU B 309 0.32 -40.61 8.62
CA LEU B 309 0.66 -41.25 9.82
C LEU B 309 0.71 -40.11 10.78
N GLN B 310 0.09 -40.33 11.93
CA GLN B 310 0.02 -39.31 12.99
C GLN B 310 0.27 -39.82 14.48
N GLY B 311 0.98 -38.96 15.23
CA GLY B 311 1.19 -39.13 16.63
C GLY B 311 0.91 -37.87 17.44
N TYR B 312 0.55 -38.10 18.71
CA TYR B 312 0.29 -37.08 19.71
C TYR B 312 0.70 -37.66 21.05
N LEU B 313 1.95 -37.42 21.44
CA LEU B 313 2.42 -37.74 22.78
C LEU B 313 2.25 -36.57 23.66
N GLN B 314 1.75 -36.82 24.86
CA GLN B 314 1.44 -35.73 25.76
C GLN B 314 1.47 -36.20 27.21
N HIS B 315 2.05 -35.37 28.06
CA HIS B 315 2.37 -35.71 29.43
C HIS B 315 2.10 -34.48 30.24
N ASP B 316 1.11 -34.59 31.12
CA ASP B 316 0.76 -33.57 32.11
C ASP B 316 1.28 -34.07 33.48
N PRO B 317 2.50 -33.70 33.89
CA PRO B 317 2.91 -34.14 35.25
C PRO B 317 2.15 -33.42 36.42
N ASN B 318 1.37 -32.40 36.07
CA ASN B 318 0.50 -31.70 37.01
C ASN B 318 -0.83 -31.30 36.41
N GLY B 319 -1.87 -31.40 37.24
CA GLY B 319 -3.22 -31.43 36.76
C GLY B 319 -4.13 -30.31 37.20
N GLY B 320 -3.54 -29.12 37.43
CA GLY B 320 -4.26 -27.99 38.01
C GLY B 320 -5.22 -28.40 39.09
N TYR B 321 -6.14 -27.54 39.42
CA TYR B 321 -7.18 -27.78 40.42
C TYR B 321 -8.45 -28.23 39.70
N HIS B 322 -9.15 -29.14 40.37
CA HIS B 322 -10.41 -29.69 39.94
C HIS B 322 -11.12 -30.07 41.20
N GLY B 323 -11.66 -29.09 41.90
CA GLY B 323 -12.36 -29.34 43.14
C GLY B 323 -13.42 -28.29 43.40
N GLY B 324 -14.23 -28.45 44.44
CA GLY B 324 -15.27 -27.49 44.70
C GLY B 324 -15.61 -27.39 46.17
N VAL B 325 -16.26 -26.30 46.54
CA VAL B 325 -16.65 -25.96 47.93
C VAL B 325 -18.12 -25.58 48.08
N PRO B 326 -18.60 -25.52 49.32
CA PRO B 326 -20.03 -25.24 49.48
C PRO B 326 -20.54 -23.91 49.05
N ALA B 327 -21.76 -23.94 48.55
CA ALA B 327 -22.55 -22.75 48.29
C ALA B 327 -22.75 -22.04 49.58
N ASP B 328 -22.95 -22.79 50.67
CA ASP B 328 -22.87 -22.17 51.97
C ASP B 328 -21.44 -21.66 52.36
N GLY B 329 -21.09 -20.47 51.89
CA GLY B 329 -19.78 -19.86 52.10
C GLY B 329 -19.27 -19.17 50.84
N THR B 330 -19.94 -19.35 49.69
CA THR B 330 -19.65 -18.65 48.45
C THR B 330 -20.84 -17.88 47.96
N LEU B 331 -21.96 -18.55 47.75
CA LEU B 331 -23.22 -17.87 47.49
C LEU B 331 -23.75 -17.22 48.77
N SER B 332 -23.41 -17.76 49.93
CA SER B 332 -23.92 -17.31 51.25
C SER B 332 -22.71 -16.95 52.14
N HIS B 333 -22.95 -16.33 53.28
CA HIS B 333 -21.86 -16.04 54.19
C HIS B 333 -21.93 -17.18 55.13
N HIS B 334 -20.76 -17.76 55.39
CA HIS B 334 -20.57 -18.78 56.43
C HIS B 334 -20.00 -18.08 57.65
N ASN B 335 -20.74 -18.18 58.75
CA ASN B 335 -20.61 -17.30 59.90
C ASN B 335 -20.68 -15.88 59.41
N GLY B 336 -19.55 -15.22 59.24
CA GLY B 336 -19.62 -13.98 58.49
C GLY B 336 -18.64 -13.93 57.38
N ARG B 337 -18.15 -15.05 56.89
CA ARG B 337 -16.99 -15.07 55.99
C ARG B 337 -17.33 -15.70 54.62
N HIS B 338 -16.44 -15.45 53.67
CA HIS B 338 -16.50 -15.97 52.33
C HIS B 338 -15.32 -16.92 52.14
N ILE B 339 -15.47 -18.02 51.44
CA ILE B 339 -14.32 -18.81 51.11
C ILE B 339 -13.63 -18.04 50.01
N SER B 340 -12.31 -17.98 50.07
CA SER B 340 -11.58 -17.24 49.05
C SER B 340 -11.77 -17.88 47.70
N ARG B 341 -11.66 -17.07 46.66
CA ARG B 341 -11.56 -17.64 45.35
C ARG B 341 -10.17 -18.14 44.99
N GLU B 342 -9.20 -18.01 45.93
CA GLU B 342 -7.97 -18.84 45.91
C GLU B 342 -8.42 -20.12 46.67
N PHE B 343 -7.70 -20.58 47.65
CA PHE B 343 -8.26 -21.58 48.55
C PHE B 343 -8.09 -22.97 48.00
N PHE B 344 -7.55 -23.84 48.86
CA PHE B 344 -7.04 -25.05 48.33
C PHE B 344 -7.58 -26.37 48.84
N ASP B 345 -8.22 -26.42 49.97
CA ASP B 345 -8.93 -27.70 50.28
C ASP B 345 -8.19 -29.07 50.13
N GLY B 346 -6.86 -29.14 50.21
CA GLY B 346 -6.17 -30.41 50.00
C GLY B 346 -4.71 -30.34 50.41
N GLU B 347 -4.14 -31.39 50.97
CA GLU B 347 -2.73 -31.29 51.35
C GLU B 347 -1.83 -31.25 50.12
N PRO B 348 -0.93 -30.24 50.02
CA PRO B 348 0.02 -30.25 48.95
C PRO B 348 0.93 -31.48 48.94
N SER B 349 1.26 -32.07 50.09
CA SER B 349 1.98 -33.37 50.08
C SER B 349 1.25 -34.51 49.37
N LYS B 350 -0.06 -34.54 49.48
CA LYS B 350 -0.86 -35.58 48.86
C LYS B 350 -1.73 -34.88 47.87
N ASP B 351 -1.14 -34.38 46.80
CA ASP B 351 -1.94 -33.85 45.67
C ASP B 351 -1.14 -34.09 44.42
N ASP B 352 -1.63 -35.02 43.61
CA ASP B 352 -0.85 -35.50 42.50
C ASP B 352 -1.84 -35.87 41.33
N PHE B 353 -1.55 -35.36 40.12
CA PHE B 353 -2.33 -35.72 38.91
C PHE B 353 -1.40 -35.80 37.72
N ASP B 354 -1.16 -37.02 37.24
CA ASP B 354 -0.11 -37.27 36.23
C ASP B 354 -0.75 -38.12 35.15
N ARG B 355 -1.24 -37.44 34.13
CA ARG B 355 -1.84 -38.05 32.95
C ARG B 355 -0.77 -38.11 31.87
N THR B 356 -0.78 -39.23 31.15
CA THR B 356 0.07 -39.40 30.01
C THR B 356 -0.71 -40.06 28.88
N GLN B 357 -0.79 -39.39 27.71
CA GLN B 357 -1.60 -39.84 26.57
C GLN B 357 -0.63 -40.19 25.47
N ARG B 358 -0.65 -41.43 24.96
CA ARG B 358 0.12 -41.74 23.77
C ARG B 358 -0.90 -42.13 22.70
N MET B 359 -0.89 -41.44 21.54
CA MET B 359 -1.89 -41.69 20.46
C MET B 359 -1.16 -41.82 19.17
N PHE B 360 -1.23 -42.99 18.53
CA PHE B 360 -0.71 -43.17 17.18
C PHE B 360 -1.92 -43.56 16.35
N GLY B 361 -1.97 -43.08 15.11
CA GLY B 361 -2.97 -43.55 14.12
C GLY B 361 -2.66 -43.15 12.68
N TYR B 362 -3.60 -43.42 11.78
CA TYR B 362 -3.40 -43.09 10.39
C TYR B 362 -4.68 -42.74 9.61
N GLN B 363 -4.51 -41.98 8.54
CA GLN B 363 -5.63 -41.60 7.70
C GLN B 363 -5.33 -42.02 6.28
N LEU B 364 -6.14 -42.96 5.79
CA LEU B 364 -5.99 -43.58 4.48
C LEU B 364 -7.13 -43.19 3.54
N GLU B 365 -6.82 -42.41 2.50
CA GLU B 365 -7.77 -42.01 1.45
C GLU B 365 -7.38 -42.72 0.19
N HIS B 366 -8.38 -43.26 -0.47
CA HIS B 366 -8.20 -43.86 -1.76
C HIS B 366 -9.32 -43.37 -2.68
N ARG B 367 -8.95 -43.01 -3.92
CA ARG B 367 -9.91 -42.74 -5.00
C ARG B 367 -10.15 -43.98 -5.87
N ILE B 368 -11.39 -44.22 -6.28
CA ILE B 368 -11.71 -45.41 -7.04
C ILE B 368 -12.18 -45.06 -8.47
N ASP B 369 -13.17 -44.19 -8.64
CA ASP B 369 -13.70 -43.82 -9.96
C ASP B 369 -13.74 -42.36 -9.89
N ASP B 370 -14.59 -41.74 -10.72
CA ASP B 370 -15.03 -40.39 -10.49
C ASP B 370 -16.13 -40.54 -9.45
N VAL B 371 -16.85 -41.65 -9.50
CA VAL B 371 -17.83 -41.97 -8.45
C VAL B 371 -17.27 -42.33 -7.04
N TRP B 372 -16.78 -43.57 -6.93
CA TRP B 372 -16.40 -44.14 -5.66
C TRP B 372 -15.05 -43.65 -5.10
N SER B 373 -14.90 -43.84 -3.79
CA SER B 373 -13.76 -43.40 -2.93
C SER B 373 -13.90 -44.08 -1.56
N ALA B 374 -12.80 -44.60 -1.05
CA ALA B 374 -12.79 -45.19 0.27
C ALA B 374 -11.90 -44.32 1.15
N ARG B 375 -12.22 -44.33 2.44
CA ARG B 375 -11.51 -43.59 3.44
C ARG B 375 -11.40 -44.55 4.58
N GLN B 376 -10.25 -44.61 5.26
CA GLN B 376 -10.14 -45.37 6.54
C GLN B 376 -9.40 -44.57 7.55
N ASN B 377 -10.06 -44.20 8.65
CA ASN B 377 -9.40 -43.49 9.76
C ASN B 377 -9.30 -44.41 10.95
N PHE B 378 -8.09 -44.47 11.52
CA PHE B 378 -7.74 -45.37 12.60
C PHE B 378 -6.95 -44.59 13.66
N ARG B 379 -7.12 -44.94 14.95
CA ARG B 379 -6.29 -44.39 16.06
C ARG B 379 -6.20 -45.33 17.26
N TYR B 380 -4.95 -45.55 17.72
CA TYR B 380 -4.64 -46.32 18.94
C TYR B 380 -4.32 -45.42 20.15
N LEU B 381 -5.01 -45.66 21.25
CA LEU B 381 -4.80 -44.88 22.45
C LEU B 381 -4.19 -45.72 23.57
N ASP B 382 -3.12 -45.22 24.17
CA ASP B 382 -2.55 -45.78 25.38
C ASP B 382 -2.37 -44.64 26.43
N SER B 383 -3.01 -44.74 27.60
CA SER B 383 -2.96 -43.67 28.62
C SER B 383 -2.69 -44.20 30.02
N ASP B 384 -2.29 -43.30 30.90
CA ASP B 384 -1.95 -43.62 32.28
C ASP B 384 -2.20 -42.47 33.18
N VAL B 385 -3.09 -42.64 34.12
CA VAL B 385 -3.40 -41.57 35.03
C VAL B 385 -3.10 -42.00 36.45
N ASP B 386 -2.38 -41.11 37.17
CA ASP B 386 -2.15 -41.20 38.61
C ASP B 386 -2.85 -40.05 39.33
N LEU B 387 -3.61 -40.42 40.36
CA LEU B 387 -4.32 -39.48 41.19
C LEU B 387 -3.99 -39.72 42.65
N SER B 388 -3.68 -38.60 43.34
CA SER B 388 -3.93 -38.40 44.78
C SER B 388 -4.69 -37.10 44.91
N GLN B 389 -5.79 -37.07 45.66
CA GLN B 389 -6.54 -35.86 45.85
C GLN B 389 -7.37 -35.87 47.11
N VAL B 390 -7.21 -34.85 47.93
CA VAL B 390 -7.95 -34.70 49.18
C VAL B 390 -9.02 -33.70 48.79
N TYR B 391 -10.24 -33.74 49.32
CA TYR B 391 -11.27 -32.81 48.85
C TYR B 391 -12.31 -32.36 49.85
N ALA B 392 -12.88 -31.18 49.66
CA ALA B 392 -13.79 -30.66 50.66
C ALA B 392 -15.26 -30.91 50.35
N TYR B 393 -15.82 -31.70 51.25
CA TYR B 393 -17.26 -31.98 51.22
C TYR B 393 -18.08 -31.48 52.44
N GLY B 394 -18.74 -30.31 52.29
CA GLY B 394 -19.54 -29.71 53.41
C GLY B 394 -18.75 -29.36 54.69
N TRP B 395 -19.42 -28.76 55.70
CA TRP B 395 -18.69 -28.26 56.95
C TRP B 395 -18.59 -29.23 58.08
N SER B 396 -17.62 -29.07 58.96
CA SER B 396 -17.53 -30.01 60.08
C SER B 396 -18.71 -29.79 61.01
N ALA B 397 -19.30 -30.93 61.35
CA ALA B 397 -20.34 -31.07 62.31
C ALA B 397 -19.83 -30.60 63.63
N SER B 398 -18.60 -30.94 64.01
CA SER B 398 -17.99 -30.41 65.24
C SER B 398 -17.17 -29.08 65.05
N GLU B 399 -15.97 -29.04 64.48
CA GLU B 399 -15.30 -27.73 64.23
C GLU B 399 -16.00 -26.88 63.14
N PRO B 400 -16.59 -25.72 63.53
CA PRO B 400 -17.67 -25.10 62.67
C PRO B 400 -17.17 -24.30 61.45
N ASN B 401 -15.85 -24.00 61.45
CA ASN B 401 -15.23 -23.32 60.34
C ASN B 401 -14.24 -24.13 59.55
N LYS B 402 -14.24 -25.43 59.81
CA LYS B 402 -13.38 -26.33 59.09
C LYS B 402 -14.31 -27.12 58.18
N LEU B 403 -13.90 -27.33 56.93
CA LEU B 403 -14.63 -28.20 55.99
C LEU B 403 -14.21 -29.60 56.32
N ASN B 404 -15.12 -30.57 56.29
CA ASN B 404 -14.66 -31.95 56.20
C ASN B 404 -14.02 -32.23 54.87
N ARG B 405 -13.11 -33.23 54.90
CA ARG B 405 -12.37 -33.69 53.71
C ARG B 405 -12.22 -35.19 53.58
N TYR B 406 -12.27 -35.65 52.33
CA TYR B 406 -12.17 -37.06 51.97
C TYR B 406 -11.01 -37.24 50.98
N PHE B 407 -10.67 -38.49 50.64
CA PHE B 407 -9.60 -38.78 49.66
C PHE B 407 -10.05 -39.67 48.50
N SER B 408 -9.52 -39.40 47.30
CA SER B 408 -9.69 -40.31 46.18
C SER B 408 -8.34 -40.40 45.48
N GLY B 409 -7.81 -41.61 45.36
CA GLY B 409 -6.55 -41.94 44.67
C GLY B 409 -6.74 -43.06 43.64
N ALA B 410 -5.95 -43.00 42.56
CA ALA B 410 -6.12 -43.90 41.43
C ALA B 410 -4.84 -44.10 40.66
N ARG B 411 -4.42 -45.35 40.43
CA ARG B 411 -3.53 -45.69 39.31
C ARG B 411 -4.41 -46.32 38.28
N GLU B 412 -4.45 -45.74 37.07
CA GLU B 412 -5.22 -46.31 35.96
C GLU B 412 -4.63 -46.25 34.54
N HIS B 413 -4.53 -47.44 33.97
CA HIS B 413 -3.96 -47.63 32.65
C HIS B 413 -5.06 -48.01 31.69
N LEU B 414 -5.00 -47.36 30.53
CA LEU B 414 -6.01 -47.48 29.51
C LEU B 414 -5.31 -47.77 28.23
N GLN B 415 -5.99 -48.60 27.45
CA GLN B 415 -5.70 -48.72 26.04
C GLN B 415 -6.99 -49.00 25.25
N ALA B 416 -7.04 -48.40 24.08
CA ALA B 416 -8.24 -48.44 23.26
C ALA B 416 -7.90 -48.14 21.81
N TYR B 417 -8.60 -48.80 20.89
CA TYR B 417 -8.56 -48.30 19.56
C TYR B 417 -9.91 -48.17 18.89
N ILE B 418 -9.90 -47.46 17.79
CA ILE B 418 -11.11 -47.14 17.07
C ILE B 418 -10.78 -47.00 15.58
N VAL B 419 -11.78 -47.29 14.75
CA VAL B 419 -11.59 -47.20 13.33
C VAL B 419 -12.90 -47.06 12.59
N ASP B 420 -12.78 -46.49 11.39
CA ASP B 420 -13.89 -46.02 10.61
C ASP B 420 -13.52 -46.19 9.14
N ASN B 421 -14.31 -47.03 8.47
CA ASN B 421 -14.19 -47.29 7.06
C ASN B 421 -15.43 -46.70 6.43
N MET B 422 -15.17 -45.79 5.51
CA MET B 422 -16.20 -45.15 4.71
C MET B 422 -15.99 -45.41 3.20
N LEU B 423 -17.10 -45.78 2.52
CA LEU B 423 -17.16 -46.01 1.09
C LEU B 423 -18.16 -45.03 0.58
N GLN B 424 -17.76 -44.19 -0.39
CA GLN B 424 -18.59 -43.07 -0.84
C GLN B 424 -18.81 -42.93 -2.36
N ALA B 425 -20.01 -43.32 -2.77
CA ALA B 425 -20.48 -43.17 -4.12
C ALA B 425 -21.24 -41.81 -4.36
N GLU B 426 -20.79 -41.02 -5.34
CA GLU B 426 -21.47 -39.77 -5.75
C GLU B 426 -22.02 -40.02 -7.15
N PHE B 427 -23.32 -39.97 -7.30
CA PHE B 427 -23.94 -40.16 -8.59
C PHE B 427 -24.97 -39.02 -8.98
N ALA B 428 -26.05 -39.35 -9.72
CA ALA B 428 -27.16 -38.47 -10.22
C ALA B 428 -28.39 -39.40 -10.43
N THR B 429 -29.62 -38.94 -10.35
CA THR B 429 -30.74 -39.80 -10.86
C THR B 429 -31.56 -38.98 -11.91
N GLY B 430 -30.82 -38.41 -12.86
CA GLY B 430 -31.35 -37.39 -13.75
C GLY B 430 -31.61 -36.14 -12.95
N ALA B 431 -32.84 -36.08 -12.40
CA ALA B 431 -33.36 -34.93 -11.63
C ALA B 431 -32.31 -34.53 -10.55
N ALA B 432 -32.06 -35.46 -9.63
CA ALA B 432 -31.29 -35.21 -8.41
C ALA B 432 -29.78 -35.30 -8.57
N ARG B 433 -29.09 -35.11 -7.45
CA ARG B 433 -27.66 -35.38 -7.27
C ARG B 433 -27.49 -36.11 -5.92
N HIS B 434 -27.00 -37.34 -5.93
CA HIS B 434 -26.75 -38.07 -4.69
C HIS B 434 -25.28 -38.05 -4.26
N THR B 435 -25.06 -38.17 -2.96
CA THR B 435 -23.73 -38.28 -2.34
C THR B 435 -23.91 -39.26 -1.19
N LEU B 436 -23.74 -40.53 -1.52
CA LEU B 436 -24.18 -41.62 -0.65
C LEU B 436 -22.99 -42.23 0.12
N LEU B 437 -23.15 -42.40 1.44
CA LEU B 437 -22.08 -42.78 2.38
C LEU B 437 -22.39 -44.13 3.01
N THR B 438 -21.39 -45.00 3.13
CA THR B 438 -21.61 -46.26 3.87
C THR B 438 -20.42 -46.67 4.63
N GLY B 439 -20.65 -47.00 5.89
CA GLY B 439 -19.57 -47.25 6.75
C GLY B 439 -19.76 -48.35 7.74
N LEU B 440 -18.61 -48.68 8.32
CA LEU B 440 -18.50 -49.62 9.38
C LEU B 440 -17.53 -49.04 10.35
N ASP B 441 -17.91 -48.99 11.63
CA ASP B 441 -17.01 -48.52 12.68
C ASP B 441 -17.01 -49.34 13.97
N TYR B 442 -15.80 -49.53 14.49
CA TYR B 442 -15.48 -50.43 15.56
C TYR B 442 -14.56 -49.73 16.48
N GLN B 443 -14.84 -49.92 17.75
CA GLN B 443 -14.03 -49.40 18.84
C GLN B 443 -14.05 -50.41 19.96
N ARG B 444 -12.95 -50.42 20.69
CA ARG B 444 -12.83 -51.17 21.92
C ARG B 444 -11.81 -50.54 22.83
N ARG B 445 -12.06 -50.66 24.14
CA ARG B 445 -11.35 -49.93 25.18
C ARG B 445 -11.27 -50.83 26.42
N ARG B 446 -10.08 -50.92 27.03
CA ARG B 446 -9.85 -51.71 28.29
C ARG B 446 -9.30 -50.70 29.24
N THR B 447 -9.92 -50.60 30.41
CA THR B 447 -9.41 -49.74 31.45
C THR B 447 -9.22 -50.63 32.64
N VAL B 448 -8.02 -50.56 33.17
CA VAL B 448 -7.67 -51.24 34.39
C VAL B 448 -7.31 -50.17 35.38
N VAL B 449 -8.08 -50.15 36.48
CA VAL B 449 -8.01 -49.11 37.49
C VAL B 449 -7.78 -49.77 38.82
N ASP B 450 -7.14 -49.02 39.69
CA ASP B 450 -6.95 -49.42 41.07
C ASP B 450 -7.26 -48.16 41.82
N TRP B 451 -8.36 -48.15 42.53
CA TRP B 451 -8.72 -46.95 43.21
C TRP B 451 -8.85 -47.11 44.66
N ARG B 452 -8.44 -46.08 45.37
CA ARG B 452 -8.70 -46.07 46.81
C ARG B 452 -9.27 -44.75 47.24
N SER B 453 -10.17 -44.88 48.20
CA SER B 453 -10.73 -43.77 48.91
C SER B 453 -10.22 -43.85 50.34
N GLY B 454 -10.60 -42.82 51.10
CA GLY B 454 -10.53 -42.77 52.55
C GLY B 454 -10.98 -41.43 53.06
N SER B 455 -10.93 -41.24 54.37
CA SER B 455 -11.20 -39.92 54.99
C SER B 455 -9.91 -39.17 55.37
N ALA B 456 -10.04 -37.84 55.45
CA ALA B 456 -8.97 -36.96 55.89
C ALA B 456 -9.49 -35.87 56.84
N SER B 457 -8.46 -35.17 57.34
CA SER B 457 -8.54 -34.17 58.39
C SER B 457 -9.34 -33.05 57.88
N ALA B 458 -10.10 -32.41 58.75
CA ALA B 458 -10.80 -31.17 58.36
C ALA B 458 -9.80 -29.97 58.24
N LEU B 459 -10.23 -28.85 57.61
CA LEU B 459 -9.32 -27.77 57.23
C LEU B 459 -10.01 -26.42 57.41
N ASP B 460 -9.39 -25.40 58.00
CA ASP B 460 -10.10 -24.06 58.17
C ASP B 460 -10.36 -23.47 56.79
N ALA B 461 -11.59 -23.04 56.50
CA ALA B 461 -11.92 -22.63 55.12
C ALA B 461 -11.39 -21.25 54.73
N PHE B 462 -11.08 -20.48 55.78
CA PHE B 462 -10.42 -19.17 55.72
C PHE B 462 -9.28 -19.47 56.65
N ASN B 463 -8.06 -19.06 56.34
CA ASN B 463 -6.86 -19.44 57.17
C ASN B 463 -6.61 -20.98 57.36
N PRO B 464 -6.28 -21.69 56.27
CA PRO B 464 -6.06 -23.10 56.41
C PRO B 464 -4.65 -23.40 56.89
N VAL B 465 -4.51 -24.50 57.63
CA VAL B 465 -3.17 -25.06 57.87
C VAL B 465 -2.98 -26.51 57.36
N TYR B 466 -2.10 -26.53 56.36
CA TYR B 466 -1.75 -27.68 55.58
C TYR B 466 -0.65 -28.44 56.35
N GLY B 467 -0.30 -29.68 55.98
CA GLY B 467 0.21 -30.70 56.92
C GLY B 467 -1.03 -31.54 57.22
N ASP B 468 -0.88 -32.69 57.83
CA ASP B 468 -2.04 -33.61 58.09
C ASP B 468 -2.63 -34.25 56.82
N ASP B 469 -1.66 -34.70 56.02
CA ASP B 469 -1.82 -35.59 54.90
C ASP B 469 -2.18 -37.00 55.29
N ALA B 470 -2.32 -37.28 56.60
CA ALA B 470 -2.91 -38.48 57.14
C ALA B 470 -4.25 -38.72 56.51
N ILE B 471 -4.48 -39.98 56.15
CA ILE B 471 -5.68 -40.43 55.47
C ILE B 471 -6.06 -41.71 56.13
N SER B 472 -7.33 -41.98 56.44
CA SER B 472 -7.66 -43.30 57.05
C SER B 472 -8.31 -44.07 55.91
N TYR B 473 -7.55 -44.95 55.25
CA TYR B 473 -8.03 -45.48 53.94
C TYR B 473 -9.26 -46.48 54.08
N PHE B 474 -10.36 -46.23 53.37
CA PHE B 474 -11.41 -47.22 53.25
C PHE B 474 -10.87 -48.31 52.30
N PRO B 475 -11.51 -49.51 52.33
CA PRO B 475 -10.87 -50.63 51.65
C PRO B 475 -10.93 -50.49 50.09
N ASP B 476 -9.93 -50.98 49.36
CA ASP B 476 -9.74 -50.66 47.93
C ASP B 476 -10.76 -51.22 46.95
N ASP B 477 -11.11 -50.39 45.96
CA ASP B 477 -12.08 -50.74 44.92
C ASP B 477 -11.30 -50.83 43.61
N ASN B 478 -10.92 -52.03 43.17
CA ASN B 478 -10.16 -52.21 41.89
C ASN B 478 -11.02 -52.94 40.84
N HIS B 479 -11.00 -52.45 39.60
CA HIS B 479 -11.85 -52.95 38.51
C HIS B 479 -11.16 -53.08 37.15
N THR B 480 -11.69 -53.96 36.31
CA THR B 480 -11.25 -54.04 34.93
C THR B 480 -12.46 -53.89 33.99
N ARG B 481 -12.52 -52.76 33.27
CA ARG B 481 -13.68 -52.40 32.42
C ARG B 481 -13.23 -52.63 31.02
N ARG B 482 -14.03 -53.36 30.25
CA ARG B 482 -13.84 -53.49 28.83
C ARG B 482 -15.18 -52.88 28.22
N LEU B 483 -15.06 -52.29 27.02
CA LEU B 483 -16.22 -51.97 26.13
C LEU B 483 -15.82 -52.14 24.66
N GLU B 484 -16.72 -52.75 23.89
CA GLU B 484 -16.56 -52.98 22.48
C GLU B 484 -17.85 -52.46 21.84
N GLN B 485 -17.71 -51.79 20.68
CA GLN B 485 -18.89 -51.35 19.90
C GLN B 485 -18.61 -51.35 18.44
N THR B 486 -19.61 -51.85 17.71
CA THR B 486 -19.60 -51.82 16.27
C THR B 486 -20.89 -51.36 15.68
N GLY B 487 -20.78 -50.45 14.71
CA GLY B 487 -21.92 -49.84 14.08
C GLY B 487 -21.77 -49.97 12.58
N VAL B 488 -22.92 -50.01 11.89
CA VAL B 488 -22.97 -49.90 10.44
C VAL B 488 -23.82 -48.72 10.09
N TYR B 489 -23.34 -47.87 9.20
CA TYR B 489 -24.14 -46.72 8.78
C TYR B 489 -24.26 -46.51 7.28
N LEU B 490 -25.22 -45.63 6.94
CA LEU B 490 -25.69 -45.39 5.59
C LEU B 490 -26.23 -43.96 5.56
N GLN B 491 -25.85 -43.13 4.60
CA GLN B 491 -26.37 -41.75 4.53
C GLN B 491 -26.36 -41.17 3.10
N ASP B 492 -27.55 -40.88 2.55
CA ASP B 492 -27.70 -40.30 1.20
C ASP B 492 -27.95 -38.80 1.36
N LEU B 493 -27.21 -37.95 0.63
CA LEU B 493 -27.51 -36.50 0.55
C LEU B 493 -28.00 -36.13 -0.84
N ILE B 494 -29.32 -36.10 -0.99
CA ILE B 494 -30.00 -35.85 -2.25
C ILE B 494 -30.18 -34.30 -2.42
N ASP B 495 -29.96 -33.78 -3.65
CA ASP B 495 -30.01 -32.30 -4.02
C ASP B 495 -30.77 -31.91 -5.38
N ILE B 496 -32.04 -31.50 -5.30
CA ILE B 496 -32.83 -31.18 -6.49
C ILE B 496 -33.16 -29.70 -6.45
N ASP B 497 -32.73 -28.96 -7.46
CA ASP B 497 -33.07 -27.52 -7.60
C ASP B 497 -32.53 -26.64 -6.40
N GLN B 498 -33.48 -26.03 -5.69
CA GLN B 498 -33.24 -25.22 -4.51
C GLN B 498 -33.39 -26.11 -3.20
N TRP B 499 -33.94 -27.35 -3.31
CA TRP B 499 -34.02 -28.31 -2.17
C TRP B 499 -32.71 -29.06 -1.92
N ARG B 500 -32.40 -29.32 -0.63
CA ARG B 500 -31.45 -30.39 -0.21
C ARG B 500 -32.10 -31.25 0.89
N PHE B 501 -32.11 -32.57 0.70
CA PHE B 501 -32.55 -33.55 1.72
C PHE B 501 -31.32 -34.27 2.30
N SER B 502 -31.47 -34.76 3.54
CA SER B 502 -30.51 -35.65 4.21
C SER B 502 -31.20 -36.88 4.80
N LEU B 503 -30.84 -38.05 4.31
CA LEU B 503 -31.30 -39.28 4.92
C LEU B 503 -30.13 -40.02 5.49
N GLY B 504 -30.40 -40.72 6.60
CA GLY B 504 -29.35 -41.37 7.43
C GLY B 504 -29.89 -42.51 8.29
N LEU B 505 -29.19 -43.64 8.30
CA LEU B 505 -29.55 -44.80 9.14
C LEU B 505 -28.30 -45.46 9.72
N ARG B 506 -28.44 -45.94 10.97
CA ARG B 506 -27.37 -46.62 11.72
C ARG B 506 -27.90 -47.79 12.54
N GLN B 507 -27.04 -48.78 12.74
CA GLN B 507 -27.36 -49.92 13.58
C GLN B 507 -26.14 -50.22 14.41
N ASP B 508 -26.21 -49.83 15.69
CA ASP B 508 -25.13 -49.96 16.70
C ASP B 508 -25.28 -51.33 17.40
N TRP B 509 -24.18 -52.03 17.70
CA TRP B 509 -24.22 -53.15 18.66
C TRP B 509 -23.09 -52.97 19.65
N VAL B 510 -23.39 -53.13 20.93
CA VAL B 510 -22.43 -52.76 21.96
C VAL B 510 -22.41 -53.78 23.07
N SER B 511 -21.27 -53.83 23.76
CA SER B 511 -21.09 -54.78 24.81
C SER B 511 -20.15 -54.16 25.83
N VAL B 512 -20.47 -54.23 27.13
CA VAL B 512 -19.72 -53.51 28.21
C VAL B 512 -19.55 -54.41 29.42
N THR B 513 -18.33 -54.57 29.93
CA THR B 513 -18.17 -55.27 31.21
C THR B 513 -17.37 -54.48 32.24
N ASP B 514 -17.34 -55.03 33.48
CA ASP B 514 -16.57 -54.48 34.63
C ASP B 514 -16.31 -55.54 35.68
N LYS B 515 -15.20 -56.29 35.69
CA LYS B 515 -15.00 -57.35 36.75
C LYS B 515 -14.40 -56.56 37.82
N ASN B 516 -15.07 -56.67 38.95
CA ASN B 516 -14.73 -55.96 40.17
C ASN B 516 -13.69 -56.84 40.84
N ARG B 517 -12.43 -56.55 40.53
CA ARG B 517 -11.32 -57.38 40.89
C ARG B 517 -11.19 -57.54 42.37
N SER B 518 -11.56 -56.53 43.16
CA SER B 518 -11.49 -56.68 44.60
C SER B 518 -12.72 -57.40 45.17
N THR B 519 -13.97 -57.23 44.70
CA THR B 519 -15.10 -58.19 45.07
C THR B 519 -15.18 -59.55 44.37
N GLY B 520 -14.96 -59.56 43.06
CA GLY B 520 -15.49 -60.62 42.23
C GLY B 520 -16.58 -60.16 41.27
N SER B 521 -17.65 -59.50 41.73
CA SER B 521 -18.77 -59.10 40.81
C SER B 521 -18.33 -58.63 39.40
N LYS B 522 -18.82 -59.26 38.33
CA LYS B 522 -18.59 -58.83 36.94
C LYS B 522 -19.96 -58.42 36.51
N ALA B 523 -20.19 -57.25 35.96
CA ALA B 523 -21.44 -57.11 35.21
C ALA B 523 -20.93 -57.03 33.81
N ASP B 524 -21.89 -57.24 32.90
CA ASP B 524 -21.64 -57.78 31.57
C ASP B 524 -22.98 -57.70 30.88
N ASP B 525 -23.09 -56.80 29.91
CA ASP B 525 -24.37 -56.51 29.27
C ASP B 525 -24.11 -56.20 27.81
N ASP B 526 -25.16 -56.33 27.03
CA ASP B 526 -25.12 -56.08 25.60
C ASP B 526 -26.31 -55.23 25.22
N TRP B 527 -26.14 -54.31 24.28
CA TRP B 527 -27.30 -53.57 23.75
C TRP B 527 -27.17 -53.39 22.26
N GLU B 528 -28.30 -53.03 21.66
CA GLU B 528 -28.39 -53.00 20.23
C GLU B 528 -29.34 -51.87 19.95
N LYS B 529 -29.21 -51.17 18.82
CA LYS B 529 -30.16 -50.10 18.47
C LYS B 529 -30.06 -49.50 17.05
N PHE B 530 -31.19 -49.49 16.34
CA PHE B 530 -31.37 -48.71 15.09
C PHE B 530 -31.67 -47.21 15.38
N THR B 531 -31.04 -46.35 14.61
CA THR B 531 -31.07 -44.93 14.83
C THR B 531 -31.20 -44.33 13.45
N GLY B 532 -31.73 -43.13 13.32
CA GLY B 532 -31.62 -42.43 12.04
C GLY B 532 -32.03 -40.96 11.97
N ARG B 533 -31.96 -40.41 10.76
CA ARG B 533 -32.00 -38.97 10.55
C ARG B 533 -32.71 -38.71 9.27
N ILE B 534 -33.82 -37.96 9.36
CA ILE B 534 -34.55 -37.50 8.18
C ILE B 534 -34.56 -35.97 8.28
N GLY B 535 -34.26 -35.29 7.18
CA GLY B 535 -33.97 -33.85 7.28
C GLY B 535 -34.02 -33.11 5.97
N ALA B 536 -34.89 -32.09 5.85
CA ALA B 536 -35.04 -31.37 4.56
C ALA B 536 -34.92 -29.82 4.63
N LEU B 537 -34.30 -29.24 3.60
CA LEU B 537 -33.92 -27.83 3.56
C LEU B 537 -34.32 -27.25 2.22
N TYR B 538 -34.37 -25.91 2.17
CA TYR B 538 -34.80 -25.14 1.01
C TYR B 538 -33.95 -23.85 0.90
N LEU B 539 -33.39 -23.57 -0.30
CA LEU B 539 -32.51 -22.41 -0.52
C LEU B 539 -33.08 -21.35 -1.47
N PHE B 540 -33.69 -20.29 -0.91
CA PHE B 540 -34.29 -19.16 -1.68
C PHE B 540 -33.20 -18.35 -2.31
N ASP B 541 -33.52 -17.69 -3.44
CA ASP B 541 -32.51 -16.89 -4.15
C ASP B 541 -32.10 -15.75 -3.23
N ASN B 542 -32.97 -15.43 -2.28
CA ASN B 542 -32.67 -14.61 -1.11
C ASN B 542 -31.24 -14.73 -0.57
N GLY B 543 -30.71 -15.95 -0.52
CA GLY B 543 -29.64 -16.30 0.42
C GLY B 543 -30.19 -16.92 1.71
N LEU B 544 -31.50 -17.16 1.75
CA LEU B 544 -32.22 -17.61 2.92
C LEU B 544 -32.55 -19.13 2.86
N ALA B 545 -32.12 -19.88 3.83
CA ALA B 545 -32.29 -21.31 3.78
C ALA B 545 -32.94 -21.87 5.04
N PRO B 546 -34.27 -21.91 5.10
CA PRO B 546 -34.92 -22.60 6.22
C PRO B 546 -34.84 -24.16 6.11
N TYR B 547 -35.09 -24.89 7.24
CA TYR B 547 -35.08 -26.41 7.30
C TYR B 547 -35.79 -27.10 8.50
N VAL B 548 -36.24 -28.35 8.34
CA VAL B 548 -36.54 -29.22 9.49
C VAL B 548 -35.60 -30.39 9.53
N SER B 549 -35.55 -31.01 10.71
CA SER B 549 -34.70 -32.16 11.01
C SER B 549 -35.41 -32.94 12.09
N TYR B 550 -35.52 -34.22 11.87
CA TYR B 550 -35.82 -35.06 12.96
C TYR B 550 -34.64 -35.99 13.11
N SER B 551 -33.95 -35.91 14.26
CA SER B 551 -32.70 -36.64 14.54
C SER B 551 -32.86 -37.54 15.78
N GLU B 552 -32.17 -38.68 15.76
CA GLU B 552 -32.02 -39.55 16.95
C GLU B 552 -30.56 -39.80 17.47
N SER B 553 -30.44 -40.10 18.76
CA SER B 553 -29.17 -40.54 19.29
C SER B 553 -29.26 -41.76 20.18
N PHE B 554 -28.18 -42.51 20.14
CA PHE B 554 -28.04 -43.73 20.89
C PHE B 554 -26.61 -43.76 21.37
N ASN B 555 -26.52 -43.64 22.71
CA ASN B 555 -25.28 -43.64 23.52
C ASN B 555 -25.23 -44.72 24.67
N PRO B 556 -24.49 -45.84 24.43
CA PRO B 556 -24.36 -46.85 25.44
C PRO B 556 -23.40 -46.37 26.45
N ASN B 557 -23.70 -46.75 27.69
CA ASN B 557 -23.11 -46.16 28.87
C ASN B 557 -22.46 -47.26 29.59
N ALA B 558 -21.38 -46.89 30.32
CA ALA B 558 -20.59 -47.84 31.14
C ALA B 558 -20.47 -47.38 32.57
N TYR B 559 -21.57 -47.28 33.33
CA TYR B 559 -21.56 -46.87 34.76
C TYR B 559 -22.41 -47.81 35.62
N SER B 560 -22.31 -47.75 36.96
CA SER B 560 -23.36 -48.34 37.86
C SER B 560 -24.22 -47.50 38.83
N ASP B 561 -25.32 -48.10 39.24
CA ASP B 561 -26.23 -47.59 40.27
C ASP B 561 -25.57 -47.66 41.58
N ALA B 562 -26.16 -47.00 42.56
CA ALA B 562 -25.89 -47.35 43.96
C ALA B 562 -26.50 -48.67 44.32
N SER B 563 -27.58 -49.08 43.64
CA SER B 563 -28.21 -50.42 43.83
C SER B 563 -27.43 -51.53 43.20
N GLY B 564 -26.33 -51.23 42.53
CA GLY B 564 -25.43 -52.24 42.02
C GLY B 564 -25.53 -52.34 40.52
N THR B 565 -26.73 -52.19 39.98
CA THR B 565 -27.06 -52.63 38.61
C THR B 565 -26.71 -51.55 37.58
N PRO B 566 -26.22 -51.91 36.35
CA PRO B 566 -25.60 -50.90 35.44
C PRO B 566 -26.55 -50.01 34.65
N LEU B 567 -26.10 -48.90 34.11
CA LEU B 567 -27.04 -48.02 33.46
C LEU B 567 -27.24 -48.32 31.96
N ALA B 568 -28.50 -48.22 31.58
CA ALA B 568 -28.84 -48.53 30.21
C ALA B 568 -28.36 -47.39 29.42
N PRO B 569 -27.99 -47.64 28.18
CA PRO B 569 -27.80 -46.58 27.18
C PRO B 569 -28.76 -45.37 27.24
N THR B 570 -28.23 -44.18 26.99
CA THR B 570 -28.98 -42.92 26.94
C THR B 570 -29.56 -42.75 25.54
N GLU B 571 -30.85 -42.38 25.39
CA GLU B 571 -31.52 -42.30 24.06
C GLU B 571 -31.91 -40.83 23.77
N GLY B 572 -32.15 -40.43 22.51
CA GLY B 572 -32.50 -39.03 22.21
C GLY B 572 -33.34 -38.81 20.97
N LYS B 573 -34.34 -37.91 21.03
CA LYS B 573 -35.17 -37.57 19.88
C LYS B 573 -35.17 -36.08 19.86
N GLN B 574 -34.67 -35.48 18.77
CA GLN B 574 -34.71 -34.03 18.53
C GLN B 574 -35.54 -33.62 17.32
N TRP B 575 -36.54 -32.76 17.47
CA TRP B 575 -37.10 -32.03 16.32
C TRP B 575 -36.48 -30.65 16.33
N GLU B 576 -36.02 -30.16 15.19
CA GLU B 576 -35.47 -28.81 15.10
C GLU B 576 -35.98 -28.17 13.84
N LEU B 577 -36.43 -26.92 13.99
CA LEU B 577 -36.82 -26.04 12.91
C LEU B 577 -35.78 -24.91 12.83
N GLY B 578 -35.26 -24.63 11.63
CA GLY B 578 -34.12 -23.71 11.53
C GLY B 578 -34.05 -22.88 10.28
N LEU B 579 -33.29 -21.79 10.38
CA LEU B 579 -33.21 -20.77 9.38
C LEU B 579 -31.79 -20.23 9.28
N LYS B 580 -31.17 -20.40 8.10
CA LYS B 580 -29.79 -19.97 7.84
C LYS B 580 -29.88 -18.92 6.77
N PHE B 581 -28.99 -17.96 6.83
CA PHE B 581 -29.03 -16.87 5.92
C PHE B 581 -27.63 -16.34 5.64
N GLN B 582 -27.24 -16.43 4.36
CA GLN B 582 -26.02 -15.83 3.77
C GLN B 582 -26.46 -15.10 2.54
N ALA B 583 -26.48 -13.78 2.66
CA ALA B 583 -26.79 -12.91 1.56
C ALA B 583 -25.74 -13.16 0.50
N PRO B 584 -26.18 -13.36 -0.78
CA PRO B 584 -25.34 -13.78 -1.92
C PRO B 584 -23.93 -13.26 -1.92
N GLY B 585 -22.98 -14.21 -1.72
CA GLY B 585 -21.57 -14.00 -1.30
C GLY B 585 -21.16 -12.78 -0.46
N SER B 586 -21.82 -12.49 0.67
CA SER B 586 -21.37 -11.42 1.58
C SER B 586 -20.28 -12.07 2.42
N ASN B 587 -19.65 -11.32 3.29
CA ASN B 587 -18.76 -11.97 4.23
C ASN B 587 -19.46 -12.18 5.59
N SER B 588 -20.78 -12.43 5.56
CA SER B 588 -21.60 -12.63 6.73
C SER B 588 -22.38 -13.93 6.63
N PHE B 589 -22.81 -14.40 7.81
CA PHE B 589 -23.67 -15.59 7.96
C PHE B 589 -24.47 -15.42 9.27
N TYR B 590 -25.80 -15.73 9.22
CA TYR B 590 -26.69 -15.77 10.40
C TYR B 590 -27.45 -17.14 10.45
N THR B 591 -27.62 -17.69 11.65
CA THR B 591 -28.39 -18.92 11.86
C THR B 591 -29.38 -18.61 12.96
N ALA B 592 -30.54 -19.21 12.89
CA ALA B 592 -31.46 -19.09 13.98
C ALA B 592 -32.07 -20.48 14.07
N SER B 593 -31.82 -21.12 15.21
CA SER B 593 -32.27 -22.45 15.42
C SER B 593 -33.22 -22.56 16.59
N LEU B 594 -34.19 -23.45 16.44
CA LEU B 594 -35.26 -23.63 17.41
C LEU B 594 -35.55 -25.12 17.58
N PHE B 595 -35.30 -25.63 18.78
CA PHE B 595 -35.11 -27.07 18.93
C PHE B 595 -35.94 -27.70 20.05
N HIS B 596 -36.13 -29.02 19.96
CA HIS B 596 -36.79 -29.78 20.96
C HIS B 596 -36.17 -31.21 21.18
N ILE B 597 -35.13 -31.31 22.01
CA ILE B 597 -34.56 -32.62 22.40
C ILE B 597 -35.26 -33.22 23.64
N THR B 598 -35.32 -34.55 23.65
CA THR B 598 -35.84 -35.35 24.75
C THR B 598 -34.94 -36.56 24.87
N GLN B 599 -34.04 -36.52 25.86
CA GLN B 599 -33.16 -37.63 26.21
C GLN B 599 -33.87 -38.54 27.22
N GLU B 600 -33.94 -39.87 27.01
CA GLU B 600 -34.36 -40.81 28.06
C GLU B 600 -33.07 -41.38 28.73
N ASN B 601 -33.12 -41.63 30.05
CA ASN B 601 -31.99 -42.26 30.77
C ASN B 601 -30.67 -41.51 30.90
N VAL B 602 -30.64 -40.44 31.65
CA VAL B 602 -29.56 -39.53 31.46
C VAL B 602 -28.23 -39.84 32.16
N ALA B 603 -28.16 -40.15 33.44
CA ALA B 603 -26.77 -40.44 33.99
C ALA B 603 -25.98 -39.26 34.57
N SER B 604 -26.33 -38.95 35.83
CA SER B 604 -25.63 -37.93 36.65
C SER B 604 -24.66 -38.58 37.58
N LYS B 605 -23.92 -37.68 38.13
CA LYS B 605 -23.00 -38.12 39.00
C LYS B 605 -23.23 -37.74 40.36
N GLU B 606 -23.16 -36.41 40.72
CA GLU B 606 -22.93 -35.88 42.11
C GLU B 606 -21.48 -36.29 42.55
N PRO B 607 -20.64 -35.29 42.74
CA PRO B 607 -19.22 -35.50 42.97
C PRO B 607 -18.81 -36.01 44.31
N GLN B 608 -19.62 -36.76 45.00
CA GLN B 608 -19.24 -37.20 46.30
C GLN B 608 -19.39 -38.68 46.37
N ASP B 609 -20.18 -39.18 45.44
CA ASP B 609 -20.45 -40.56 45.29
C ASP B 609 -19.51 -41.14 44.30
N ASN B 610 -19.38 -42.45 44.31
CA ASN B 610 -18.55 -43.11 43.35
C ASN B 610 -19.54 -43.88 42.53
N PHE B 611 -20.67 -43.26 42.26
CA PHE B 611 -21.73 -44.00 41.53
C PHE B 611 -22.73 -43.05 40.83
N TYR B 612 -23.29 -43.52 39.72
CA TYR B 612 -24.20 -42.73 38.93
C TYR B 612 -25.67 -42.96 39.20
N THR B 613 -26.57 -42.05 38.80
CA THR B 613 -27.99 -42.35 39.12
C THR B 613 -28.94 -42.65 37.95
N SER B 614 -28.54 -42.70 36.69
CA SER B 614 -29.54 -42.84 35.55
C SER B 614 -30.51 -41.73 35.73
N VAL B 615 -31.38 -41.43 34.79
CA VAL B 615 -32.49 -40.51 35.07
C VAL B 615 -33.71 -41.33 34.59
N GLY B 616 -34.37 -40.87 33.51
CA GLY B 616 -35.68 -41.32 32.96
C GLY B 616 -35.79 -40.02 32.25
N GLU B 617 -36.71 -39.74 31.35
CA GLU B 617 -36.49 -38.52 30.47
C GLU B 617 -36.22 -37.06 31.06
N VAL B 618 -35.41 -36.28 30.34
CA VAL B 618 -35.21 -34.84 30.56
C VAL B 618 -35.52 -34.16 29.28
N ARG B 619 -36.22 -33.02 29.30
CA ARG B 619 -36.60 -32.38 28.04
C ARG B 619 -36.00 -30.97 27.92
N SER B 620 -35.50 -30.62 26.74
CA SER B 620 -34.90 -29.31 26.48
C SER B 620 -35.45 -28.67 25.21
N GLN B 621 -35.57 -27.35 25.27
CA GLN B 621 -36.06 -26.57 24.12
C GLN B 621 -35.64 -25.12 24.18
N GLY B 622 -35.39 -24.57 23.01
CA GLY B 622 -34.93 -23.23 22.97
C GLY B 622 -34.58 -22.72 21.59
N LEU B 623 -33.85 -21.61 21.65
CA LEU B 623 -33.52 -20.76 20.57
C LEU B 623 -32.06 -20.40 20.61
N GLU B 624 -31.42 -20.44 19.46
CA GLU B 624 -30.06 -19.96 19.32
C GLU B 624 -30.00 -18.94 18.16
N LEU B 625 -29.59 -17.71 18.41
CA LEU B 625 -29.23 -16.80 17.29
C LEU B 625 -27.70 -16.73 17.24
N GLU B 626 -27.14 -16.90 16.05
CA GLU B 626 -25.69 -16.89 15.86
C GLU B 626 -25.37 -15.88 14.75
N ALA B 627 -24.36 -15.05 14.97
CA ALA B 627 -23.97 -14.09 13.97
C ALA B 627 -22.48 -14.00 13.81
N HIS B 628 -21.97 -14.16 12.59
CA HIS B 628 -20.64 -13.59 12.25
C HIS B 628 -20.80 -12.63 11.08
N THR B 629 -20.17 -11.44 11.20
CA THR B 629 -20.23 -10.37 10.16
C THR B 629 -18.87 -9.65 10.02
N GLN B 630 -18.38 -9.53 8.79
CA GLN B 630 -17.06 -8.92 8.52
C GLN B 630 -17.48 -7.60 7.92
N LEU B 631 -17.93 -6.69 8.80
CA LEU B 631 -18.47 -5.36 8.44
C LEU B 631 -17.53 -4.46 7.64
N SER B 632 -16.21 -4.67 7.68
CA SER B 632 -15.34 -4.11 6.65
C SER B 632 -14.10 -4.96 6.41
N ASP B 633 -13.24 -4.40 5.57
CA ASP B 633 -11.87 -4.84 5.38
C ASP B 633 -11.03 -4.92 6.68
N ASN B 634 -11.46 -4.25 7.78
CA ASN B 634 -10.73 -4.26 9.08
C ASN B 634 -11.48 -4.87 10.26
N LEU B 635 -12.70 -4.38 10.49
CA LEU B 635 -13.53 -4.80 11.62
C LEU B 635 -14.27 -6.12 11.34
N LYS B 636 -14.10 -7.06 12.29
CA LYS B 636 -14.83 -8.33 12.35
C LYS B 636 -15.60 -8.44 13.68
N LEU B 637 -16.72 -9.13 13.59
CA LEU B 637 -17.72 -9.17 14.64
C LEU B 637 -18.30 -10.60 14.77
N LEU B 638 -18.79 -10.88 15.98
CA LEU B 638 -19.18 -12.23 16.42
C LEU B 638 -20.16 -12.11 17.60
N GLY B 639 -21.26 -12.83 17.55
CA GLY B 639 -22.20 -12.69 18.62
C GLY B 639 -23.24 -13.76 18.60
N SER B 640 -23.82 -13.98 19.79
CA SER B 640 -24.80 -15.02 19.98
C SER B 640 -25.69 -14.74 21.16
N TYR B 641 -26.87 -15.31 21.08
CA TYR B 641 -27.82 -15.34 22.16
C TYR B 641 -28.45 -16.74 22.17
N THR B 642 -28.38 -17.36 23.33
CA THR B 642 -29.07 -18.61 23.59
C THR B 642 -30.12 -18.50 24.64
N TYR B 643 -31.24 -19.13 24.34
CA TYR B 643 -32.33 -19.27 25.25
C TYR B 643 -32.58 -20.77 25.42
N THR B 644 -32.46 -21.29 26.64
CA THR B 644 -32.63 -22.71 26.92
C THR B 644 -33.72 -22.93 27.99
N ASP B 645 -34.60 -23.90 27.74
CA ASP B 645 -35.68 -24.25 28.65
C ASP B 645 -35.68 -25.78 28.89
N ILE B 646 -35.09 -26.21 30.01
CA ILE B 646 -34.88 -27.62 30.24
C ILE B 646 -35.51 -28.04 31.53
N THR B 647 -35.94 -29.29 31.65
CA THR B 647 -36.81 -29.73 32.74
C THR B 647 -36.71 -31.22 32.91
N TYR B 648 -36.71 -31.67 34.15
CA TYR B 648 -36.67 -33.11 34.44
C TYR B 648 -38.08 -33.54 34.27
N THR B 649 -38.40 -34.25 33.20
CA THR B 649 -39.79 -34.64 33.01
C THR B 649 -40.07 -36.04 33.49
N LYS B 650 -39.05 -36.85 33.74
CA LYS B 650 -39.23 -38.14 34.40
C LYS B 650 -38.01 -38.51 35.23
N SER B 651 -38.18 -38.44 36.54
CA SER B 651 -37.12 -38.73 37.52
C SER B 651 -37.79 -39.19 38.80
N LEU B 652 -37.09 -39.88 39.69
CA LEU B 652 -37.62 -40.19 41.06
C LEU B 652 -36.68 -39.66 42.19
N ASP B 653 -35.87 -38.62 41.88
CA ASP B 653 -34.95 -37.96 42.86
C ASP B 653 -35.83 -37.13 43.80
N GLY B 654 -37.06 -36.88 43.31
CA GLY B 654 -38.05 -36.04 43.94
C GLY B 654 -38.24 -34.77 43.14
N ASN B 655 -37.49 -34.58 42.05
CA ASN B 655 -37.38 -33.28 41.35
C ASN B 655 -38.05 -33.28 40.00
N GLN B 656 -38.99 -34.19 39.80
CA GLN B 656 -39.68 -34.15 38.53
C GLN B 656 -40.43 -32.83 38.43
N GLY B 657 -40.28 -32.16 37.30
CA GLY B 657 -40.99 -30.90 37.07
C GLY B 657 -40.02 -29.81 37.30
N HIS B 658 -38.96 -30.03 38.10
CA HIS B 658 -37.85 -29.06 38.27
C HIS B 658 -36.85 -28.92 37.06
N THR B 659 -35.96 -27.94 37.23
CA THR B 659 -35.00 -27.55 36.24
C THR B 659 -33.61 -27.99 36.65
N PRO B 660 -32.87 -28.55 35.71
CA PRO B 660 -31.51 -28.89 36.09
C PRO B 660 -30.62 -27.70 36.44
N ASN B 661 -29.69 -28.03 37.31
CA ASN B 661 -28.69 -27.07 37.75
C ASN B 661 -27.61 -26.91 36.67
N GLN B 662 -26.74 -25.95 36.88
CA GLN B 662 -25.73 -25.63 35.90
C GLN B 662 -26.22 -25.59 34.38
N ALA B 663 -27.35 -24.93 34.18
CA ALA B 663 -27.95 -24.82 32.86
C ALA B 663 -28.60 -23.45 32.88
N PRO B 664 -27.97 -22.48 32.23
CA PRO B 664 -28.59 -21.15 32.23
C PRO B 664 -29.68 -21.06 31.19
N LYS B 665 -30.73 -20.31 31.50
CA LYS B 665 -31.79 -20.07 30.54
C LYS B 665 -31.22 -19.17 29.49
N HIS B 666 -30.65 -18.04 29.93
CA HIS B 666 -30.09 -17.04 29.01
C HIS B 666 -28.60 -16.92 28.93
N MET B 667 -28.10 -16.82 27.70
CA MET B 667 -26.69 -16.59 27.46
C MET B 667 -26.49 -15.64 26.29
N ALA B 668 -25.49 -14.77 26.42
CA ALA B 668 -25.19 -13.83 25.36
C ALA B 668 -23.73 -13.39 25.29
N SER B 669 -23.29 -13.17 24.07
CA SER B 669 -21.89 -12.95 23.83
C SER B 669 -21.74 -12.06 22.59
N LEU B 670 -20.96 -11.01 22.74
CA LEU B 670 -20.51 -10.30 21.61
C LEU B 670 -18.99 -10.30 21.71
N TRP B 671 -18.32 -10.38 20.55
CA TRP B 671 -16.88 -10.13 20.37
C TRP B 671 -16.54 -9.33 19.07
N ALA B 672 -15.62 -8.38 19.19
CA ALA B 672 -15.18 -7.57 18.04
C ALA B 672 -13.64 -7.38 18.02
N ASP B 673 -13.10 -7.27 16.79
CA ASP B 673 -11.66 -7.09 16.57
C ASP B 673 -11.47 -6.14 15.42
N TYR B 674 -10.97 -4.94 15.75
CA TYR B 674 -10.55 -3.96 14.76
C TYR B 674 -9.09 -4.12 14.54
N ALA B 675 -8.71 -4.12 13.26
CA ALA B 675 -7.33 -4.15 12.85
C ALA B 675 -7.07 -2.99 11.88
N PHE B 676 -6.30 -1.98 12.32
CA PHE B 676 -5.85 -0.83 11.49
C PHE B 676 -4.83 -1.35 10.42
N ASP B 677 -5.09 -1.02 9.13
CA ASP B 677 -4.25 -1.42 7.94
C ASP B 677 -3.76 -0.20 7.06
N ALA B 678 -3.45 0.93 7.70
CA ALA B 678 -3.09 2.20 7.04
C ALA B 678 -2.63 3.22 8.09
N GLY B 679 -2.01 4.30 7.69
CA GLY B 679 -1.81 5.45 8.61
C GLY B 679 -0.63 5.39 9.58
N PRO B 680 -0.61 6.32 10.59
CA PRO B 680 0.22 6.11 11.79
C PRO B 680 0.09 4.66 12.34
N LEU B 681 -1.13 4.26 12.68
CA LEU B 681 -1.39 3.04 13.44
C LEU B 681 -1.50 1.75 12.63
N SER B 682 -0.72 1.57 11.58
CA SER B 682 -0.85 0.34 10.78
C SER B 682 -0.19 -0.84 11.47
N GLY B 683 -0.85 -1.99 11.35
CA GLY B 683 -0.48 -3.23 12.06
C GLY B 683 -1.07 -3.41 13.46
N LEU B 684 -1.69 -2.34 13.98
CA LEU B 684 -2.34 -2.38 15.28
C LEU B 684 -3.67 -3.10 15.13
N SER B 685 -4.02 -3.92 16.15
CA SER B 685 -5.32 -4.58 16.29
C SER B 685 -5.79 -4.40 17.72
N ILE B 686 -7.03 -3.94 17.88
CA ILE B 686 -7.70 -3.85 19.19
C ILE B 686 -8.93 -4.70 19.09
N GLY B 687 -9.11 -5.60 20.06
CA GLY B 687 -10.28 -6.48 20.10
C GLY B 687 -10.84 -6.65 21.50
N GLY B 688 -12.15 -6.90 21.59
CA GLY B 688 -12.75 -7.22 22.87
C GLY B 688 -14.07 -7.97 22.77
N GLY B 689 -14.63 -8.29 23.92
CA GLY B 689 -15.94 -8.91 23.97
C GLY B 689 -16.55 -8.91 25.34
N ALA B 690 -17.86 -9.08 25.35
CA ALA B 690 -18.53 -9.41 26.56
C ALA B 690 -19.22 -10.78 26.46
N ARG B 691 -19.19 -11.46 27.61
CA ARG B 691 -19.88 -12.69 27.82
C ARG B 691 -20.82 -12.52 28.95
N TYR B 692 -22.02 -13.00 28.73
CA TYR B 692 -23.04 -12.98 29.71
C TYR B 692 -23.66 -14.38 29.84
N VAL B 693 -23.75 -14.77 31.10
CA VAL B 693 -24.37 -15.99 31.50
C VAL B 693 -25.48 -15.51 32.35
N GLY B 694 -26.67 -16.02 32.08
CA GLY B 694 -27.77 -15.81 32.99
C GLY B 694 -27.55 -16.46 34.33
N GLU B 695 -28.55 -16.21 35.16
CA GLU B 695 -28.80 -16.97 36.38
C GLU B 695 -28.86 -18.48 36.08
N THR B 696 -28.26 -19.28 36.97
CA THR B 696 -28.36 -20.73 36.98
C THR B 696 -28.91 -21.15 38.36
N TRP B 697 -29.29 -22.41 38.53
CA TRP B 697 -29.59 -22.88 39.88
C TRP B 697 -28.37 -23.56 40.49
N ALA B 698 -28.38 -23.60 41.79
CA ALA B 698 -27.35 -24.32 42.46
C ALA B 698 -27.88 -25.67 42.73
N ASP B 699 -29.06 -25.86 43.37
CA ASP B 699 -29.58 -27.25 43.35
C ASP B 699 -30.83 -27.47 42.59
N LYS B 700 -30.89 -28.73 42.13
CA LYS B 700 -31.98 -29.45 41.48
C LYS B 700 -33.27 -29.46 42.19
N GLU B 701 -33.31 -28.98 43.41
CA GLU B 701 -34.55 -28.71 44.11
C GLU B 701 -35.09 -27.32 43.76
N ASN B 702 -34.34 -26.54 42.99
CA ASN B 702 -34.59 -25.13 42.71
C ASN B 702 -34.83 -24.36 44.01
N THR B 703 -33.74 -24.24 44.75
CA THR B 703 -33.67 -23.78 46.13
C THR B 703 -33.06 -22.39 46.19
N LEU B 704 -31.96 -22.25 45.44
CA LEU B 704 -30.96 -21.20 45.60
C LEU B 704 -30.36 -20.87 44.27
N ARG B 705 -30.14 -19.61 43.95
CA ARG B 705 -29.65 -19.24 42.60
C ARG B 705 -28.20 -18.82 42.59
N VAL B 706 -27.48 -19.21 41.57
CA VAL B 706 -26.15 -18.74 41.34
C VAL B 706 -26.32 -17.49 40.49
N PRO B 707 -25.91 -16.35 41.00
CA PRO B 707 -26.20 -15.16 40.22
C PRO B 707 -25.44 -15.07 38.94
N ASP B 708 -26.03 -14.24 38.08
CA ASP B 708 -25.59 -14.02 36.71
C ASP B 708 -24.34 -13.19 36.74
N TYR B 709 -23.68 -13.18 35.60
CA TYR B 709 -22.40 -12.57 35.48
C TYR B 709 -22.07 -12.20 34.03
N THR B 710 -21.48 -11.00 33.88
CA THR B 710 -20.92 -10.58 32.62
C THR B 710 -19.45 -10.40 32.66
N LEU B 711 -18.77 -10.98 31.69
CA LEU B 711 -17.32 -10.97 31.68
C LEU B 711 -16.92 -10.12 30.48
N VAL B 712 -15.79 -9.43 30.67
CA VAL B 712 -15.20 -8.65 29.61
C VAL B 712 -13.84 -9.20 29.28
N ASP B 713 -13.53 -9.20 27.98
CA ASP B 713 -12.28 -9.69 27.47
C ASP B 713 -11.76 -8.70 26.49
N ALA B 714 -10.45 -8.52 26.48
CA ALA B 714 -9.78 -7.52 25.65
C ALA B 714 -8.45 -8.08 25.12
N ARG B 715 -7.78 -7.28 24.28
CA ARG B 715 -6.81 -7.75 23.28
C ARG B 715 -6.19 -6.52 22.56
N ILE B 716 -4.87 -6.41 22.58
CA ILE B 716 -4.14 -5.38 21.83
C ILE B 716 -3.13 -6.24 21.11
N GLY B 717 -2.74 -5.80 19.91
CA GLY B 717 -1.90 -6.63 19.05
C GLY B 717 -1.24 -5.85 17.93
N TYR B 718 0.02 -6.17 17.72
CA TYR B 718 0.84 -5.34 16.90
C TYR B 718 1.80 -6.23 16.13
N ASP B 719 1.71 -6.06 14.82
CA ASP B 719 2.63 -6.67 13.87
C ASP B 719 3.88 -5.83 13.79
N LEU B 720 4.98 -6.37 14.27
CA LEU B 720 6.24 -5.68 14.21
C LEU B 720 6.86 -5.78 12.83
N GLY B 721 6.16 -6.39 11.86
CA GLY B 721 6.60 -6.40 10.45
C GLY B 721 6.84 -4.97 9.97
N LYS B 722 5.84 -4.16 10.24
CA LYS B 722 5.83 -2.73 9.91
C LYS B 722 7.04 -1.97 10.45
N LEU B 723 7.44 -2.21 11.67
CA LEU B 723 8.68 -1.58 12.16
C LEU B 723 9.93 -2.03 11.40
N GLY B 724 9.99 -3.28 10.96
CA GLY B 724 11.16 -3.74 10.23
C GLY B 724 11.48 -5.21 10.34
N LEU B 725 11.14 -5.85 11.44
CA LEU B 725 11.48 -7.22 11.70
C LEU B 725 10.28 -7.93 11.14
N LYS B 726 10.45 -8.55 9.97
CA LYS B 726 9.39 -9.28 9.31
C LYS B 726 9.19 -10.60 10.03
N GLY B 727 8.02 -11.17 9.75
CA GLY B 727 7.52 -12.43 10.37
C GLY B 727 7.47 -12.46 11.89
N LEU B 728 7.09 -11.35 12.51
CA LEU B 728 7.22 -11.18 13.95
C LEU B 728 6.09 -10.30 14.43
N ASP B 729 5.32 -10.78 15.42
CA ASP B 729 4.29 -9.95 16.08
C ASP B 729 4.13 -10.24 17.55
N VAL B 730 3.43 -9.34 18.21
CA VAL B 730 3.34 -9.41 19.62
C VAL B 730 1.90 -9.07 19.92
N SER B 731 1.40 -9.61 21.04
CA SER B 731 -0.01 -9.48 21.46
C SER B 731 -0.19 -9.64 22.94
N LEU B 732 -1.09 -8.83 23.45
CA LEU B 732 -1.33 -8.70 24.86
C LEU B 732 -2.80 -9.04 25.02
N ASN B 733 -3.09 -10.05 25.86
CA ASN B 733 -4.44 -10.48 26.16
C ASN B 733 -4.85 -10.45 27.63
N ALA B 734 -6.11 -10.08 27.86
CA ALA B 734 -6.73 -10.03 29.21
C ALA B 734 -8.11 -10.62 29.07
N ASN B 735 -8.33 -11.70 29.81
CA ASN B 735 -9.60 -12.38 29.88
C ASN B 735 -10.08 -12.27 31.30
N ASN B 736 -11.40 -12.01 31.42
CA ASN B 736 -12.03 -11.47 32.62
C ASN B 736 -11.26 -10.24 33.05
N LEU B 737 -11.22 -9.27 32.15
CA LEU B 737 -10.48 -7.97 32.26
C LEU B 737 -10.72 -7.23 33.55
N LEU B 738 -12.01 -7.32 33.91
CA LEU B 738 -12.53 -6.80 35.13
C LEU B 738 -12.33 -7.69 36.38
N ASP B 739 -11.38 -8.61 36.36
CA ASP B 739 -11.08 -9.50 37.52
C ASP B 739 -12.35 -9.72 38.39
N LYS B 740 -13.41 -10.30 37.84
CA LYS B 740 -14.57 -10.66 38.64
C LYS B 740 -14.35 -11.90 39.55
N ASP B 741 -14.82 -11.75 40.78
CA ASP B 741 -14.76 -12.78 41.79
C ASP B 741 -16.21 -13.30 41.78
N TYR B 742 -16.45 -14.52 41.35
CA TYR B 742 -17.83 -14.99 41.14
C TYR B 742 -17.96 -16.49 41.16
N VAL B 743 -19.12 -16.99 41.52
CA VAL B 743 -19.30 -18.42 41.39
C VAL B 743 -19.86 -18.65 39.99
N ALA B 744 -19.13 -19.43 39.19
CA ALA B 744 -19.50 -19.77 37.84
C ALA B 744 -20.71 -20.70 37.78
N SER B 745 -20.61 -21.78 38.56
CA SER B 745 -21.75 -22.72 38.70
C SER B 745 -21.66 -23.65 39.91
N CYS B 746 -22.71 -24.46 40.11
CA CYS B 746 -22.63 -25.53 41.10
C CYS B 746 -23.14 -26.85 40.53
N TYR B 747 -22.63 -27.91 41.09
CA TYR B 747 -23.03 -29.24 40.74
C TYR B 747 -24.02 -29.63 41.80
N SER B 748 -23.87 -29.05 42.98
CA SER B 748 -24.71 -29.35 44.14
C SER B 748 -24.44 -28.33 45.20
N LEU B 749 -25.17 -28.37 46.30
CA LEU B 749 -25.06 -27.28 47.24
C LEU B 749 -23.76 -27.31 48.06
N ASP B 750 -23.04 -28.42 47.98
CA ASP B 750 -21.74 -28.51 48.61
C ASP B 750 -20.57 -28.33 47.62
N PHE B 751 -20.91 -28.26 46.34
CA PHE B 751 -19.90 -28.12 45.34
C PHE B 751 -20.17 -27.03 44.36
N CYS B 752 -19.67 -25.87 44.67
CA CYS B 752 -19.74 -24.64 43.83
C CYS B 752 -18.34 -24.23 43.42
N TYR B 753 -18.21 -23.78 42.20
CA TYR B 753 -16.92 -23.48 41.65
C TYR B 753 -16.71 -22.05 41.29
N PHE B 754 -15.50 -21.56 41.51
CA PHE B 754 -15.24 -20.16 41.12
C PHE B 754 -14.91 -20.02 39.66
N GLY B 755 -15.20 -18.87 39.11
CA GLY B 755 -14.63 -18.49 37.82
C GLY B 755 -13.16 -18.07 37.86
N GLU B 756 -12.52 -18.21 36.69
CA GLU B 756 -11.16 -17.76 36.49
C GLU B 756 -11.17 -16.27 36.66
N LYS B 757 -10.32 -15.87 37.60
CA LYS B 757 -9.95 -14.49 37.81
C LYS B 757 -9.20 -13.99 36.59
N ARG B 758 -8.87 -12.71 36.61
CA ARG B 758 -8.26 -12.11 35.45
C ARG B 758 -7.05 -12.89 34.85
N ASN B 759 -7.07 -13.21 33.57
CA ASN B 759 -5.93 -13.88 33.00
C ASN B 759 -5.29 -12.97 32.00
N VAL B 760 -4.23 -12.29 32.43
CA VAL B 760 -3.33 -11.60 31.51
C VAL B 760 -2.13 -12.39 31.02
N THR B 761 -1.93 -12.25 29.72
CA THR B 761 -0.96 -13.00 28.99
C THR B 761 -0.40 -12.01 27.93
N ALA B 762 0.89 -12.14 27.69
CA ALA B 762 1.58 -11.43 26.63
C ALA B 762 2.31 -12.48 25.76
N THR B 763 2.18 -12.39 24.44
CA THR B 763 2.75 -13.37 23.49
C THR B 763 3.66 -12.77 22.42
N VAL B 764 4.72 -13.50 22.05
CA VAL B 764 5.62 -13.09 20.99
C VAL B 764 5.59 -14.15 19.88
N ASN B 765 5.42 -13.76 18.61
CA ASN B 765 5.45 -14.71 17.46
C ASN B 765 6.41 -14.52 16.32
N TYR B 766 6.95 -15.63 15.83
CA TYR B 766 7.88 -15.61 14.75
C TYR B 766 7.35 -16.58 13.72
N GLN B 767 7.08 -16.12 12.48
CA GLN B 767 6.54 -16.94 11.36
C GLN B 767 7.49 -17.19 10.11
N PHE B 768 6.89 -17.82 9.06
CA PHE B 768 7.52 -18.25 7.76
C PHE B 768 6.52 -19.07 6.84
N ASP C 1 -18.11 -24.74 -38.94
CA ASP C 1 -16.63 -25.30 -38.90
C ASP C 1 -15.63 -24.47 -38.11
N SER C 2 -15.56 -23.16 -38.20
CA SER C 2 -14.47 -22.36 -37.61
C SER C 2 -14.76 -20.84 -37.42
N ASP C 3 -13.82 -20.07 -36.87
CA ASP C 3 -13.96 -18.65 -36.87
C ASP C 3 -12.63 -17.96 -37.21
N ILE C 4 -12.66 -16.64 -37.49
CA ILE C 4 -11.57 -15.66 -37.52
C ILE C 4 -10.32 -16.10 -36.84
N LYS C 5 -9.20 -16.09 -37.52
CA LYS C 5 -7.97 -16.49 -36.86
C LYS C 5 -6.97 -15.45 -37.27
N PRO C 6 -6.31 -14.85 -36.30
CA PRO C 6 -5.56 -13.65 -36.72
C PRO C 6 -4.24 -14.10 -37.20
N LEU C 7 -3.68 -13.40 -38.17
CA LEU C 7 -2.43 -13.76 -38.76
C LEU C 7 -1.43 -12.62 -38.75
N ARG C 8 -1.77 -11.47 -39.32
CA ARG C 8 -1.06 -10.21 -39.00
C ARG C 8 -2.10 -9.43 -38.25
N MET C 9 -1.85 -9.07 -37.01
CA MET C 9 -2.57 -7.95 -36.48
C MET C 9 -1.67 -7.20 -35.54
N ASP C 10 -0.70 -6.53 -36.15
CA ASP C 10 0.15 -5.58 -35.44
C ASP C 10 -0.64 -4.41 -34.93
N PRO C 11 -0.23 -3.81 -33.80
CA PRO C 11 -0.98 -2.77 -33.16
C PRO C 11 -0.65 -1.41 -33.74
N PRO C 12 -1.39 -0.38 -33.35
CA PRO C 12 -1.17 0.94 -33.86
C PRO C 12 -0.14 1.77 -33.06
N VAL C 13 0.26 2.88 -33.63
CA VAL C 13 1.37 3.67 -33.13
C VAL C 13 0.80 4.91 -32.44
N TYR C 14 1.22 5.20 -31.22
CA TYR C 14 0.76 6.38 -30.52
C TYR C 14 1.09 7.63 -31.30
N PRO C 15 0.15 8.58 -31.39
CA PRO C 15 0.40 9.82 -32.12
C PRO C 15 1.52 10.62 -31.50
N ARG C 16 2.28 11.34 -32.32
CA ARG C 16 3.39 12.12 -31.81
C ARG C 16 2.96 13.09 -30.75
N MET C 17 2.00 13.95 -31.06
CA MET C 17 1.53 14.92 -30.09
C MET C 17 0.40 14.29 -29.30
N ALA C 18 0.78 13.43 -28.38
CA ALA C 18 -0.11 12.69 -27.55
C ALA C 18 0.81 12.11 -26.53
N GLN C 19 1.97 11.60 -26.96
CA GLN C 19 2.96 11.14 -26.04
C GLN C 19 3.37 12.47 -25.45
N ALA C 20 3.79 13.39 -26.31
CA ALA C 20 4.11 14.73 -25.87
C ALA C 20 2.73 15.21 -25.47
N ARG C 21 2.64 15.76 -24.26
CA ARG C 21 1.40 16.14 -23.52
C ARG C 21 0.72 14.88 -23.28
N GLY C 22 1.30 13.99 -22.48
CA GLY C 22 0.78 12.63 -22.22
C GLY C 22 -0.70 12.65 -22.25
N ILE C 23 -1.34 12.07 -23.29
CA ILE C 23 -2.80 12.22 -23.43
C ILE C 23 -3.69 11.07 -23.04
N GLU C 24 -3.50 9.92 -23.64
CA GLU C 24 -4.31 8.71 -23.29
C GLU C 24 -5.80 8.76 -23.71
N GLY C 25 -6.33 7.58 -23.99
CA GLY C 25 -7.75 7.49 -24.28
C GLY C 25 -8.08 6.20 -24.95
N ARG C 26 -9.08 6.23 -25.82
CA ARG C 26 -9.55 5.02 -26.44
C ARG C 26 -10.28 5.17 -27.74
N VAL C 27 -10.34 4.08 -28.50
CA VAL C 27 -11.16 4.00 -29.68
C VAL C 27 -11.88 2.67 -29.57
N LYS C 28 -13.19 2.71 -29.80
CA LYS C 28 -14.01 1.51 -30.09
C LYS C 28 -14.54 1.58 -31.52
N VAL C 29 -14.46 0.45 -32.17
CA VAL C 29 -14.49 0.38 -33.57
C VAL C 29 -15.20 -0.96 -33.91
N LEU C 30 -16.16 -0.83 -34.81
CA LEU C 30 -16.95 -1.95 -35.29
C LEU C 30 -16.47 -2.15 -36.71
N PHE C 31 -16.34 -3.39 -37.14
CA PHE C 31 -15.77 -3.65 -38.44
C PHE C 31 -16.16 -5.03 -38.95
N THR C 32 -15.72 -5.31 -40.17
CA THR C 32 -16.06 -6.53 -40.84
C THR C 32 -14.80 -7.21 -41.32
N ILE C 33 -14.77 -8.53 -41.14
CA ILE C 33 -13.66 -9.38 -41.53
C ILE C 33 -14.20 -10.23 -42.68
N THR C 34 -14.00 -9.62 -43.85
CA THR C 34 -14.39 -10.13 -45.17
C THR C 34 -13.98 -11.53 -45.42
N SER C 35 -14.72 -12.21 -46.28
CA SER C 35 -14.49 -13.58 -46.66
C SER C 35 -13.09 -13.75 -47.23
N ASP C 36 -12.56 -12.61 -47.63
CA ASP C 36 -11.37 -12.44 -48.40
C ASP C 36 -10.17 -12.22 -47.38
N GLY C 37 -10.41 -12.34 -46.07
CA GLY C 37 -9.38 -12.29 -45.02
C GLY C 37 -9.05 -10.92 -44.45
N ARG C 38 -9.50 -9.87 -45.11
CA ARG C 38 -9.07 -8.53 -44.82
C ARG C 38 -10.16 -7.78 -44.02
N ILE C 39 -9.78 -6.65 -43.41
CA ILE C 39 -10.68 -5.78 -42.64
C ILE C 39 -11.47 -4.88 -43.55
N ASP C 40 -12.71 -4.53 -43.17
CA ASP C 40 -13.55 -3.66 -44.01
C ASP C 40 -14.71 -2.98 -43.26
N ASP C 41 -15.30 -1.95 -43.88
CA ASP C 41 -16.51 -1.28 -43.39
C ASP C 41 -16.30 -0.86 -41.90
N ILE C 42 -15.14 -0.23 -41.60
CA ILE C 42 -14.81 0.27 -40.25
C ILE C 42 -15.63 1.48 -39.83
N GLN C 43 -16.09 1.45 -38.61
CA GLN C 43 -17.11 2.36 -38.11
C GLN C 43 -16.51 2.69 -36.75
N VAL C 44 -16.33 3.93 -36.36
CA VAL C 44 -15.81 4.16 -35.00
C VAL C 44 -16.93 4.53 -34.02
N LEU C 45 -17.13 3.75 -32.97
CA LEU C 45 -18.19 3.95 -31.97
C LEU C 45 -17.84 4.85 -30.76
N GLU C 46 -16.56 4.99 -30.44
CA GLU C 46 -16.11 5.77 -29.29
C GLU C 46 -14.78 6.35 -29.69
N SER C 47 -14.50 7.55 -29.22
CA SER C 47 -13.27 8.23 -29.53
C SER C 47 -12.99 9.26 -28.45
N VAL C 48 -12.15 8.91 -27.50
CA VAL C 48 -11.82 9.84 -26.45
C VAL C 48 -10.34 10.06 -26.47
N PRO C 49 -9.89 11.31 -26.55
CA PRO C 49 -10.52 12.51 -27.10
C PRO C 49 -10.89 12.32 -28.54
N SER C 50 -12.01 12.91 -28.93
CA SER C 50 -12.53 12.80 -30.27
C SER C 50 -11.55 12.89 -31.39
N ARG C 51 -11.72 11.99 -32.33
CA ARG C 51 -10.90 11.86 -33.54
C ARG C 51 -9.43 12.15 -33.37
N MET C 52 -8.83 11.56 -32.35
CA MET C 52 -7.42 11.79 -32.13
C MET C 52 -6.62 10.58 -32.52
N PHE C 53 -7.03 9.44 -31.99
CA PHE C 53 -6.35 8.20 -32.22
C PHE C 53 -6.78 7.46 -33.46
N ASP C 54 -8.01 7.67 -33.88
CA ASP C 54 -8.60 7.06 -35.07
C ASP C 54 -7.68 6.82 -36.23
N ARG C 55 -6.92 7.81 -36.66
CA ARG C 55 -6.23 7.65 -37.94
C ARG C 55 -5.12 6.57 -37.88
N GLU C 56 -4.58 6.28 -36.71
CA GLU C 56 -3.53 5.26 -36.62
C GLU C 56 -4.25 3.96 -36.53
N VAL C 57 -5.30 3.90 -35.71
CA VAL C 57 -6.14 2.68 -35.56
C VAL C 57 -6.62 2.19 -36.92
N ARG C 58 -7.04 3.14 -37.74
CA ARG C 58 -7.40 2.80 -39.10
C ARG C 58 -6.20 2.34 -39.86
N GLN C 59 -5.12 3.08 -39.83
CA GLN C 59 -3.99 2.69 -40.66
C GLN C 59 -3.36 1.37 -40.29
N ALA C 60 -3.55 0.94 -39.05
CA ALA C 60 -2.93 -0.27 -38.52
C ALA C 60 -3.72 -1.40 -38.97
N MET C 61 -5.05 -1.24 -38.73
CA MET C 61 -6.07 -2.20 -39.15
C MET C 61 -6.00 -2.51 -40.63
N ALA C 62 -5.68 -1.51 -41.48
CA ALA C 62 -5.36 -1.71 -42.92
C ALA C 62 -4.60 -2.99 -43.07
N LYS C 63 -3.48 -3.06 -42.38
CA LYS C 63 -2.50 -4.06 -42.64
C LYS C 63 -2.97 -5.45 -42.18
N TRP C 64 -3.82 -5.47 -41.16
CA TRP C 64 -4.32 -6.74 -40.60
C TRP C 64 -4.89 -7.77 -41.60
N ARG C 65 -4.76 -9.05 -41.22
CA ARG C 65 -5.03 -10.20 -42.03
C ARG C 65 -5.50 -11.42 -41.25
N PHE C 66 -6.56 -12.09 -41.68
CA PHE C 66 -7.19 -13.18 -40.94
C PHE C 66 -7.59 -14.36 -41.79
N GLU C 67 -7.60 -15.54 -41.19
CA GLU C 67 -8.26 -16.72 -41.74
C GLU C 67 -9.75 -16.40 -41.52
N PRO C 68 -10.56 -16.34 -42.57
CA PRO C 68 -11.98 -15.93 -42.38
C PRO C 68 -12.90 -17.00 -41.79
N ARG C 69 -14.09 -16.61 -41.39
CA ARG C 69 -14.98 -17.54 -40.72
C ARG C 69 -15.44 -18.63 -41.57
N VAL C 70 -15.51 -19.85 -41.07
CA VAL C 70 -16.12 -20.88 -41.98
C VAL C 70 -17.48 -21.22 -41.41
N SER C 71 -18.56 -21.29 -42.21
CA SER C 71 -19.89 -21.62 -41.63
C SER C 71 -20.54 -22.78 -42.30
N GLY C 72 -20.00 -23.93 -41.98
CA GLY C 72 -20.23 -25.21 -42.65
C GLY C 72 -20.21 -25.14 -44.17
N GLY C 73 -19.12 -24.78 -44.81
CA GLY C 73 -18.93 -25.19 -46.21
C GLY C 73 -18.80 -24.11 -47.22
N LYS C 74 -19.21 -22.90 -46.82
CA LYS C 74 -18.85 -21.68 -47.50
C LYS C 74 -18.17 -20.84 -46.42
N ILE C 75 -17.16 -20.11 -46.88
CA ILE C 75 -16.45 -19.12 -46.08
C ILE C 75 -17.34 -17.92 -45.99
N VAL C 76 -17.39 -17.32 -44.81
CA VAL C 76 -18.28 -16.25 -44.49
C VAL C 76 -17.66 -14.97 -43.84
N ALA C 77 -18.36 -13.84 -43.98
CA ALA C 77 -17.87 -12.62 -43.32
C ALA C 77 -18.15 -12.61 -41.84
N ARG C 78 -17.59 -11.64 -41.14
CA ARG C 78 -17.79 -11.61 -39.74
C ARG C 78 -17.76 -10.21 -39.27
N GLN C 79 -18.71 -9.87 -38.43
CA GLN C 79 -18.78 -8.54 -37.90
C GLN C 79 -18.09 -8.61 -36.58
N ALA C 80 -17.28 -7.64 -36.25
CA ALA C 80 -16.59 -7.71 -34.98
C ALA C 80 -16.54 -6.39 -34.30
N THR C 81 -15.98 -6.37 -33.10
CA THR C 81 -15.88 -5.15 -32.34
C THR C 81 -14.61 -5.24 -31.53
N LYS C 82 -13.90 -4.15 -31.37
CA LYS C 82 -12.64 -4.16 -30.64
C LYS C 82 -12.42 -2.84 -30.00
N MET C 83 -11.73 -2.86 -28.87
CA MET C 83 -11.42 -1.66 -28.14
C MET C 83 -9.91 -1.39 -28.04
N PHE C 84 -9.45 -0.21 -28.49
CA PHE C 84 -8.06 0.25 -28.30
C PHE C 84 -7.95 1.24 -27.15
N PHE C 85 -7.12 0.92 -26.17
CA PHE C 85 -6.77 1.87 -25.16
C PHE C 85 -5.37 2.34 -25.38
N PHE C 86 -5.20 3.65 -25.25
CA PHE C 86 -3.91 4.24 -25.39
C PHE C 86 -3.50 4.66 -24.01
N LYS C 87 -2.23 4.41 -23.68
CA LYS C 87 -1.74 4.67 -22.36
C LYS C 87 -0.29 5.11 -22.36
N ILE C 88 0.12 5.67 -21.22
CA ILE C 88 1.46 6.18 -21.03
C ILE C 88 2.05 5.48 -19.83
N GLU C 89 3.29 4.99 -19.89
CA GLU C 89 3.91 4.22 -18.76
C GLU C 89 4.65 5.11 -17.78
N LYS C 90 4.88 4.62 -16.55
CA LYS C 90 5.85 5.18 -15.54
C LYS C 90 5.74 4.46 -14.17
N ASP D 1 8.49 -17.79 -47.35
CA ASP D 1 7.69 -16.54 -47.12
C ASP D 1 6.75 -16.49 -45.88
N SER D 2 7.02 -17.12 -44.74
CA SER D 2 6.05 -17.06 -43.55
C SER D 2 6.47 -17.71 -42.19
N ASP D 3 5.71 -17.50 -41.09
CA ASP D 3 5.96 -18.36 -39.89
C ASP D 3 4.76 -19.17 -39.35
N ILE D 4 5.04 -19.93 -38.27
CA ILE D 4 4.06 -20.39 -37.31
C ILE D 4 3.00 -19.36 -37.10
N LYS D 5 1.77 -19.82 -36.99
CA LYS D 5 0.67 -18.93 -36.66
C LYS D 5 -0.20 -19.85 -35.89
N PRO D 6 -0.49 -19.51 -34.65
CA PRO D 6 -1.16 -20.57 -33.86
C PRO D 6 -2.66 -20.56 -34.18
N LEU D 7 -3.39 -21.67 -34.09
CA LEU D 7 -4.82 -21.67 -34.35
C LEU D 7 -5.67 -22.17 -33.18
N ARG D 8 -5.13 -23.04 -32.35
CA ARG D 8 -5.77 -23.44 -31.09
C ARG D 8 -4.58 -23.67 -30.19
N MET D 9 -4.47 -22.91 -29.12
CA MET D 9 -3.37 -22.99 -28.23
C MET D 9 -3.92 -22.91 -26.77
N ASP D 10 -4.87 -23.79 -26.50
CA ASP D 10 -5.65 -23.75 -25.29
C ASP D 10 -4.71 -24.25 -24.17
N PRO D 11 -4.70 -23.58 -22.97
CA PRO D 11 -3.70 -23.83 -21.94
C PRO D 11 -3.98 -25.09 -21.13
N PRO D 12 -2.99 -25.50 -20.33
CA PRO D 12 -3.15 -26.75 -19.63
C PRO D 12 -3.95 -26.48 -18.39
N VAL D 13 -4.58 -27.54 -17.87
CA VAL D 13 -5.47 -27.49 -16.68
C VAL D 13 -4.61 -27.60 -15.48
N TYR D 14 -4.86 -26.80 -14.46
CA TYR D 14 -4.08 -26.89 -13.25
C TYR D 14 -4.41 -28.23 -12.70
N PRO D 15 -3.40 -29.04 -12.44
CA PRO D 15 -3.72 -30.35 -11.94
C PRO D 15 -4.27 -30.23 -10.57
N ARG D 16 -5.22 -31.08 -10.23
CA ARG D 16 -5.80 -31.09 -8.90
C ARG D 16 -4.86 -31.80 -7.97
N MET D 17 -5.03 -31.56 -6.67
CA MET D 17 -4.15 -32.11 -5.62
C MET D 17 -2.76 -31.70 -6.02
N ALA D 18 -2.62 -30.40 -6.09
CA ALA D 18 -1.45 -29.66 -6.48
C ALA D 18 -1.88 -28.24 -6.22
N GLN D 19 -3.08 -27.91 -6.67
CA GLN D 19 -3.70 -26.66 -6.37
C GLN D 19 -4.43 -26.82 -5.03
N ALA D 20 -4.68 -28.06 -4.60
CA ALA D 20 -5.34 -28.31 -3.35
C ALA D 20 -4.33 -27.94 -2.31
N ARG D 21 -3.09 -28.35 -2.52
CA ARG D 21 -2.05 -28.03 -1.58
C ARG D 21 -1.44 -26.69 -1.87
N GLY D 22 -1.93 -26.01 -2.89
CA GLY D 22 -1.44 -24.67 -3.17
C GLY D 22 0.00 -24.61 -3.63
N ILE D 23 0.36 -25.49 -4.56
CA ILE D 23 1.71 -25.61 -5.03
C ILE D 23 1.79 -24.90 -6.34
N GLU D 24 2.78 -24.04 -6.49
CA GLU D 24 3.07 -23.41 -7.77
C GLU D 24 4.24 -24.12 -8.43
N GLY D 25 4.49 -23.83 -9.69
CA GLY D 25 5.59 -24.46 -10.39
C GLY D 25 5.86 -23.84 -11.74
N ARG D 26 6.51 -24.63 -12.59
CA ARG D 26 6.93 -24.25 -13.93
C ARG D 26 7.45 -25.44 -14.76
N VAL D 27 7.22 -25.37 -16.06
CA VAL D 27 7.80 -26.30 -17.00
C VAL D 27 8.38 -25.49 -18.13
N LYS D 28 9.58 -25.87 -18.55
CA LYS D 28 10.13 -25.34 -19.78
C LYS D 28 10.21 -26.52 -20.68
N VAL D 29 10.03 -26.30 -21.97
CA VAL D 29 9.71 -27.35 -22.87
C VAL D 29 10.27 -26.98 -24.24
N LEU D 30 10.89 -27.94 -24.91
CA LEU D 30 11.41 -27.77 -26.28
C LEU D 30 10.69 -28.75 -27.19
N PHE D 31 10.18 -28.23 -28.30
CA PHE D 31 9.29 -28.98 -29.12
C PHE D 31 9.33 -28.57 -30.58
N THR D 32 8.59 -29.33 -31.38
CA THR D 32 8.57 -29.18 -32.82
C THR D 32 7.14 -28.95 -33.36
N ILE D 33 7.00 -27.99 -34.26
CA ILE D 33 5.72 -27.73 -34.88
C ILE D 33 5.88 -28.16 -36.31
N THR D 34 5.41 -29.37 -36.60
CA THR D 34 5.62 -30.01 -37.88
C THR D 34 4.87 -29.38 -39.07
N SER D 35 5.23 -29.82 -40.27
CA SER D 35 4.57 -29.60 -41.55
C SER D 35 3.06 -29.82 -41.39
N ASP D 36 2.72 -31.02 -40.95
CA ASP D 36 1.43 -31.36 -40.35
C ASP D 36 0.74 -30.24 -39.59
N GLY D 37 1.48 -29.29 -39.01
CA GLY D 37 0.88 -28.19 -38.21
C GLY D 37 0.56 -28.55 -36.72
N ARG D 38 0.93 -29.75 -36.30
CA ARG D 38 0.69 -30.26 -34.99
C ARG D 38 2.04 -30.27 -34.17
N ILE D 39 1.97 -30.52 -32.86
CA ILE D 39 3.14 -30.59 -31.98
C ILE D 39 3.65 -32.01 -31.88
N ASP D 40 4.97 -32.11 -31.82
CA ASP D 40 5.64 -33.37 -31.76
C ASP D 40 7.01 -33.25 -31.08
N ASP D 41 7.44 -34.35 -30.48
CA ASP D 41 8.76 -34.48 -29.88
C ASP D 41 8.88 -33.48 -28.75
N ILE D 42 8.08 -33.70 -27.71
CA ILE D 42 8.05 -32.75 -26.59
C ILE D 42 9.11 -33.10 -25.59
N GLN D 43 10.11 -32.24 -25.49
CA GLN D 43 11.22 -32.49 -24.58
C GLN D 43 11.11 -31.53 -23.46
N VAL D 44 11.05 -32.03 -22.22
CA VAL D 44 10.79 -31.12 -21.10
C VAL D 44 12.11 -30.76 -20.43
N LEU D 45 12.53 -29.53 -20.61
CA LEU D 45 13.82 -29.06 -20.13
C LEU D 45 13.94 -28.65 -18.64
N GLU D 46 13.09 -27.79 -18.09
CA GLU D 46 13.07 -27.54 -16.64
C GLU D 46 11.74 -28.09 -16.18
N SER D 47 11.68 -28.59 -14.96
CA SER D 47 10.41 -29.05 -14.42
C SER D 47 10.43 -28.92 -12.93
N VAL D 48 9.84 -27.86 -12.41
CA VAL D 48 9.82 -27.62 -10.97
C VAL D 48 8.39 -27.57 -10.49
N PRO D 49 8.09 -28.17 -9.34
CA PRO D 49 8.63 -29.36 -8.70
C PRO D 49 8.58 -30.49 -9.68
N SER D 50 9.68 -31.21 -9.75
CA SER D 50 9.86 -32.31 -10.66
C SER D 50 8.66 -33.21 -10.88
N ARG D 51 8.41 -33.44 -12.15
CA ARG D 51 7.31 -34.26 -12.64
C ARG D 51 5.93 -33.94 -12.15
N MET D 52 5.65 -32.71 -11.78
CA MET D 52 4.31 -32.44 -11.31
C MET D 52 3.36 -32.01 -12.39
N PHE D 53 3.69 -30.92 -13.04
CA PHE D 53 2.86 -30.36 -14.06
C PHE D 53 2.97 -30.98 -15.45
N ASP D 54 4.14 -31.52 -15.77
CA ASP D 54 4.44 -32.14 -17.09
C ASP D 54 3.28 -32.85 -17.78
N ARG D 55 2.52 -33.66 -17.05
CA ARG D 55 1.49 -34.44 -17.70
C ARG D 55 0.43 -33.51 -18.29
N GLU D 56 0.05 -32.51 -17.52
CA GLU D 56 -1.00 -31.60 -17.96
C GLU D 56 -0.55 -30.84 -19.17
N VAL D 57 0.69 -30.39 -19.13
CA VAL D 57 1.32 -29.66 -20.23
C VAL D 57 1.44 -30.46 -21.52
N ARG D 58 1.86 -31.71 -21.41
CA ARG D 58 1.97 -32.53 -22.59
C ARG D 58 0.60 -32.72 -23.17
N GLN D 59 -0.36 -32.93 -22.30
CA GLN D 59 -1.70 -33.23 -22.78
C GLN D 59 -2.33 -32.07 -23.51
N ALA D 60 -2.01 -30.86 -23.06
CA ALA D 60 -2.60 -29.66 -23.62
C ALA D 60 -1.99 -29.40 -24.93
N MET D 61 -0.68 -29.68 -25.04
CA MET D 61 0.06 -29.31 -26.25
C MET D 61 -0.41 -30.26 -27.31
N ALA D 62 -0.76 -31.47 -26.93
CA ALA D 62 -1.10 -32.41 -27.98
C ALA D 62 -2.41 -32.08 -28.67
N LYS D 63 -3.16 -31.09 -28.13
CA LYS D 63 -4.42 -30.57 -28.72
C LYS D 63 -4.28 -29.28 -29.54
N TRP D 64 -3.21 -28.51 -29.26
CA TRP D 64 -2.72 -27.38 -30.08
C TRP D 64 -2.55 -27.70 -31.59
N ARG D 65 -2.74 -26.64 -32.39
CA ARG D 65 -2.91 -26.71 -33.82
C ARG D 65 -2.37 -25.40 -34.39
N PHE D 66 -1.53 -25.48 -35.42
CA PHE D 66 -0.93 -24.29 -36.04
C PHE D 66 -0.90 -24.30 -37.58
N GLU D 67 -0.88 -23.13 -38.17
CA GLU D 67 -0.40 -22.93 -39.54
C GLU D 67 1.11 -23.18 -39.53
N PRO D 68 1.63 -24.15 -40.32
CA PRO D 68 3.02 -24.50 -40.18
C PRO D 68 3.89 -23.46 -40.83
N ARG D 69 5.18 -23.64 -40.67
CA ARG D 69 6.05 -22.60 -41.07
C ARG D 69 6.28 -22.68 -42.53
N VAL D 70 6.27 -21.59 -43.27
CA VAL D 70 6.63 -21.71 -44.67
C VAL D 70 7.93 -21.03 -45.00
N SER D 71 8.76 -21.73 -45.77
CA SER D 71 10.09 -21.27 -46.05
C SER D 71 10.42 -21.53 -47.50
N GLY D 72 10.55 -20.41 -48.23
CA GLY D 72 10.77 -20.47 -49.64
C GLY D 72 9.67 -21.29 -50.24
N GLY D 73 8.44 -20.98 -49.86
CA GLY D 73 7.27 -21.63 -50.39
C GLY D 73 7.07 -23.13 -50.20
N LYS D 74 7.67 -23.74 -49.18
CA LYS D 74 7.35 -25.14 -48.91
C LYS D 74 7.12 -25.28 -47.43
N ILE D 75 6.08 -26.06 -47.07
CA ILE D 75 5.72 -26.22 -45.66
C ILE D 75 6.86 -26.95 -44.97
N VAL D 76 7.27 -26.43 -43.82
CA VAL D 76 8.52 -26.79 -43.19
C VAL D 76 8.32 -26.90 -41.65
N ALA D 77 9.06 -27.81 -41.03
CA ALA D 77 8.86 -28.05 -39.60
C ALA D 77 9.72 -27.10 -38.87
N ARG D 78 9.39 -26.89 -37.60
CA ARG D 78 10.01 -25.81 -36.90
C ARG D 78 10.05 -25.99 -35.40
N GLN D 79 11.21 -25.62 -34.87
CA GLN D 79 11.58 -25.95 -33.51
C GLN D 79 11.32 -24.71 -32.64
N ALA D 80 10.91 -24.97 -31.41
CA ALA D 80 10.34 -23.95 -30.57
C ALA D 80 10.51 -24.30 -29.12
N THR D 81 10.54 -23.25 -28.30
CA THR D 81 10.54 -23.42 -26.89
C THR D 81 9.49 -22.54 -26.23
N LYS D 82 8.93 -23.00 -25.10
CA LYS D 82 7.93 -22.25 -24.32
C LYS D 82 8.09 -22.48 -22.80
N MET D 83 7.81 -21.48 -21.99
CA MET D 83 7.75 -21.70 -20.55
C MET D 83 6.33 -21.67 -20.03
N PHE D 84 5.94 -22.60 -19.17
CA PHE D 84 4.66 -22.47 -18.41
C PHE D 84 4.88 -22.19 -16.94
N PHE D 85 4.05 -21.33 -16.36
CA PHE D 85 4.11 -20.99 -14.95
C PHE D 85 2.77 -21.28 -14.35
N PHE D 86 2.76 -22.05 -13.27
CA PHE D 86 1.51 -22.43 -12.59
C PHE D 86 1.58 -21.64 -11.34
N LYS D 87 0.48 -20.99 -11.02
CA LYS D 87 0.37 -20.10 -9.88
C LYS D 87 -1.00 -20.23 -9.28
N ILE D 88 -1.18 -19.68 -8.09
CA ILE D 88 -2.44 -19.72 -7.39
C ILE D 88 -2.85 -18.29 -7.13
N GLU D 89 -4.12 -17.96 -7.35
CA GLU D 89 -4.55 -16.56 -7.08
C GLU D 89 -4.52 -16.16 -5.60
N LYS D 90 -4.27 -14.87 -5.36
CA LYS D 90 -4.76 -14.22 -4.16
C LYS D 90 -4.33 -14.98 -2.88
FE 0UE E . 17.34 53.03 -4.65
O11 0UE E . 16.13 53.45 -6.13
O12 0UE E . 17.05 51.35 -5.65
O21 0UE E . 19.23 52.89 -4.69
O22 0UE E . 17.51 51.92 -3.08
O31 0UE E . 16.10 53.81 -3.44
O32 0UE E . 18.07 54.80 -4.91
N11 0UE E . 16.46 52.76 -7.04
C11 0UE E . 16.22 51.59 -6.55
C12 0UE E . 15.14 50.65 -6.89
C13 0UE E . 15.62 49.51 -7.75
C14 0UE E . 17.08 49.62 -8.09
O13 0UE E . 17.52 50.58 -8.70
N12 0UE E . 17.86 48.62 -7.71
C15 0UE E . 19.20 48.75 -7.17
C16 0UE E . 19.96 49.86 -7.80
C18 0UE E . 20.62 50.17 -5.40
C17 0UE E . 20.82 50.61 -6.82
C19 0UE E . 20.78 51.29 -4.44
N21 0UE E . 19.51 51.89 -4.08
C21 0UE E . 18.69 51.37 -3.13
C22 0UE E . 19.07 50.28 -2.22
C23 0UE E . 18.06 50.09 -1.11
C24 0UE E . 18.13 51.18 -0.09
O23 0UE E . 19.20 51.57 0.34
N22 0UE E . 16.99 51.70 0.31
C25 0UE E . 16.90 52.95 1.04
C26 0UE E . 17.76 54.00 0.43
C27 0UE E . 16.98 55.18 -0.06
C28 0UE E . 15.86 54.84 -1.02
C29 0UE E . 15.91 55.69 -2.25
N31 0UE E . 16.46 54.99 -3.38
C31 0UE E . 17.22 55.59 -4.34
C32 0UE E . 17.18 57.02 -4.71
C39 0UE E . 17.02 53.20 -8.31
C40 0UE E . 16.03 54.00 -9.10
C41 0UE E . 16.31 55.47 -9.01
C42 0UE E . 16.85 56.04 -10.28
C43 0UE E . 16.98 57.54 -10.26
N44 0UE E . 16.26 58.11 -9.13
FE 0UE F . -15.23 -36.66 40.10
O11 0UE F . -14.23 -38.19 39.37
O12 0UE F . -15.37 -36.56 38.15
O21 0UE F . -17.11 -36.40 40.28
O22 0UE F . -15.12 -34.73 40.06
O31 0UE F . -13.77 -36.24 41.26
O32 0UE F . -15.79 -37.83 41.53
N11 0UE F . -14.50 -38.42 38.22
C11 0UE F . -14.47 -37.26 37.66
C12 0UE F . -13.60 -36.76 36.58
C13 0UE F . -14.05 -37.28 35.23
C14 0UE F . -15.50 -37.04 34.97
O13 0UE F . -16.23 -37.91 34.54
N12 0UE F . -15.96 -35.82 35.24
C15 0UE F . -17.31 -35.43 34.92
C16 0UE F . -18.28 -35.92 35.93
C18 0UE F . -19.03 -35.56 38.27
C17 0UE F . -18.43 -34.94 37.05
C19 0UE F . -18.62 -34.86 39.53
N21 0UE F . -17.28 -35.23 39.94
C21 0UE F . -16.31 -34.27 40.01
C22 0UE F . -16.57 -32.83 39.98
C23 0UE F . -15.37 -32.04 40.44
C24 0UE F . -15.28 -31.93 41.93
O23 0UE F . -16.26 -31.72 42.59
N22 0UE F . -14.09 -32.09 42.47
C25 0UE F . -13.91 -32.51 43.86
C26 0UE F . -15.00 -33.42 44.30
C27 0UE F . -14.71 -34.84 43.91
C28 0UE F . -13.26 -35.20 43.99
C29 0UE F . -12.99 -36.52 43.34
N31 0UE F . -13.97 -36.82 42.32
C31 0UE F . -15.03 -37.66 42.54
C32 0UE F . -15.31 -38.36 43.83
C39 0UE F . -14.79 -39.72 37.66
C40 0UE F . -15.33 -40.67 38.69
C41 0UE F . -14.68 -42.02 38.60
C42 0UE F . -15.13 -42.98 39.67
C43 0UE F . -14.58 -42.66 41.05
N44 0UE F . -15.03 -43.57 42.09
#